data_1OFI
#
_entry.id   1OFI
#
_cell.length_a   190.177
_cell.length_b   190.177
_cell.length_c   114.511
_cell.angle_alpha   90.00
_cell.angle_beta   90.00
_cell.angle_gamma   120.00
#
_symmetry.space_group_name_H-M   'P 6'
#
loop_
_entity.id
_entity.type
_entity.pdbx_description
1 polymer 'ATP-DEPENDENT HSL PROTEASE ATP-BINDING SUBUNIT HSLU'
2 polymer 'ATP-DEPENDENT PROTEASE HSLV'
3 non-polymer "ADENOSINE-5'-DIPHOSPHATE"
4 non-polymer 'MAGNESIUM ION'
5 non-polymer 'PHOSPHATE ION'
6 non-polymer '4-IODO-3-NITROPHENYL ACETYL-LEUCINYL-LEUCINYL-LEUCINYL-VINYLSULFONE'
7 water water
#
loop_
_entity_poly.entity_id
_entity_poly.type
_entity_poly.pdbx_seq_one_letter_code
_entity_poly.pdbx_strand_id
1 'polypeptide(L)'
;MSEMTPREIVSELDQHIIGQADAKRAVAIALRNRWRRMQLQEPLRHEVTPKNILMIGPTGVGKTEIARRLAKLANAPFIK
VEATKFTEVGYVGKEVDSIIRDLTDSAGGAIDAVEQNGIVFIDEIDKICKKGEYSGADVSREGVQRDLLPLVEGSTVSTK
HGMVKTDHILFIASGAFQVARPSDLIPELQGRLPIRVELTALSAADFERILTEPHASLTEQYKALMATEGVNIAFTTDAV
KKIAEAAFRVNEKTENIGARRLHTVMERLMDKISFSASDMNGQTVNIDAAYVADALGEVVENEDLSRFIL
;
A,B,C
2 'polypeptide(L)'
;TTIVSVRRNGQVVVGGDGQVSLGNTVMKGNARKVRRLYNGKVLAGFAGGTADAFTLFELFERKLEMHQGHLLKSAVELAK
DWRTDRALRKLEAMLIVADEKESLIITGIGDVVQPEEDQILAIGSGGNYALSAARALVENTELSAHEIVEKSLRIAGDIC
VFTNTNFTIEELPN
;
G,H,I,L,M,N
#
# COMPACT_ATOMS: atom_id res chain seq x y z
N SER A 2 50.88 89.63 -4.15
CA SER A 2 50.93 90.69 -5.20
C SER A 2 49.74 90.56 -6.13
N GLU A 3 48.89 89.57 -5.85
CA GLU A 3 47.71 89.28 -6.64
C GLU A 3 47.09 88.03 -6.04
N MET A 4 45.84 87.76 -6.37
CA MET A 4 45.15 86.59 -5.84
C MET A 4 45.81 85.27 -6.24
N THR A 5 45.24 84.16 -5.77
CA THR A 5 45.73 82.82 -6.09
C THR A 5 44.70 82.17 -6.99
N PRO A 6 45.08 81.09 -7.68
CA PRO A 6 44.07 80.48 -8.56
C PRO A 6 42.76 80.15 -7.84
N ARG A 7 42.80 80.11 -6.50
CA ARG A 7 41.60 79.82 -5.70
C ARG A 7 40.84 81.14 -5.51
N GLU A 8 41.59 82.17 -5.11
CA GLU A 8 41.05 83.50 -4.87
C GLU A 8 40.47 84.13 -6.11
N ILE A 9 41.14 83.99 -7.25
CA ILE A 9 40.62 84.57 -8.48
C ILE A 9 39.27 83.96 -8.77
N VAL A 10 39.20 82.63 -8.78
CA VAL A 10 37.92 82.01 -9.06
C VAL A 10 36.84 82.67 -8.23
N SER A 11 37.02 82.70 -6.91
CA SER A 11 36.04 83.32 -6.01
C SER A 11 35.66 84.73 -6.43
N GLU A 12 36.59 85.43 -7.08
CA GLU A 12 36.32 86.79 -7.53
C GLU A 12 35.37 86.77 -8.71
N LEU A 13 35.45 85.74 -9.54
CA LEU A 13 34.55 85.63 -10.66
C LEU A 13 33.27 85.03 -10.15
N ASP A 14 33.44 84.09 -9.21
CA ASP A 14 32.33 83.38 -8.59
C ASP A 14 31.23 84.34 -8.21
N GLN A 15 31.57 85.61 -8.04
CA GLN A 15 30.57 86.59 -7.71
C GLN A 15 29.76 86.91 -8.96
N HIS A 16 30.31 87.78 -9.81
CA HIS A 16 29.65 88.18 -11.05
C HIS A 16 29.21 87.08 -12.00
N ILE A 17 29.71 85.86 -11.85
CA ILE A 17 29.32 84.80 -12.78
C ILE A 17 28.81 83.53 -12.11
N ILE A 18 27.68 83.02 -12.58
CA ILE A 18 27.09 81.80 -12.01
C ILE A 18 27.49 80.63 -12.89
N GLY A 19 27.86 79.51 -12.25
CA GLY A 19 28.27 78.30 -12.96
C GLY A 19 29.63 78.39 -13.64
N GLN A 20 29.81 77.62 -14.71
CA GLN A 20 31.04 77.61 -15.51
C GLN A 20 32.35 77.53 -14.70
N ALA A 21 32.49 76.44 -13.93
CA ALA A 21 33.65 76.20 -13.08
C ALA A 21 34.94 76.01 -13.86
N ASP A 22 34.91 75.08 -14.82
CA ASP A 22 36.08 74.82 -15.63
C ASP A 22 36.60 76.12 -16.21
N ALA A 23 35.74 76.86 -16.89
CA ALA A 23 36.15 78.12 -17.48
C ALA A 23 36.71 79.10 -16.44
N LYS A 24 36.02 79.23 -15.33
CA LYS A 24 36.48 80.14 -14.30
C LYS A 24 37.86 79.70 -13.84
N ARG A 25 38.03 78.40 -13.70
CA ARG A 25 39.27 77.80 -13.26
C ARG A 25 40.42 78.02 -14.27
N ALA A 26 40.14 77.66 -15.53
CA ALA A 26 41.10 77.80 -16.61
C ALA A 26 41.81 79.14 -16.55
N VAL A 27 41.03 80.19 -16.70
CA VAL A 27 41.57 81.54 -16.67
C VAL A 27 42.17 81.86 -15.30
N ALA A 28 41.79 81.09 -14.30
CA ALA A 28 42.29 81.35 -12.96
C ALA A 28 43.75 80.99 -12.90
N ILE A 29 44.10 79.87 -13.55
CA ILE A 29 45.49 79.44 -13.60
C ILE A 29 46.23 80.44 -14.47
N ALA A 30 45.84 80.50 -15.73
CA ALA A 30 46.46 81.39 -16.67
C ALA A 30 46.83 82.74 -16.08
N LEU A 31 45.99 83.31 -15.23
CA LEU A 31 46.35 84.62 -14.68
C LEU A 31 47.34 84.57 -13.54
N ARG A 32 47.42 83.44 -12.85
CA ARG A 32 48.37 83.35 -11.75
C ARG A 32 49.77 83.30 -12.36
N ASN A 33 49.92 82.49 -13.41
CA ASN A 33 51.20 82.32 -14.09
C ASN A 33 51.88 83.63 -14.47
N ARG A 34 51.09 84.57 -14.97
CA ARG A 34 51.65 85.85 -15.36
C ARG A 34 52.51 86.30 -14.20
N TRP A 35 52.02 86.02 -12.98
CA TRP A 35 52.69 86.36 -11.74
C TRP A 35 53.82 85.38 -11.39
N ARG A 36 53.59 84.09 -11.68
CA ARG A 36 54.61 83.08 -11.40
C ARG A 36 55.82 83.42 -12.26
N ARG A 37 55.68 83.36 -13.58
CA ARG A 37 56.78 83.76 -14.46
C ARG A 37 56.95 85.21 -14.03
N MET A 38 57.98 85.90 -14.48
CA MET A 38 58.10 87.29 -14.06
C MET A 38 58.69 87.33 -12.66
N GLN A 39 58.48 86.26 -11.92
CA GLN A 39 59.04 86.13 -10.59
C GLN A 39 60.34 85.39 -10.89
N LEU A 40 60.31 84.65 -12.01
CA LEU A 40 61.43 83.85 -12.47
C LEU A 40 62.63 84.69 -12.83
N GLN A 41 63.74 83.99 -13.07
CA GLN A 41 65.02 84.59 -13.39
C GLN A 41 65.29 85.07 -14.83
N GLU A 42 66.52 85.56 -15.00
CA GLU A 42 67.08 86.10 -16.22
C GLU A 42 66.59 85.58 -17.58
N PRO A 43 66.76 84.27 -17.87
CA PRO A 43 66.32 83.72 -19.15
C PRO A 43 64.91 83.15 -19.20
N LEU A 44 64.51 82.49 -18.11
CA LEU A 44 63.19 81.88 -18.02
C LEU A 44 62.00 82.83 -17.96
N ARG A 45 62.23 84.09 -17.61
CA ARG A 45 61.13 85.03 -17.53
C ARG A 45 60.61 85.29 -18.93
N HIS A 46 61.52 85.31 -19.89
CA HIS A 46 61.21 85.54 -21.29
C HIS A 46 60.88 84.26 -22.05
N GLU A 47 61.45 83.13 -21.62
CA GLU A 47 61.23 81.86 -22.31
C GLU A 47 59.84 81.23 -22.20
N VAL A 48 59.22 81.33 -21.03
CA VAL A 48 57.89 80.76 -20.82
C VAL A 48 56.80 81.62 -21.46
N THR A 49 55.91 81.00 -22.23
CA THR A 49 54.87 81.76 -22.88
C THR A 49 53.48 81.42 -22.33
N PRO A 50 52.50 82.30 -22.58
CA PRO A 50 51.17 82.04 -22.08
C PRO A 50 50.63 80.70 -22.60
N LYS A 51 49.68 80.12 -21.87
CA LYS A 51 49.04 78.88 -22.30
C LYS A 51 47.60 79.29 -22.63
N ASN A 52 47.46 79.97 -23.78
CA ASN A 52 46.19 80.49 -24.31
C ASN A 52 45.01 79.52 -24.26
N ILE A 53 43.81 80.09 -24.14
CA ILE A 53 42.63 79.26 -24.02
C ILE A 53 41.62 79.31 -25.17
N LEU A 54 40.90 78.20 -25.28
CA LEU A 54 39.85 77.99 -26.24
C LEU A 54 38.58 77.65 -25.45
N MET A 55 37.65 78.59 -25.39
CA MET A 55 36.40 78.36 -24.68
C MET A 55 35.40 77.85 -25.68
N ILE A 56 34.65 76.85 -25.28
CA ILE A 56 33.65 76.22 -26.12
C ILE A 56 32.35 76.12 -25.35
N GLY A 57 31.36 76.88 -25.79
CA GLY A 57 30.07 76.86 -25.14
C GLY A 57 29.12 77.69 -25.99
N PRO A 58 27.81 77.66 -25.70
CA PRO A 58 26.81 78.40 -26.45
C PRO A 58 26.70 79.89 -26.07
N THR A 59 25.66 80.53 -26.60
CA THR A 59 25.40 81.94 -26.39
C THR A 59 25.02 82.29 -24.96
N GLY A 60 25.43 83.47 -24.54
CA GLY A 60 25.09 83.94 -23.21
C GLY A 60 25.21 82.94 -22.09
N VAL A 61 26.29 82.17 -22.04
CA VAL A 61 26.50 81.26 -20.95
C VAL A 61 27.69 81.79 -20.18
N GLY A 62 28.26 82.90 -20.66
CA GLY A 62 29.36 83.53 -19.97
C GLY A 62 30.79 83.48 -20.50
N LYS A 63 31.01 82.85 -21.67
CA LYS A 63 32.35 82.72 -22.26
C LYS A 63 33.08 84.04 -22.37
N THR A 64 32.35 85.13 -22.36
CA THR A 64 32.99 86.42 -22.47
C THR A 64 33.15 87.15 -21.13
N GLU A 65 32.13 87.06 -20.27
CA GLU A 65 32.14 87.68 -18.94
C GLU A 65 33.41 87.29 -18.21
N ILE A 66 33.65 85.99 -18.15
CA ILE A 66 34.82 85.48 -17.47
C ILE A 66 36.04 86.24 -17.99
N ALA A 67 36.19 86.26 -19.31
CA ALA A 67 37.31 86.94 -19.96
C ALA A 67 37.39 88.41 -19.58
N ARG A 68 36.27 89.09 -19.69
CA ARG A 68 36.16 90.51 -19.41
C ARG A 68 36.37 90.83 -17.93
N ARG A 69 35.93 89.91 -17.07
CA ARG A 69 36.04 90.07 -15.62
C ARG A 69 37.40 89.76 -15.08
N LEU A 70 38.03 88.73 -15.66
CA LEU A 70 39.35 88.35 -15.23
C LEU A 70 40.28 89.53 -15.54
N ALA A 71 40.05 90.14 -16.70
CA ALA A 71 40.83 91.27 -17.14
C ALA A 71 40.66 92.44 -16.19
N LYS A 72 39.43 92.64 -15.71
CA LYS A 72 39.12 93.73 -14.80
C LYS A 72 39.76 93.48 -13.45
N LEU A 73 39.77 92.24 -12.98
CA LEU A 73 40.37 91.96 -11.69
C LEU A 73 41.87 91.87 -11.84
N ALA A 74 42.32 92.00 -13.08
CA ALA A 74 43.74 91.95 -13.41
C ALA A 74 44.27 93.29 -13.92
N ASN A 75 43.38 94.29 -13.95
CA ASN A 75 43.77 95.62 -14.42
C ASN A 75 44.59 95.45 -15.68
N ALA A 76 44.14 94.60 -16.59
CA ALA A 76 44.89 94.35 -17.80
C ALA A 76 44.23 94.78 -19.09
N PRO A 77 45.03 95.33 -20.03
CA PRO A 77 44.57 95.80 -21.34
C PRO A 77 43.73 94.74 -22.07
N PHE A 78 42.40 94.91 -22.01
CA PHE A 78 41.49 93.96 -22.64
C PHE A 78 40.95 94.45 -23.99
N ILE A 79 40.63 93.52 -24.88
CA ILE A 79 40.09 93.84 -26.19
C ILE A 79 39.40 92.59 -26.74
N LYS A 80 38.28 92.79 -27.42
CA LYS A 80 37.55 91.69 -28.02
C LYS A 80 37.46 91.96 -29.49
N VAL A 81 37.47 90.90 -30.29
CA VAL A 81 37.34 91.05 -31.75
C VAL A 81 36.65 89.84 -32.35
N GLU A 82 35.79 90.06 -33.33
CA GLU A 82 35.13 88.92 -33.91
C GLU A 82 36.04 88.31 -34.96
N ALA A 83 36.38 87.04 -34.76
CA ALA A 83 37.25 86.34 -35.70
C ALA A 83 36.90 86.67 -37.17
N THR A 84 35.60 86.77 -37.47
CA THR A 84 35.11 87.06 -38.83
C THR A 84 35.31 88.48 -39.32
N LYS A 85 35.64 89.39 -38.41
CA LYS A 85 35.85 90.77 -38.81
C LYS A 85 36.80 90.83 -39.97
N PHE A 86 37.64 89.81 -40.08
CA PHE A 86 38.64 89.78 -41.14
C PHE A 86 38.37 88.81 -42.27
N THR A 87 37.13 88.32 -42.39
CA THR A 87 36.79 87.40 -43.46
C THR A 87 37.16 87.98 -44.83
N GLU A 88 37.17 89.32 -44.93
CA GLU A 88 37.51 89.98 -46.18
C GLU A 88 37.82 91.45 -45.97
N VAL A 92 51.82 100.00 -40.82
CA VAL A 92 50.44 100.07 -41.29
C VAL A 92 49.88 98.65 -41.57
N GLY A 93 50.78 97.68 -41.69
CA GLY A 93 50.42 96.29 -41.96
C GLY A 93 49.06 96.07 -42.64
N LYS A 94 48.34 95.05 -42.22
CA LYS A 94 47.01 94.76 -42.78
C LYS A 94 45.95 94.90 -41.69
N GLU A 95 44.72 94.54 -42.00
CA GLU A 95 43.63 94.62 -41.04
C GLU A 95 43.66 93.33 -40.22
N VAL A 96 44.47 93.33 -39.16
CA VAL A 96 44.60 92.18 -38.26
C VAL A 96 45.71 92.40 -37.26
N ASP A 97 46.71 93.18 -37.63
CA ASP A 97 47.79 93.51 -36.71
C ASP A 97 47.13 94.58 -35.85
N SER A 98 46.00 95.04 -36.38
CA SER A 98 45.17 96.05 -35.75
C SER A 98 44.72 95.66 -34.35
N ILE A 99 44.49 94.35 -34.14
CA ILE A 99 44.04 93.83 -32.86
C ILE A 99 45.00 94.24 -31.74
N ILE A 100 46.22 94.58 -32.11
CA ILE A 100 47.24 95.00 -31.16
C ILE A 100 47.34 96.52 -31.12
N ARG A 101 47.30 97.13 -32.30
CA ARG A 101 47.39 98.57 -32.43
C ARG A 101 46.21 99.14 -31.66
N ASP A 102 45.05 98.50 -31.83
CA ASP A 102 43.82 98.89 -31.14
C ASP A 102 43.98 98.69 -29.63
N LEU A 103 44.37 97.48 -29.23
CA LEU A 103 44.57 97.14 -27.82
C LEU A 103 45.48 98.19 -27.19
N THR A 104 46.56 98.54 -27.88
CA THR A 104 47.49 99.52 -27.36
C THR A 104 46.81 100.88 -27.24
N ASP A 105 45.84 101.14 -28.11
CA ASP A 105 45.12 102.40 -28.06
C ASP A 105 44.33 102.46 -26.77
N SER A 106 43.46 101.48 -26.56
CA SER A 106 42.65 101.39 -25.36
C SER A 106 43.55 101.30 -24.13
N ALA A 107 44.67 100.61 -24.30
CA ALA A 107 45.64 100.42 -23.25
C ALA A 107 46.24 101.75 -22.82
N GLY A 108 46.01 102.77 -23.63
CA GLY A 108 46.53 104.09 -23.33
C GLY A 108 47.74 104.44 -24.18
N GLY A 109 48.69 103.51 -24.26
CA GLY A 109 49.89 103.73 -25.03
C GLY A 109 51.06 103.23 -24.21
N ALA A 110 50.76 102.65 -23.06
CA ALA A 110 51.77 102.12 -22.17
C ALA A 110 52.09 100.70 -22.61
N ILE A 111 53.13 100.56 -23.42
CA ILE A 111 53.52 99.25 -23.91
C ILE A 111 54.01 98.36 -22.78
N ASP A 112 54.81 98.92 -21.89
CA ASP A 112 55.34 98.16 -20.76
C ASP A 112 54.21 97.38 -20.09
N ALA A 113 52.97 97.72 -20.45
CA ALA A 113 51.80 97.07 -19.88
C ALA A 113 51.11 96.18 -20.91
N VAL A 114 50.88 96.71 -22.11
CA VAL A 114 50.21 95.92 -23.15
C VAL A 114 50.88 94.55 -23.30
N GLU A 115 52.19 94.55 -23.56
CA GLU A 115 52.97 93.33 -23.73
C GLU A 115 53.00 92.43 -22.51
N GLN A 116 53.49 92.99 -21.40
CA GLN A 116 53.62 92.25 -20.16
C GLN A 116 52.39 91.49 -19.73
N ASN A 117 51.21 92.13 -19.77
CA ASN A 117 50.00 91.44 -19.36
C ASN A 117 48.66 91.92 -19.88
N GLY A 118 48.53 91.96 -21.20
CA GLY A 118 47.27 92.34 -21.81
C GLY A 118 46.55 91.05 -22.18
N ILE A 119 45.26 91.12 -22.41
CA ILE A 119 44.49 89.93 -22.74
C ILE A 119 43.69 90.17 -24.04
N VAL A 120 43.54 89.15 -24.87
CA VAL A 120 42.82 89.30 -26.12
C VAL A 120 41.77 88.22 -26.23
N PHE A 121 40.57 88.62 -26.64
CA PHE A 121 39.47 87.68 -26.78
C PHE A 121 39.04 87.66 -28.24
N ILE A 122 39.12 86.49 -28.85
CA ILE A 122 38.77 86.27 -30.25
C ILE A 122 37.45 85.53 -30.29
N ASP A 123 36.36 86.29 -30.37
CA ASP A 123 35.04 85.69 -30.40
C ASP A 123 34.75 84.99 -31.73
N GLU A 124 33.85 84.02 -31.70
CA GLU A 124 33.44 83.31 -32.91
C GLU A 124 34.56 82.69 -33.72
N ILE A 125 35.63 82.23 -33.07
CA ILE A 125 36.72 81.63 -33.85
C ILE A 125 36.29 80.31 -34.52
N ASP A 126 35.30 79.65 -33.92
CA ASP A 126 34.77 78.41 -34.47
C ASP A 126 34.16 78.72 -35.82
N LYS A 127 33.91 80.01 -36.07
CA LYS A 127 33.30 80.53 -37.30
C LYS A 127 34.20 80.78 -38.52
N ILE A 128 35.53 80.66 -38.36
CA ILE A 128 36.44 80.84 -39.50
C ILE A 128 37.16 79.52 -39.79
N CYS A 129 36.36 78.47 -39.99
CA CYS A 129 36.85 77.13 -40.29
C CYS A 129 36.19 76.57 -41.54
N LYS A 130 35.83 75.28 -41.53
CA LYS A 130 35.21 74.64 -42.68
C LYS A 130 33.92 73.92 -42.30
N ASP A 138 35.32 80.26 -48.67
CA ASP A 138 35.94 79.36 -47.70
C ASP A 138 37.46 79.49 -47.73
N VAL A 139 37.97 80.18 -48.75
CA VAL A 139 39.42 80.38 -48.89
C VAL A 139 39.83 81.61 -48.07
N SER A 140 38.84 82.30 -47.54
CA SER A 140 39.06 83.51 -46.74
C SER A 140 39.10 83.22 -45.25
N ARG A 141 38.06 82.54 -44.76
CA ARG A 141 37.97 82.19 -43.35
C ARG A 141 39.21 81.44 -42.88
N GLU A 142 39.73 80.59 -43.75
CA GLU A 142 40.91 79.78 -43.45
C GLU A 142 42.19 80.54 -43.72
N GLY A 143 42.07 81.86 -43.76
CA GLY A 143 43.24 82.68 -43.99
C GLY A 143 43.53 83.40 -42.70
N VAL A 144 42.47 83.87 -42.06
CA VAL A 144 42.64 84.57 -40.81
C VAL A 144 43.30 83.67 -39.75
N GLN A 145 43.11 82.36 -39.84
CA GLN A 145 43.78 81.49 -38.88
C GLN A 145 45.22 81.92 -39.06
N ARG A 146 45.72 81.76 -40.30
CA ARG A 146 47.08 82.13 -40.68
C ARG A 146 47.36 83.57 -40.30
N ASP A 147 46.39 84.44 -40.51
CA ASP A 147 46.62 85.83 -40.16
C ASP A 147 46.85 85.99 -38.65
N LEU A 148 46.19 85.16 -37.85
CA LEU A 148 46.34 85.26 -36.42
C LEU A 148 47.60 84.65 -35.85
N LEU A 149 48.13 83.63 -36.52
CA LEU A 149 49.34 82.96 -36.04
C LEU A 149 50.37 83.96 -35.56
N PRO A 150 50.90 84.79 -36.46
CA PRO A 150 51.89 85.72 -35.92
C PRO A 150 51.41 86.18 -34.54
N LEU A 151 50.23 86.78 -34.52
CA LEU A 151 49.65 87.28 -33.31
C LEU A 151 49.86 86.32 -32.15
N VAL A 152 49.45 85.06 -32.31
CA VAL A 152 49.58 84.06 -31.24
C VAL A 152 50.97 83.49 -31.00
N GLU A 153 51.59 83.00 -32.07
CA GLU A 153 52.92 82.38 -32.06
C GLU A 153 54.09 83.32 -31.74
N GLY A 154 53.83 84.59 -31.46
CA GLY A 154 54.93 85.49 -31.15
C GLY A 154 55.37 86.38 -32.30
N SER A 155 54.90 87.63 -32.28
CA SER A 155 55.20 88.58 -33.35
C SER A 155 55.37 90.01 -32.88
N THR A 156 56.14 90.78 -33.64
CA THR A 156 56.36 92.18 -33.30
C THR A 156 55.47 93.00 -34.21
N VAL A 157 54.75 93.98 -33.68
CA VAL A 157 53.91 94.79 -34.55
C VAL A 157 53.97 96.28 -34.25
N SER A 158 54.01 97.07 -35.33
CA SER A 158 54.12 98.52 -35.26
C SER A 158 52.80 99.22 -34.96
N THR A 159 52.89 100.22 -34.10
CA THR A 159 51.72 100.98 -33.69
C THR A 159 52.20 102.42 -33.45
N LYS A 160 51.28 103.38 -33.51
CA LYS A 160 51.63 104.77 -33.32
C LYS A 160 52.30 105.12 -31.99
N HIS A 161 52.39 104.14 -31.09
CA HIS A 161 53.01 104.36 -29.79
C HIS A 161 54.36 103.70 -29.68
N GLY A 162 54.64 102.81 -30.63
CA GLY A 162 55.91 102.11 -30.62
C GLY A 162 55.74 100.66 -31.02
N MET A 163 56.79 99.87 -30.86
CA MET A 163 56.75 98.45 -31.21
C MET A 163 56.23 97.64 -30.03
N VAL A 164 55.26 96.77 -30.31
CA VAL A 164 54.63 95.94 -29.29
C VAL A 164 54.64 94.49 -29.78
N LYS A 165 55.14 93.58 -28.96
CA LYS A 165 55.20 92.17 -29.36
C LYS A 165 54.20 91.28 -28.62
N THR A 166 53.59 90.38 -29.38
CA THR A 166 52.60 89.47 -28.84
C THR A 166 53.19 88.23 -28.16
N ASP A 167 54.45 88.33 -27.75
CA ASP A 167 55.10 87.18 -27.11
C ASP A 167 54.45 86.75 -25.81
N HIS A 168 54.00 87.71 -25.01
CA HIS A 168 53.37 87.36 -23.74
C HIS A 168 51.92 87.82 -23.60
N ILE A 169 51.24 88.04 -24.70
CA ILE A 169 49.85 88.43 -24.59
C ILE A 169 49.07 87.12 -24.40
N LEU A 170 48.01 87.19 -23.59
CA LEU A 170 47.17 86.02 -23.32
C LEU A 170 46.01 86.00 -24.31
N PHE A 171 45.79 84.87 -24.97
CA PHE A 171 44.72 84.76 -25.94
C PHE A 171 43.61 83.79 -25.54
N ILE A 172 42.40 84.29 -25.42
CA ILE A 172 41.27 83.42 -25.11
C ILE A 172 40.38 83.51 -26.35
N ALA A 173 39.96 82.37 -26.87
CA ALA A 173 39.11 82.34 -28.06
C ALA A 173 37.84 81.51 -27.74
N SER A 174 36.67 81.96 -28.21
CA SER A 174 35.44 81.24 -27.93
C SER A 174 34.88 80.52 -29.13
N GLY A 175 33.75 79.87 -28.93
CA GLY A 175 33.10 79.16 -30.01
C GLY A 175 32.03 78.21 -29.50
N ALA A 176 31.09 77.85 -30.36
CA ALA A 176 30.07 76.91 -29.97
C ALA A 176 30.55 75.63 -30.60
N PHE A 177 31.18 75.76 -31.76
CA PHE A 177 31.70 74.59 -32.45
C PHE A 177 30.64 73.50 -32.54
N GLN A 178 29.41 73.90 -32.84
CA GLN A 178 28.32 72.93 -32.97
C GLN A 178 28.57 72.10 -34.21
N VAL A 179 28.82 72.79 -35.32
CA VAL A 179 29.12 72.14 -36.58
C VAL A 179 30.60 71.76 -36.64
N ALA A 180 31.46 72.71 -36.34
CA ALA A 180 32.89 72.47 -36.37
C ALA A 180 33.43 72.09 -35.00
N ARG A 181 34.48 71.27 -34.98
CA ARG A 181 35.13 70.84 -33.74
C ARG A 181 36.39 71.71 -33.69
N PRO A 182 37.09 71.77 -32.54
CA PRO A 182 38.29 72.61 -32.57
C PRO A 182 39.38 71.92 -33.35
N SER A 183 39.16 70.64 -33.62
CA SER A 183 40.10 69.83 -34.37
C SER A 183 40.15 70.31 -35.82
N ASP A 184 39.25 71.22 -36.19
CA ASP A 184 39.21 71.74 -37.55
C ASP A 184 40.07 72.99 -37.72
N LEU A 185 40.56 73.55 -36.62
CA LEU A 185 41.41 74.71 -36.75
C LEU A 185 42.73 74.24 -37.41
N ILE A 186 43.50 75.18 -37.96
CA ILE A 186 44.75 74.79 -38.58
C ILE A 186 45.68 74.35 -37.44
N PRO A 187 46.41 73.23 -37.63
CA PRO A 187 47.35 72.63 -36.68
C PRO A 187 48.30 73.56 -35.94
N GLU A 188 48.70 74.65 -36.59
CA GLU A 188 49.61 75.59 -35.92
C GLU A 188 48.88 76.27 -34.80
N LEU A 189 47.56 76.33 -34.93
CA LEU A 189 46.71 76.99 -33.95
C LEU A 189 46.25 76.03 -32.88
N GLN A 190 45.82 74.85 -33.31
CA GLN A 190 45.37 73.88 -32.34
C GLN A 190 46.53 73.82 -31.35
N GLY A 191 47.76 73.95 -31.85
CA GLY A 191 48.89 73.89 -30.95
C GLY A 191 49.08 75.09 -30.05
N ARG A 192 48.39 76.19 -30.35
CA ARG A 192 48.53 77.42 -29.57
C ARG A 192 47.28 77.79 -28.77
N LEU A 193 46.39 76.82 -28.66
CA LEU A 193 45.18 76.93 -27.88
C LEU A 193 45.24 75.60 -27.16
N PRO A 194 46.29 75.44 -26.33
CA PRO A 194 46.58 74.25 -25.53
C PRO A 194 45.40 73.87 -24.68
N ILE A 195 45.15 74.75 -23.71
CA ILE A 195 44.07 74.64 -22.74
C ILE A 195 42.69 74.78 -23.42
N ARG A 196 41.83 73.80 -23.28
CA ARG A 196 40.51 73.95 -23.89
C ARG A 196 39.43 73.66 -22.82
N VAL A 197 38.66 74.66 -22.44
CA VAL A 197 37.62 74.44 -21.43
C VAL A 197 36.27 74.34 -22.10
N GLU A 198 35.26 73.93 -21.35
CA GLU A 198 33.92 73.78 -21.90
C GLU A 198 32.83 74.34 -21.00
N LEU A 199 32.39 75.56 -21.28
CA LEU A 199 31.32 76.18 -20.52
C LEU A 199 30.07 75.45 -20.89
N THR A 200 29.12 75.41 -19.97
CA THR A 200 27.88 74.71 -20.25
C THR A 200 26.72 75.65 -20.48
N ALA A 201 25.71 75.16 -21.17
CA ALA A 201 24.51 75.96 -21.43
C ALA A 201 23.89 76.29 -20.08
N LEU A 202 22.98 77.24 -20.07
CA LEU A 202 22.33 77.62 -18.83
C LEU A 202 20.93 77.05 -18.68
N SER A 203 20.56 76.76 -17.44
CA SER A 203 19.27 76.17 -17.08
C SER A 203 18.36 77.11 -16.30
N ALA A 204 17.10 76.71 -16.13
CA ALA A 204 16.12 77.50 -15.37
C ALA A 204 16.68 77.80 -13.99
N ALA A 205 17.12 76.73 -13.32
CA ALA A 205 17.69 76.85 -11.98
C ALA A 205 18.89 77.80 -12.00
N ASP A 206 19.57 77.86 -13.14
CA ASP A 206 20.73 78.75 -13.27
C ASP A 206 20.23 80.20 -13.32
N PHE A 207 19.29 80.46 -14.23
CA PHE A 207 18.76 81.81 -14.41
C PHE A 207 18.42 82.40 -13.04
N GLU A 208 17.54 81.69 -12.32
CA GLU A 208 17.14 82.10 -10.98
C GLU A 208 18.34 82.71 -10.27
N ARG A 209 19.45 81.98 -10.32
CA ARG A 209 20.68 82.37 -9.69
C ARG A 209 21.31 83.64 -10.25
N ILE A 210 21.37 83.73 -11.57
CA ILE A 210 21.94 84.91 -12.23
C ILE A 210 21.03 86.08 -11.90
N LEU A 211 19.74 85.76 -11.82
CA LEU A 211 18.69 86.75 -11.55
C LEU A 211 18.85 87.54 -10.24
N THR A 212 19.51 86.95 -9.24
CA THR A 212 19.70 87.59 -7.93
C THR A 212 21.09 87.57 -7.34
N GLU A 213 21.76 86.43 -7.46
CA GLU A 213 23.08 86.23 -6.88
C GLU A 213 24.25 87.18 -7.19
N PRO A 214 24.59 87.33 -8.46
CA PRO A 214 25.71 88.21 -8.83
C PRO A 214 25.66 89.62 -8.26
N HIS A 215 26.72 90.37 -8.56
CA HIS A 215 26.80 91.77 -8.16
C HIS A 215 26.02 92.53 -9.21
N ALA A 216 25.08 93.34 -8.77
CA ALA A 216 24.27 94.12 -9.70
C ALA A 216 23.51 93.15 -10.60
N SER A 217 22.72 92.27 -10.02
CA SER A 217 21.93 91.32 -10.79
C SER A 217 20.75 92.11 -11.38
N LEU A 218 20.14 91.58 -12.43
CA LEU A 218 19.04 92.28 -13.04
C LEU A 218 18.10 92.89 -12.01
N THR A 219 17.57 92.05 -11.12
CA THR A 219 16.68 92.47 -10.04
C THR A 219 17.38 93.53 -9.23
N GLU A 220 18.63 93.27 -8.84
CA GLU A 220 19.38 94.27 -8.07
C GLU A 220 19.30 95.63 -8.79
N GLN A 221 19.34 95.61 -10.13
CA GLN A 221 19.31 96.83 -10.93
C GLN A 221 17.98 97.50 -11.00
N TYR A 222 16.97 96.81 -11.52
CA TYR A 222 15.66 97.43 -11.58
C TYR A 222 15.28 97.97 -10.20
N LYS A 223 15.57 97.19 -9.16
CA LYS A 223 15.27 97.62 -7.81
C LYS A 223 15.93 98.97 -7.51
N ALA A 224 17.23 99.05 -7.72
CA ALA A 224 17.96 100.29 -7.44
C ALA A 224 17.48 101.46 -8.29
N LEU A 225 17.00 101.17 -9.50
CA LEU A 225 16.53 102.22 -10.39
C LEU A 225 15.23 102.80 -9.91
N MET A 226 14.21 101.95 -9.76
CA MET A 226 12.92 102.42 -9.29
C MET A 226 13.10 103.20 -8.01
N ALA A 227 14.12 102.84 -7.24
CA ALA A 227 14.40 103.51 -5.99
C ALA A 227 14.73 104.98 -6.24
N THR A 228 14.92 105.35 -7.50
CA THR A 228 15.25 106.74 -7.86
C THR A 228 13.99 107.60 -7.92
N GLU A 229 12.92 107.01 -8.43
CA GLU A 229 11.67 107.72 -8.53
C GLU A 229 11.06 107.85 -7.14
N GLY A 230 11.63 107.12 -6.18
CA GLY A 230 11.12 107.15 -4.83
C GLY A 230 10.20 105.95 -4.68
N VAL A 231 10.55 104.88 -5.37
CA VAL A 231 9.75 103.66 -5.32
C VAL A 231 10.56 102.53 -4.70
N ASN A 232 9.86 101.59 -4.09
CA ASN A 232 10.52 100.45 -3.48
C ASN A 232 9.86 99.18 -3.96
N ILE A 233 10.60 98.42 -4.76
CA ILE A 233 10.14 97.16 -5.31
C ILE A 233 10.82 95.99 -4.58
N ALA A 234 10.12 94.87 -4.51
CA ALA A 234 10.66 93.70 -3.84
C ALA A 234 10.33 92.47 -4.63
N PHE A 235 11.37 91.77 -5.09
CA PHE A 235 11.15 90.55 -5.86
C PHE A 235 10.94 89.36 -4.97
N THR A 236 9.93 88.57 -5.28
CA THR A 236 9.63 87.40 -4.49
C THR A 236 10.21 86.13 -5.13
N THR A 237 10.89 85.33 -4.32
CA THR A 237 11.46 84.07 -4.78
C THR A 237 10.54 83.48 -5.86
N ASP A 238 9.31 83.16 -5.46
CA ASP A 238 8.35 82.58 -6.38
C ASP A 238 8.27 83.35 -7.70
N ALA A 239 8.48 84.66 -7.66
CA ALA A 239 8.44 85.46 -8.87
C ALA A 239 9.72 85.16 -9.65
N VAL A 240 10.87 85.37 -9.01
CA VAL A 240 12.16 85.07 -9.63
C VAL A 240 12.06 83.72 -10.32
N LYS A 241 11.63 82.70 -9.58
CA LYS A 241 11.50 81.37 -10.16
C LYS A 241 10.77 81.42 -11.48
N LYS A 242 9.65 82.14 -11.53
CA LYS A 242 8.88 82.25 -12.76
C LYS A 242 9.60 83.02 -13.88
N ILE A 243 10.21 84.15 -13.53
CA ILE A 243 10.91 84.93 -14.52
C ILE A 243 11.85 83.99 -15.23
N ALA A 244 12.60 83.24 -14.43
CA ALA A 244 13.57 82.27 -14.93
C ALA A 244 12.95 81.18 -15.79
N GLU A 245 11.91 80.53 -15.27
CA GLU A 245 11.25 79.49 -16.04
C GLU A 245 10.87 80.10 -17.37
N ALA A 246 10.50 81.36 -17.32
CA ALA A 246 10.07 82.07 -18.52
C ALA A 246 11.17 82.11 -19.54
N ALA A 247 12.28 82.75 -19.19
CA ALA A 247 13.44 82.87 -20.05
C ALA A 247 13.77 81.52 -20.68
N PHE A 248 14.15 80.57 -19.83
CA PHE A 248 14.47 79.24 -20.30
C PHE A 248 13.44 78.77 -21.30
N ARG A 249 12.17 79.01 -21.03
CA ARG A 249 11.16 78.57 -21.96
C ARG A 249 11.47 79.12 -23.35
N VAL A 250 11.07 80.36 -23.62
CA VAL A 250 11.31 80.98 -24.92
C VAL A 250 12.66 80.67 -25.58
N ASN A 251 13.74 80.62 -24.81
CA ASN A 251 15.05 80.28 -25.39
C ASN A 251 14.93 78.92 -26.04
N GLU A 252 14.33 77.98 -25.34
CA GLU A 252 14.12 76.64 -25.87
C GLU A 252 13.16 76.70 -27.05
N LYS A 253 11.92 77.12 -26.78
CA LYS A 253 10.86 77.21 -27.79
C LYS A 253 11.12 78.03 -29.06
N THR A 254 11.95 79.05 -28.97
CA THR A 254 12.22 79.87 -30.15
C THR A 254 13.72 79.92 -30.46
N GLU A 255 14.35 81.09 -30.28
CA GLU A 255 15.77 81.22 -30.55
C GLU A 255 16.57 81.35 -29.25
N ASN A 256 17.32 80.32 -28.91
CA ASN A 256 18.10 80.34 -27.69
C ASN A 256 19.20 81.37 -27.75
N ILE A 257 19.04 82.48 -27.02
CA ILE A 257 20.08 83.50 -27.01
C ILE A 257 20.92 83.50 -25.73
N GLY A 258 20.93 82.38 -25.02
CA GLY A 258 21.70 82.33 -23.81
C GLY A 258 21.01 82.98 -22.62
N ALA A 259 21.74 83.82 -21.88
CA ALA A 259 21.23 84.51 -20.70
C ALA A 259 20.79 85.94 -20.97
N ARG A 260 21.11 86.44 -22.17
CA ARG A 260 20.69 87.80 -22.51
C ARG A 260 19.17 87.81 -22.43
N ARG A 261 18.58 86.63 -22.62
CA ARG A 261 17.14 86.44 -22.58
C ARG A 261 16.51 86.97 -21.30
N LEU A 262 17.29 87.00 -20.24
CA LEU A 262 16.76 87.49 -19.00
C LEU A 262 16.54 88.95 -19.20
N HIS A 263 17.41 89.59 -19.96
CA HIS A 263 17.27 91.02 -20.19
C HIS A 263 15.99 91.36 -20.94
N THR A 264 15.35 90.33 -21.50
CA THR A 264 14.10 90.48 -22.23
C THR A 264 12.96 90.31 -21.23
N VAL A 265 12.73 89.06 -20.85
CA VAL A 265 11.68 88.75 -19.92
C VAL A 265 11.71 89.79 -18.83
N MET A 266 12.89 90.25 -18.47
CA MET A 266 12.97 91.26 -17.43
C MET A 266 12.30 92.55 -17.85
N GLU A 267 12.66 93.09 -19.01
CA GLU A 267 12.07 94.34 -19.50
C GLU A 267 10.61 94.22 -19.97
N ARG A 268 10.22 93.03 -20.43
CA ARG A 268 8.87 92.80 -20.90
C ARG A 268 7.96 92.74 -19.68
N LEU A 269 8.57 92.61 -18.51
CA LEU A 269 7.81 92.52 -17.28
C LEU A 269 7.76 93.87 -16.58
N MET A 270 8.91 94.52 -16.47
CA MET A 270 8.98 95.80 -15.79
C MET A 270 8.49 97.01 -16.58
N ASP A 271 7.95 96.76 -17.77
CA ASP A 271 7.45 97.82 -18.63
C ASP A 271 6.57 98.75 -17.80
N LYS A 272 5.35 98.31 -17.47
CA LYS A 272 4.41 99.08 -16.66
C LYS A 272 5.01 99.90 -15.52
N ILE A 273 5.67 99.25 -14.56
CA ILE A 273 6.23 100.01 -13.45
C ILE A 273 7.25 101.02 -13.92
N SER A 274 8.09 100.60 -14.87
CA SER A 274 9.14 101.47 -15.39
C SER A 274 8.65 102.82 -15.89
N PHE A 275 7.45 102.83 -16.46
CA PHE A 275 6.81 104.03 -17.00
C PHE A 275 6.17 104.89 -15.93
N SER A 276 5.12 104.35 -15.33
CA SER A 276 4.36 105.03 -14.29
C SER A 276 5.06 105.16 -12.93
N ALA A 277 6.25 104.62 -12.79
CA ALA A 277 6.99 104.69 -11.52
C ALA A 277 7.27 106.10 -11.02
N SER A 278 7.24 107.09 -11.91
CA SER A 278 7.51 108.46 -11.52
C SER A 278 6.42 109.02 -10.63
N ASP A 279 5.20 108.63 -10.94
CA ASP A 279 4.01 109.09 -10.23
C ASP A 279 3.59 108.15 -9.11
N MET A 280 4.57 107.51 -8.47
CA MET A 280 4.30 106.59 -7.36
C MET A 280 5.18 106.83 -6.14
N ASN A 281 5.87 107.97 -6.08
CA ASN A 281 6.74 108.22 -4.95
C ASN A 281 6.03 107.91 -3.65
N GLY A 282 6.73 107.18 -2.79
CA GLY A 282 6.21 106.79 -1.49
C GLY A 282 5.77 105.35 -1.42
N GLN A 283 5.15 104.85 -2.48
CA GLN A 283 4.65 103.49 -2.51
C GLN A 283 5.76 102.45 -2.55
N THR A 284 5.36 101.19 -2.42
CA THR A 284 6.30 100.08 -2.51
C THR A 284 5.55 99.12 -3.41
N VAL A 285 6.28 98.35 -4.22
CA VAL A 285 5.63 97.41 -5.12
C VAL A 285 6.13 96.00 -4.89
N ASN A 286 5.21 95.04 -4.90
CA ASN A 286 5.56 93.65 -4.71
C ASN A 286 5.38 92.80 -5.95
N ILE A 287 6.49 92.36 -6.52
CA ILE A 287 6.40 91.54 -7.70
C ILE A 287 6.38 90.06 -7.33
N ASP A 288 5.18 89.49 -7.33
CA ASP A 288 4.97 88.10 -7.02
C ASP A 288 4.65 87.30 -8.28
N ALA A 289 4.19 86.06 -8.12
CA ALA A 289 3.89 85.26 -9.30
C ALA A 289 2.78 85.87 -10.09
N ALA A 290 1.61 85.96 -9.47
CA ALA A 290 0.42 86.51 -10.10
C ALA A 290 0.73 87.75 -10.92
N TYR A 291 1.72 88.53 -10.51
CA TYR A 291 2.12 89.70 -11.26
C TYR A 291 2.85 89.18 -12.51
N VAL A 292 4.05 88.64 -12.30
CA VAL A 292 4.87 88.11 -13.39
C VAL A 292 4.02 87.40 -14.42
N ALA A 293 3.29 86.40 -13.96
CA ALA A 293 2.45 85.61 -14.82
C ALA A 293 1.55 86.45 -15.73
N ASP A 294 1.25 87.67 -15.28
CA ASP A 294 0.36 88.55 -16.04
C ASP A 294 1.06 89.60 -16.92
N ALA A 295 2.39 89.70 -16.83
CA ALA A 295 3.13 90.65 -17.66
C ALA A 295 3.67 89.89 -18.86
N LEU A 296 3.77 88.57 -18.72
CA LEU A 296 4.29 87.75 -19.79
C LEU A 296 3.17 86.90 -20.41
N GLY A 297 2.45 87.48 -21.37
CA GLY A 297 1.37 86.78 -22.05
C GLY A 297 1.26 85.28 -21.86
N GLU A 298 1.90 84.49 -22.73
CA GLU A 298 1.82 83.05 -22.63
C GLU A 298 2.59 82.41 -23.78
N VAL A 299 2.37 82.97 -24.97
CA VAL A 299 2.99 82.55 -26.22
C VAL A 299 2.46 83.53 -27.26
N VAL A 300 3.35 84.07 -28.10
CA VAL A 300 2.94 85.05 -29.10
C VAL A 300 2.99 84.54 -30.55
N GLU A 301 2.20 85.18 -31.41
CA GLU A 301 2.11 84.85 -32.84
C GLU A 301 1.74 83.39 -33.12
N ASN A 302 0.81 83.20 -34.05
CA ASN A 302 0.34 81.88 -34.43
C ASN A 302 1.53 80.94 -34.62
N GLU A 303 2.69 81.52 -34.92
CA GLU A 303 3.92 80.77 -35.12
C GLU A 303 3.69 79.49 -35.91
N ASP A 304 2.82 79.55 -36.92
CA ASP A 304 2.54 78.38 -37.73
C ASP A 304 3.66 78.19 -38.73
N LEU A 305 4.45 77.14 -38.51
CA LEU A 305 5.55 76.84 -39.40
C LEU A 305 5.08 75.79 -40.40
N SER A 306 3.77 75.60 -40.47
CA SER A 306 3.18 74.61 -41.36
C SER A 306 3.04 75.09 -42.81
N ARG A 307 2.86 76.39 -43.00
CA ARG A 307 2.70 76.94 -44.35
C ARG A 307 3.81 76.58 -45.31
N PHE A 308 4.81 75.84 -44.83
CA PHE A 308 5.91 75.44 -45.69
C PHE A 308 5.89 73.92 -45.91
N ILE A 309 5.10 73.23 -45.09
CA ILE A 309 4.98 71.78 -45.15
C ILE A 309 3.81 71.24 -45.96
N LEU A 310 3.99 70.03 -46.45
CA LEU A 310 2.99 69.35 -47.25
C LEU A 310 2.33 68.22 -46.48
N SER B 2 -60.06 -55.87 -4.86
CA SER B 2 -59.44 -54.52 -5.05
C SER B 2 -58.27 -54.32 -4.10
N GLU B 3 -57.69 -53.12 -4.12
CA GLU B 3 -56.56 -52.82 -3.25
C GLU B 3 -56.98 -51.95 -2.07
N MET B 4 -56.10 -51.84 -1.09
CA MET B 4 -56.40 -51.09 0.12
C MET B 4 -56.64 -49.60 -0.10
N THR B 5 -57.32 -49.00 0.86
CA THR B 5 -57.65 -47.58 0.88
C THR B 5 -56.64 -46.91 1.84
N PRO B 6 -56.30 -45.64 1.62
CA PRO B 6 -55.32 -45.05 2.55
C PRO B 6 -55.40 -45.51 3.99
N ARG B 7 -56.53 -45.28 4.65
CA ARG B 7 -56.66 -45.66 6.06
C ARG B 7 -56.28 -47.10 6.35
N GLU B 8 -56.65 -48.00 5.44
CA GLU B 8 -56.34 -49.40 5.60
C GLU B 8 -54.82 -49.62 5.49
N ILE B 9 -54.21 -48.98 4.50
CA ILE B 9 -52.77 -49.07 4.29
C ILE B 9 -52.11 -48.79 5.64
N VAL B 10 -52.27 -47.57 6.13
CA VAL B 10 -51.67 -47.21 7.41
C VAL B 10 -51.98 -48.23 8.49
N SER B 11 -53.16 -48.84 8.42
CA SER B 11 -53.54 -49.81 9.43
C SER B 11 -52.69 -51.06 9.31
N GLU B 12 -52.40 -51.49 8.08
CA GLU B 12 -51.58 -52.68 7.86
C GLU B 12 -50.15 -52.34 8.30
N LEU B 13 -49.84 -51.06 8.30
CA LEU B 13 -48.52 -50.62 8.68
C LEU B 13 -48.38 -50.38 10.17
N ASP B 14 -49.50 -50.23 10.86
CA ASP B 14 -49.43 -49.99 12.29
C ASP B 14 -49.05 -51.32 12.93
N GLN B 15 -49.27 -52.38 12.18
CA GLN B 15 -48.94 -53.72 12.63
C GLN B 15 -47.46 -53.97 12.45
N HIS B 16 -46.65 -52.91 12.39
CA HIS B 16 -45.23 -53.09 12.19
C HIS B 16 -44.39 -51.90 12.49
N ILE B 17 -45.01 -50.75 12.69
CA ILE B 17 -44.19 -49.61 13.02
C ILE B 17 -44.90 -48.94 14.18
N ILE B 18 -44.13 -48.32 15.04
CA ILE B 18 -44.72 -47.61 16.16
C ILE B 18 -44.46 -46.16 15.86
N GLY B 19 -45.52 -45.37 15.75
CA GLY B 19 -45.34 -43.96 15.46
C GLY B 19 -45.21 -43.67 13.99
N GLN B 20 -44.45 -42.61 13.69
CA GLN B 20 -44.18 -42.12 12.32
C GLN B 20 -45.45 -41.92 11.45
N ALA B 21 -46.42 -41.22 12.03
CA ALA B 21 -47.73 -40.93 11.41
C ALA B 21 -47.66 -40.23 10.06
N ASP B 22 -47.04 -39.06 10.04
CA ASP B 22 -46.89 -38.31 8.81
C ASP B 22 -46.35 -39.23 7.69
N ALA B 23 -45.20 -39.85 7.93
CA ALA B 23 -44.58 -40.75 6.96
C ALA B 23 -45.54 -41.84 6.56
N LYS B 24 -46.08 -42.54 7.54
CA LYS B 24 -47.03 -43.61 7.28
C LYS B 24 -48.15 -43.13 6.36
N ARG B 25 -48.69 -41.95 6.68
CA ARG B 25 -49.78 -41.36 5.90
C ARG B 25 -49.35 -40.99 4.48
N ALA B 26 -48.13 -40.47 4.33
CA ALA B 26 -47.63 -40.11 3.01
C ALA B 26 -47.68 -41.38 2.14
N VAL B 27 -46.68 -42.22 2.27
CA VAL B 27 -46.62 -43.44 1.51
C VAL B 27 -47.95 -44.16 1.21
N ALA B 28 -48.98 -43.94 2.04
CA ALA B 28 -50.25 -44.62 1.80
C ALA B 28 -50.91 -43.90 0.63
N ILE B 29 -50.88 -42.58 0.69
CA ILE B 29 -51.40 -41.74 -0.38
C ILE B 29 -50.68 -42.22 -1.65
N ALA B 30 -49.38 -42.02 -1.68
CA ALA B 30 -48.58 -42.44 -2.81
C ALA B 30 -49.01 -43.80 -3.35
N LEU B 31 -49.20 -44.78 -2.48
CA LEU B 31 -49.59 -46.12 -2.95
C LEU B 31 -51.06 -46.21 -3.34
N ARG B 32 -51.87 -45.26 -2.88
CA ARG B 32 -53.29 -45.26 -3.22
C ARG B 32 -53.46 -44.63 -4.59
N ASN B 33 -52.71 -43.56 -4.86
CA ASN B 33 -52.76 -42.88 -6.15
C ASN B 33 -52.44 -43.84 -7.28
N ARG B 34 -51.75 -44.94 -6.95
CA ARG B 34 -51.43 -45.94 -7.94
C ARG B 34 -52.79 -46.49 -8.34
N TRP B 35 -53.56 -46.95 -7.35
CA TRP B 35 -54.91 -47.49 -7.61
C TRP B 35 -55.79 -46.41 -8.23
N ARG B 36 -55.47 -45.15 -7.98
CA ARG B 36 -56.26 -44.07 -8.54
C ARG B 36 -56.15 -43.89 -10.05
N ARG B 37 -54.94 -43.69 -10.59
CA ARG B 37 -54.80 -43.50 -12.03
C ARG B 37 -55.14 -44.74 -12.84
N MET B 38 -54.87 -45.92 -12.31
CA MET B 38 -55.20 -47.15 -13.04
C MET B 38 -56.68 -47.20 -13.42
N GLN B 39 -57.48 -46.33 -12.83
CA GLN B 39 -58.91 -46.30 -13.12
C GLN B 39 -59.16 -45.28 -14.22
N LEU B 40 -58.43 -44.16 -14.17
CA LEU B 40 -58.54 -43.09 -15.15
C LEU B 40 -58.58 -43.60 -16.60
N GLN B 41 -59.10 -42.77 -17.51
CA GLN B 41 -59.18 -43.12 -18.92
C GLN B 41 -57.90 -42.90 -19.71
N GLU B 42 -57.70 -43.76 -20.72
CA GLU B 42 -56.53 -43.75 -21.59
C GLU B 42 -55.54 -42.56 -21.50
N PRO B 43 -55.96 -41.36 -21.93
CA PRO B 43 -55.09 -40.17 -21.89
C PRO B 43 -54.45 -39.86 -20.53
N LEU B 44 -55.28 -39.39 -19.59
CA LEU B 44 -54.85 -39.06 -18.25
C LEU B 44 -54.05 -40.17 -17.60
N ARG B 45 -54.51 -41.40 -17.77
CA ARG B 45 -53.80 -42.51 -17.15
C ARG B 45 -52.29 -42.33 -17.25
N HIS B 46 -51.81 -41.88 -18.41
CA HIS B 46 -50.39 -41.70 -18.57
C HIS B 46 -49.87 -40.38 -18.00
N GLU B 47 -50.57 -39.29 -18.26
CA GLU B 47 -50.13 -37.98 -17.78
C GLU B 47 -49.84 -37.82 -16.27
N VAL B 48 -50.56 -38.52 -15.42
CA VAL B 48 -50.30 -38.38 -13.99
C VAL B 48 -49.16 -39.26 -13.52
N THR B 49 -48.12 -38.61 -13.00
CA THR B 49 -46.94 -39.34 -12.53
C THR B 49 -46.90 -39.45 -11.01
N PRO B 50 -46.10 -40.39 -10.49
CA PRO B 50 -45.97 -40.59 -9.07
C PRO B 50 -45.46 -39.31 -8.42
N LYS B 51 -45.84 -39.12 -7.17
CA LYS B 51 -45.42 -37.96 -6.41
C LYS B 51 -44.40 -38.49 -5.40
N ASN B 52 -43.19 -38.67 -5.87
CA ASN B 52 -42.09 -39.17 -5.08
C ASN B 52 -41.89 -38.54 -3.69
N ILE B 53 -41.57 -39.40 -2.72
CA ILE B 53 -41.38 -38.99 -1.34
C ILE B 53 -39.96 -38.79 -0.84
N LEU B 54 -39.72 -37.71 -0.13
CA LEU B 54 -38.41 -37.49 0.45
C LEU B 54 -38.53 -37.58 1.98
N MET B 55 -38.07 -38.69 2.56
CA MET B 55 -38.15 -38.87 4.00
C MET B 55 -36.92 -38.42 4.79
N ILE B 56 -37.08 -37.40 5.61
CA ILE B 56 -36.02 -36.90 6.47
C ILE B 56 -36.24 -37.47 7.87
N GLY B 57 -35.28 -38.24 8.37
CA GLY B 57 -35.43 -38.82 9.70
C GLY B 57 -34.08 -39.24 10.22
N PRO B 58 -33.93 -39.44 11.54
CA PRO B 58 -32.69 -39.85 12.18
C PRO B 58 -32.36 -41.32 12.00
N THR B 59 -31.16 -41.73 12.45
CA THR B 59 -30.78 -43.13 12.29
C THR B 59 -31.73 -44.14 12.88
N GLY B 60 -32.08 -45.08 12.03
CA GLY B 60 -32.96 -46.19 12.37
C GLY B 60 -34.22 -45.97 13.14
N VAL B 61 -35.23 -45.35 12.53
CA VAL B 61 -36.51 -45.15 13.21
C VAL B 61 -37.72 -45.43 12.34
N GLY B 62 -37.55 -46.19 11.27
CA GLY B 62 -38.69 -46.56 10.45
C GLY B 62 -38.68 -46.29 8.95
N LYS B 63 -37.92 -45.27 8.53
CA LYS B 63 -37.89 -44.93 7.11
C LYS B 63 -37.82 -46.16 6.22
N THR B 64 -36.86 -47.02 6.44
CA THR B 64 -36.79 -48.14 5.54
C THR B 64 -37.88 -49.16 5.80
N GLU B 65 -38.19 -49.45 7.06
CA GLU B 65 -39.23 -50.44 7.30
C GLU B 65 -40.56 -50.03 6.69
N ILE B 66 -40.87 -48.74 6.74
CA ILE B 66 -42.11 -48.24 6.17
C ILE B 66 -42.24 -48.57 4.68
N ALA B 67 -41.23 -48.18 3.91
CA ALA B 67 -41.16 -48.39 2.47
C ALA B 67 -41.13 -49.86 2.08
N ARG B 68 -40.34 -50.63 2.83
CA ARG B 68 -40.18 -52.05 2.61
C ARG B 68 -41.50 -52.76 2.93
N ARG B 69 -42.18 -52.29 3.98
CA ARG B 69 -43.47 -52.84 4.39
C ARG B 69 -44.54 -52.41 3.40
N LEU B 70 -44.46 -51.15 2.99
CA LEU B 70 -45.41 -50.61 2.05
C LEU B 70 -45.35 -51.49 0.79
N ALA B 71 -44.13 -51.82 0.36
CA ALA B 71 -43.94 -52.66 -0.82
C ALA B 71 -44.42 -54.08 -0.63
N LYS B 72 -44.28 -54.61 0.59
CA LYS B 72 -44.69 -55.97 0.90
C LYS B 72 -46.20 -56.19 0.73
N LEU B 73 -47.02 -55.25 1.21
CA LEU B 73 -48.48 -55.39 1.10
C LEU B 73 -49.02 -55.03 -0.27
N ALA B 74 -48.24 -54.23 -1.00
CA ALA B 74 -48.66 -53.83 -2.33
C ALA B 74 -48.24 -54.87 -3.36
N ASN B 75 -47.35 -55.77 -2.96
CA ASN B 75 -46.83 -56.81 -3.84
C ASN B 75 -46.17 -56.12 -5.02
N ALA B 76 -45.25 -55.23 -4.72
CA ALA B 76 -44.56 -54.48 -5.76
C ALA B 76 -43.05 -54.67 -5.70
N PRO B 77 -42.38 -54.63 -6.87
CA PRO B 77 -40.93 -54.78 -6.93
C PRO B 77 -40.31 -53.65 -6.12
N PHE B 78 -39.67 -54.00 -5.01
CA PHE B 78 -39.02 -53.02 -4.16
C PHE B 78 -37.51 -53.26 -4.29
N ILE B 79 -36.74 -52.17 -4.25
CA ILE B 79 -35.31 -52.23 -4.34
C ILE B 79 -34.75 -51.05 -3.51
N LYS B 80 -33.75 -51.30 -2.69
CA LYS B 80 -33.18 -50.24 -1.88
C LYS B 80 -31.76 -50.02 -2.38
N VAL B 81 -31.29 -48.78 -2.35
CA VAL B 81 -29.95 -48.51 -2.81
C VAL B 81 -29.29 -47.37 -2.05
N GLU B 82 -27.97 -47.48 -1.87
CA GLU B 82 -27.22 -46.45 -1.17
C GLU B 82 -26.85 -45.35 -2.17
N ALA B 83 -27.33 -44.16 -1.91
CA ALA B 83 -27.04 -43.02 -2.76
C ALA B 83 -25.54 -42.95 -3.01
N THR B 84 -24.76 -43.21 -1.95
CA THR B 84 -23.30 -43.17 -1.99
C THR B 84 -22.67 -44.20 -2.91
N LYS B 85 -23.38 -45.31 -3.11
CA LYS B 85 -22.94 -46.42 -3.96
C LYS B 85 -22.44 -46.02 -5.34
N PHE B 86 -22.15 -44.72 -5.53
CA PHE B 86 -21.64 -44.22 -6.82
C PHE B 86 -20.65 -43.05 -6.64
N THR B 87 -19.41 -43.27 -7.11
CA THR B 87 -18.34 -42.28 -7.07
C THR B 87 -17.01 -42.95 -7.43
N GLU B 95 -22.86 -47.86 -12.11
CA GLU B 95 -23.66 -46.74 -12.63
C GLU B 95 -25.14 -46.82 -12.20
N VAL B 96 -25.79 -45.66 -12.11
CA VAL B 96 -27.19 -45.59 -11.68
C VAL B 96 -28.26 -46.34 -12.50
N ASP B 97 -28.06 -46.51 -13.79
CA ASP B 97 -29.05 -47.23 -14.59
C ASP B 97 -29.28 -48.65 -14.04
N SER B 98 -28.34 -49.13 -13.22
CA SER B 98 -28.42 -50.48 -12.64
C SER B 98 -29.64 -50.64 -11.73
N ILE B 99 -29.84 -49.66 -10.86
CA ILE B 99 -30.95 -49.63 -9.92
C ILE B 99 -32.19 -50.25 -10.55
N ILE B 100 -32.45 -49.88 -11.80
CA ILE B 100 -33.62 -50.42 -12.50
C ILE B 100 -33.31 -51.83 -13.00
N ARG B 101 -32.12 -51.99 -13.59
CA ARG B 101 -31.74 -53.30 -14.09
C ARG B 101 -31.92 -54.26 -12.92
N ASP B 102 -31.29 -53.92 -11.79
CA ASP B 102 -31.36 -54.69 -10.54
C ASP B 102 -32.82 -55.02 -10.21
N LEU B 103 -33.62 -53.96 -10.05
CA LEU B 103 -35.04 -54.05 -9.73
C LEU B 103 -35.84 -54.94 -10.68
N THR B 104 -35.48 -54.93 -11.95
CA THR B 104 -36.20 -55.74 -12.93
C THR B 104 -35.90 -57.23 -12.76
N ASP B 105 -34.86 -57.52 -11.99
CA ASP B 105 -34.44 -58.89 -11.71
C ASP B 105 -35.24 -59.39 -10.51
N SER B 106 -35.35 -58.55 -9.49
CA SER B 106 -36.11 -58.89 -8.29
C SER B 106 -37.60 -58.84 -8.61
N ALA B 107 -37.93 -59.14 -9.86
CA ALA B 107 -39.31 -59.14 -10.32
C ALA B 107 -39.56 -60.23 -11.35
N GLY B 108 -38.70 -61.24 -11.34
CA GLY B 108 -38.85 -62.32 -12.30
C GLY B 108 -38.90 -61.75 -13.70
N GLY B 109 -38.42 -60.52 -13.84
CA GLY B 109 -38.41 -59.90 -15.14
C GLY B 109 -39.75 -59.37 -15.60
N ALA B 110 -40.82 -59.71 -14.89
CA ALA B 110 -42.15 -59.22 -15.26
C ALA B 110 -42.02 -57.71 -15.37
N ILE B 111 -42.05 -57.20 -16.60
CA ILE B 111 -41.88 -55.77 -16.77
C ILE B 111 -43.07 -54.89 -16.45
N ASP B 112 -44.25 -55.20 -16.99
CA ASP B 112 -45.41 -54.36 -16.69
C ASP B 112 -45.33 -53.99 -15.21
N ALA B 113 -45.19 -55.02 -14.38
CA ALA B 113 -45.10 -54.86 -12.94
C ALA B 113 -44.09 -53.81 -12.46
N VAL B 114 -42.86 -53.90 -12.96
CA VAL B 114 -41.83 -52.95 -12.56
C VAL B 114 -42.21 -51.52 -12.95
N GLU B 115 -42.77 -51.38 -14.15
CA GLU B 115 -43.17 -50.07 -14.68
C GLU B 115 -44.37 -49.53 -13.94
N GLN B 116 -45.38 -50.37 -13.80
CA GLN B 116 -46.59 -49.95 -13.11
C GLN B 116 -46.51 -49.99 -11.57
N ASN B 117 -45.75 -50.92 -11.01
CA ASN B 117 -45.70 -51.06 -9.55
C ASN B 117 -44.43 -50.90 -8.73
N GLY B 118 -43.27 -51.16 -9.31
CA GLY B 118 -42.05 -51.04 -8.53
C GLY B 118 -41.84 -49.83 -7.63
N ILE B 119 -41.28 -50.06 -6.46
CA ILE B 119 -40.98 -48.98 -5.51
C ILE B 119 -39.45 -49.00 -5.44
N VAL B 120 -38.82 -47.84 -5.39
CA VAL B 120 -37.37 -47.79 -5.28
C VAL B 120 -36.99 -46.92 -4.09
N PHE B 121 -36.28 -47.52 -3.15
CA PHE B 121 -35.85 -46.76 -1.97
C PHE B 121 -34.37 -46.39 -2.15
N ILE B 122 -34.11 -45.09 -2.11
CA ILE B 122 -32.77 -44.52 -2.26
C ILE B 122 -32.39 -44.00 -0.89
N ASP B 123 -31.53 -44.75 -0.20
CA ASP B 123 -31.11 -44.39 1.15
C ASP B 123 -30.06 -43.29 1.22
N GLU B 124 -30.11 -42.54 2.32
CA GLU B 124 -29.18 -41.45 2.60
C GLU B 124 -28.83 -40.58 1.41
N ILE B 125 -29.84 -39.94 0.83
CA ILE B 125 -29.63 -39.07 -0.30
C ILE B 125 -28.94 -37.77 0.09
N ASP B 126 -28.94 -37.47 1.39
CA ASP B 126 -28.30 -36.26 1.88
C ASP B 126 -26.78 -36.37 1.82
N LYS B 127 -26.28 -37.60 1.75
CA LYS B 127 -24.84 -37.82 1.68
C LYS B 127 -24.22 -37.41 0.34
N ILE B 128 -25.03 -36.90 -0.58
CA ILE B 128 -24.49 -36.46 -1.87
C ILE B 128 -24.77 -35.00 -2.18
N CYS B 129 -24.66 -34.17 -1.15
CA CYS B 129 -24.89 -32.73 -1.31
C CYS B 129 -23.61 -32.01 -0.89
N LYS B 130 -23.63 -30.69 -0.93
CA LYS B 130 -22.46 -29.90 -0.53
C LYS B 130 -22.59 -29.31 0.87
N LYS B 131 -21.72 -28.35 1.18
CA LYS B 131 -21.68 -27.64 2.46
C LYS B 131 -20.92 -28.45 3.51
N VAL B 139 -19.43 -30.77 -6.60
CA VAL B 139 -19.81 -31.45 -7.82
C VAL B 139 -19.20 -32.84 -7.87
N SER B 140 -18.59 -33.25 -6.75
CA SER B 140 -17.96 -34.57 -6.64
C SER B 140 -18.98 -35.65 -6.24
N ARG B 141 -20.04 -35.22 -5.55
CA ARG B 141 -21.10 -36.10 -5.09
C ARG B 141 -22.37 -35.75 -5.86
N GLU B 142 -22.50 -34.45 -6.15
CA GLU B 142 -23.62 -33.88 -6.88
C GLU B 142 -23.75 -34.52 -8.25
N GLY B 143 -22.61 -34.97 -8.80
CA GLY B 143 -22.64 -35.61 -10.10
C GLY B 143 -23.54 -36.83 -10.08
N VAL B 144 -24.11 -37.14 -8.92
CA VAL B 144 -24.98 -38.30 -8.78
C VAL B 144 -26.42 -37.84 -8.71
N GLN B 145 -26.63 -36.62 -8.21
CA GLN B 145 -27.98 -36.11 -8.12
C GLN B 145 -28.48 -36.06 -9.56
N ARG B 146 -27.63 -35.56 -10.45
CA ARG B 146 -28.01 -35.47 -11.85
C ARG B 146 -28.14 -36.83 -12.51
N ASP B 147 -27.20 -37.73 -12.27
CA ASP B 147 -27.32 -39.03 -12.91
C ASP B 147 -28.62 -39.73 -12.48
N LEU B 148 -29.19 -39.29 -11.35
CA LEU B 148 -30.43 -39.87 -10.85
C LEU B 148 -31.61 -39.49 -11.70
N LEU B 149 -31.77 -38.19 -11.92
CA LEU B 149 -32.86 -37.61 -12.72
C LEU B 149 -33.52 -38.53 -13.76
N PRO B 150 -32.79 -38.90 -14.81
CA PRO B 150 -33.40 -39.78 -15.81
C PRO B 150 -34.30 -40.86 -15.20
N LEU B 151 -34.05 -41.22 -13.95
CA LEU B 151 -34.88 -42.24 -13.31
C LEU B 151 -36.21 -41.66 -12.87
N VAL B 152 -36.16 -40.60 -12.09
CA VAL B 152 -37.37 -39.96 -11.62
C VAL B 152 -38.12 -39.25 -12.74
N GLU B 153 -37.47 -38.27 -13.36
CA GLU B 153 -38.03 -37.49 -14.45
C GLU B 153 -38.58 -38.39 -15.54
N GLY B 154 -38.05 -39.60 -15.66
CA GLY B 154 -38.58 -40.49 -16.68
C GLY B 154 -37.71 -40.73 -17.92
N SER B 155 -37.45 -42.00 -18.17
CA SER B 155 -36.66 -42.41 -19.30
C SER B 155 -36.85 -43.90 -19.47
N THR B 156 -35.96 -44.53 -20.22
CA THR B 156 -36.08 -45.95 -20.46
C THR B 156 -34.74 -46.64 -20.36
N VAL B 157 -34.48 -47.40 -19.28
CA VAL B 157 -33.21 -48.12 -19.20
C VAL B 157 -33.40 -49.49 -19.85
N SER B 158 -32.29 -50.08 -20.30
CA SER B 158 -32.32 -51.39 -20.94
C SER B 158 -31.82 -52.51 -20.02
N THR B 159 -32.37 -53.70 -20.20
CA THR B 159 -32.02 -54.86 -19.39
C THR B 159 -32.22 -56.13 -20.19
N LYS B 160 -31.59 -57.22 -19.77
CA LYS B 160 -31.72 -58.48 -20.48
C LYS B 160 -33.17 -58.94 -20.59
N HIS B 161 -34.10 -58.18 -20.04
CA HIS B 161 -35.51 -58.53 -20.09
C HIS B 161 -36.29 -57.68 -21.07
N GLY B 162 -35.73 -56.54 -21.42
CA GLY B 162 -36.38 -55.65 -22.36
C GLY B 162 -36.17 -54.21 -21.98
N MET B 163 -37.04 -53.33 -22.46
CA MET B 163 -36.93 -51.93 -22.11
C MET B 163 -37.97 -51.70 -21.04
N VAL B 164 -37.71 -50.74 -20.15
CA VAL B 164 -38.65 -50.42 -19.08
C VAL B 164 -38.65 -48.90 -18.86
N LYS B 165 -39.81 -48.36 -18.49
CA LYS B 165 -39.94 -46.93 -18.28
C LYS B 165 -40.12 -46.56 -16.81
N THR B 166 -39.19 -45.76 -16.31
CA THR B 166 -39.22 -45.31 -14.93
C THR B 166 -40.28 -44.23 -14.76
N ASP B 167 -41.20 -44.16 -15.71
CA ASP B 167 -42.25 -43.14 -15.69
C ASP B 167 -43.13 -43.19 -14.46
N HIS B 168 -43.77 -44.33 -14.25
CA HIS B 168 -44.65 -44.49 -13.10
C HIS B 168 -44.03 -45.26 -11.94
N ILE B 169 -42.71 -45.23 -11.85
CA ILE B 169 -42.01 -45.87 -10.76
C ILE B 169 -41.97 -44.86 -9.62
N LEU B 170 -42.28 -45.33 -8.41
CA LEU B 170 -42.34 -44.48 -7.23
C LEU B 170 -41.00 -44.36 -6.52
N PHE B 171 -40.60 -43.15 -6.17
CA PHE B 171 -39.35 -42.96 -5.50
C PHE B 171 -39.46 -42.44 -4.08
N ILE B 172 -38.75 -43.10 -3.16
CA ILE B 172 -38.72 -42.66 -1.78
C ILE B 172 -37.25 -42.52 -1.52
N ALA B 173 -36.87 -41.37 -0.97
CA ALA B 173 -35.48 -41.09 -0.66
C ALA B 173 -35.42 -40.64 0.78
N SER B 174 -34.63 -41.32 1.60
CA SER B 174 -34.53 -40.95 3.01
C SER B 174 -33.22 -40.23 3.22
N GLY B 175 -33.10 -39.55 4.35
CA GLY B 175 -31.89 -38.81 4.66
C GLY B 175 -31.98 -38.17 6.03
N ALA B 176 -30.84 -37.92 6.65
CA ALA B 176 -30.84 -37.32 7.97
C ALA B 176 -30.96 -35.81 7.84
N PHE B 177 -30.14 -35.23 6.98
CA PHE B 177 -30.15 -33.79 6.77
C PHE B 177 -29.83 -33.02 8.05
N GLN B 178 -28.97 -33.59 8.89
CA GLN B 178 -28.60 -32.93 10.12
C GLN B 178 -27.86 -31.68 9.71
N VAL B 179 -26.94 -31.87 8.77
CA VAL B 179 -26.10 -30.81 8.24
C VAL B 179 -26.69 -30.10 7.02
N ALA B 180 -26.99 -30.86 5.98
CA ALA B 180 -27.53 -30.29 4.76
C ALA B 180 -29.04 -30.23 4.79
N ARG B 181 -29.60 -29.11 4.32
CA ARG B 181 -31.05 -28.94 4.25
C ARG B 181 -31.46 -29.65 2.98
N PRO B 182 -32.70 -30.14 2.91
CA PRO B 182 -33.07 -30.83 1.67
C PRO B 182 -33.06 -29.89 0.47
N SER B 183 -33.17 -28.60 0.76
CA SER B 183 -33.15 -27.57 -0.26
C SER B 183 -31.78 -27.50 -0.94
N ASP B 184 -30.86 -28.34 -0.47
CA ASP B 184 -29.50 -28.40 -1.00
C ASP B 184 -29.35 -29.46 -2.09
N LEU B 185 -30.47 -29.83 -2.69
CA LEU B 185 -30.46 -30.80 -3.77
C LEU B 185 -30.63 -30.08 -5.11
N ILE B 186 -30.17 -30.70 -6.20
CA ILE B 186 -30.29 -30.07 -7.51
C ILE B 186 -31.76 -29.71 -7.76
N PRO B 187 -32.03 -28.42 -8.00
CA PRO B 187 -33.36 -27.86 -8.26
C PRO B 187 -34.27 -28.82 -9.00
N GLU B 188 -33.70 -29.59 -9.92
CA GLU B 188 -34.48 -30.55 -10.67
C GLU B 188 -35.04 -31.58 -9.70
N LEU B 189 -34.12 -32.38 -9.17
CA LEU B 189 -34.42 -33.45 -8.21
C LEU B 189 -35.39 -32.99 -7.13
N GLN B 190 -35.10 -31.84 -6.56
CA GLN B 190 -35.95 -31.26 -5.55
C GLN B 190 -37.36 -31.39 -6.11
N GLY B 191 -37.68 -30.57 -7.13
CA GLY B 191 -38.98 -30.58 -7.74
C GLY B 191 -39.55 -31.95 -8.08
N ARG B 192 -38.69 -32.96 -8.05
CA ARG B 192 -39.14 -34.32 -8.34
C ARG B 192 -39.27 -35.19 -7.08
N LEU B 193 -39.33 -34.50 -5.94
CA LEU B 193 -39.51 -35.10 -4.62
C LEU B 193 -40.45 -34.10 -3.94
N PRO B 194 -41.59 -33.82 -4.57
CA PRO B 194 -42.62 -32.89 -4.12
C PRO B 194 -43.08 -33.05 -2.68
N ILE B 195 -43.31 -34.29 -2.29
CA ILE B 195 -43.76 -34.63 -0.94
C ILE B 195 -42.57 -34.74 0.02
N ARG B 196 -42.64 -34.03 1.15
CA ARG B 196 -41.57 -34.07 2.13
C ARG B 196 -42.15 -34.49 3.47
N VAL B 197 -41.76 -35.65 3.97
CA VAL B 197 -42.29 -36.13 5.23
C VAL B 197 -41.21 -36.07 6.32
N GLU B 198 -41.60 -36.14 7.61
CA GLU B 198 -40.60 -36.04 8.71
C GLU B 198 -40.72 -37.05 9.85
N LEU B 199 -40.04 -38.18 9.75
CA LEU B 199 -40.13 -39.15 10.84
C LEU B 199 -39.53 -38.59 12.08
N THR B 200 -40.07 -39.00 13.23
CA THR B 200 -39.59 -38.50 14.51
C THR B 200 -38.61 -39.45 15.14
N ALA B 201 -37.82 -38.92 16.07
CA ALA B 201 -36.86 -39.73 16.79
C ALA B 201 -37.66 -40.65 17.70
N LEU B 202 -37.26 -41.91 17.77
CA LEU B 202 -37.96 -42.86 18.60
C LEU B 202 -37.50 -42.62 20.03
N SER B 203 -38.43 -42.73 20.97
CA SER B 203 -38.13 -42.51 22.38
C SER B 203 -38.29 -43.76 23.23
N ALA B 204 -37.85 -43.65 24.49
CA ALA B 204 -37.93 -44.77 25.42
C ALA B 204 -39.30 -45.41 25.42
N ALA B 205 -40.35 -44.62 25.70
CA ALA B 205 -41.71 -45.17 25.72
C ALA B 205 -42.06 -45.78 24.40
N ASP B 206 -41.41 -45.30 23.34
CA ASP B 206 -41.65 -45.86 22.02
C ASP B 206 -41.03 -47.27 22.01
N PHE B 207 -39.74 -47.37 22.37
CA PHE B 207 -39.03 -48.66 22.41
C PHE B 207 -39.86 -49.69 23.15
N GLU B 208 -40.40 -49.30 24.30
CA GLU B 208 -41.20 -50.19 25.09
C GLU B 208 -42.26 -50.83 24.18
N ARG B 209 -42.93 -50.00 23.39
CA ARG B 209 -43.98 -50.47 22.50
C ARG B 209 -43.46 -51.32 21.38
N ILE B 210 -42.31 -50.96 20.84
CA ILE B 210 -41.74 -51.73 19.74
C ILE B 210 -41.32 -53.07 20.31
N LEU B 211 -40.99 -53.07 21.61
CA LEU B 211 -40.55 -54.28 22.27
C LEU B 211 -41.63 -55.35 22.24
N THR B 212 -42.90 -54.93 22.18
CA THR B 212 -44.00 -55.89 22.27
C THR B 212 -45.22 -55.85 21.34
N GLU B 213 -45.66 -54.64 20.98
CA GLU B 213 -46.85 -54.49 20.12
C GLU B 213 -46.70 -55.04 18.70
N PRO B 214 -45.67 -54.59 17.96
CA PRO B 214 -45.33 -54.96 16.59
C PRO B 214 -45.55 -56.41 16.20
N HIS B 215 -46.36 -56.63 15.18
CA HIS B 215 -46.62 -57.98 14.70
C HIS B 215 -45.27 -58.65 14.50
N ALA B 216 -44.92 -59.51 15.46
CA ALA B 216 -43.67 -60.24 15.53
C ALA B 216 -42.59 -59.28 16.01
N SER B 217 -42.72 -58.84 17.25
CA SER B 217 -41.79 -57.91 17.88
C SER B 217 -40.56 -58.67 18.34
N LEU B 218 -39.65 -58.02 19.06
CA LEU B 218 -38.49 -58.74 19.53
C LEU B 218 -38.92 -59.85 20.50
N THR B 219 -39.49 -59.45 21.62
CA THR B 219 -39.97 -60.40 22.63
C THR B 219 -40.84 -61.47 22.01
N GLU B 220 -41.70 -61.07 21.08
CA GLU B 220 -42.54 -62.05 20.44
C GLU B 220 -41.69 -63.09 19.74
N GLN B 221 -40.50 -62.70 19.27
CA GLN B 221 -39.63 -63.65 18.60
C GLN B 221 -38.99 -64.60 19.60
N TYR B 222 -38.09 -64.06 20.41
CA TYR B 222 -37.44 -64.85 21.42
C TYR B 222 -38.49 -65.79 21.99
N LYS B 223 -39.54 -65.22 22.58
CA LYS B 223 -40.62 -66.02 23.13
C LYS B 223 -40.80 -67.29 22.30
N ALA B 224 -41.10 -67.11 21.02
CA ALA B 224 -41.34 -68.21 20.11
C ALA B 224 -40.10 -69.03 19.81
N LEU B 225 -38.96 -68.40 19.98
CA LEU B 225 -37.69 -69.06 19.70
C LEU B 225 -37.31 -70.08 20.78
N MET B 226 -37.37 -69.67 22.04
CA MET B 226 -37.04 -70.57 23.13
C MET B 226 -38.07 -71.68 23.11
N ALA B 227 -39.30 -71.30 22.79
CA ALA B 227 -40.39 -72.26 22.73
C ALA B 227 -39.96 -73.50 21.97
N THR B 228 -39.05 -73.33 21.03
CA THR B 228 -38.55 -74.43 20.24
C THR B 228 -37.64 -75.34 21.09
N GLU B 229 -36.98 -74.75 22.08
CA GLU B 229 -36.09 -75.48 22.97
C GLU B 229 -36.84 -75.89 24.24
N GLY B 230 -38.16 -76.08 24.13
CA GLY B 230 -38.94 -76.44 25.29
C GLY B 230 -39.14 -75.31 26.30
N VAL B 231 -38.14 -74.46 26.51
CA VAL B 231 -38.25 -73.35 27.45
C VAL B 231 -39.38 -72.36 27.19
N ASN B 232 -40.17 -72.08 28.24
CA ASN B 232 -41.31 -71.16 28.14
C ASN B 232 -41.02 -69.81 28.86
N ILE B 233 -40.51 -68.84 28.13
CA ILE B 233 -40.18 -67.54 28.73
C ILE B 233 -41.34 -66.53 28.69
N ALA B 234 -41.24 -65.50 29.53
CA ALA B 234 -42.26 -64.47 29.63
C ALA B 234 -41.65 -63.14 30.09
N PHE B 235 -42.15 -62.03 29.58
CA PHE B 235 -41.59 -60.77 29.99
C PHE B 235 -42.53 -59.98 30.88
N THR B 236 -42.01 -59.46 32.00
CA THR B 236 -42.90 -58.67 32.84
C THR B 236 -42.88 -57.29 32.26
N THR B 237 -44.06 -56.68 32.27
CA THR B 237 -44.24 -55.33 31.79
C THR B 237 -43.07 -54.50 32.28
N ASP B 238 -43.01 -54.29 33.58
CA ASP B 238 -41.96 -53.49 34.20
C ASP B 238 -40.55 -53.88 33.75
N ALA B 239 -40.38 -55.09 33.21
CA ALA B 239 -39.08 -55.56 32.73
C ALA B 239 -38.80 -54.90 31.39
N VAL B 240 -39.77 -55.03 30.49
CA VAL B 240 -39.65 -54.44 29.18
C VAL B 240 -39.24 -52.99 29.45
N LYS B 241 -40.12 -52.24 30.09
CA LYS B 241 -39.82 -50.83 30.39
C LYS B 241 -38.34 -50.57 30.71
N LYS B 242 -37.67 -51.53 31.37
CA LYS B 242 -36.27 -51.34 31.72
C LYS B 242 -35.38 -51.61 30.52
N ILE B 243 -35.66 -52.71 29.82
CA ILE B 243 -34.90 -53.07 28.62
C ILE B 243 -34.83 -51.86 27.70
N ALA B 244 -36.01 -51.29 27.44
CA ALA B 244 -36.22 -50.10 26.61
C ALA B 244 -35.54 -48.86 27.16
N GLU B 245 -35.77 -48.57 28.43
CA GLU B 245 -35.14 -47.41 29.06
C GLU B 245 -33.65 -47.60 28.86
N ALA B 246 -33.20 -48.83 29.04
CA ALA B 246 -31.79 -49.16 28.90
C ALA B 246 -31.30 -48.78 27.51
N ALA B 247 -31.95 -49.34 26.49
CA ALA B 247 -31.55 -49.07 25.12
C ALA B 247 -31.44 -47.56 24.94
N PHE B 248 -32.53 -46.85 25.26
CA PHE B 248 -32.52 -45.40 25.15
C PHE B 248 -31.33 -44.84 25.92
N ARG B 249 -31.06 -45.44 27.07
CA ARG B 249 -29.95 -44.99 27.88
C ARG B 249 -28.66 -44.98 27.04
N VAL B 250 -28.13 -46.16 26.73
CA VAL B 250 -26.90 -46.22 25.96
C VAL B 250 -26.97 -45.29 24.76
N ASN B 251 -27.98 -45.46 23.91
CA ASN B 251 -28.11 -44.61 22.73
C ASN B 251 -27.69 -43.17 22.99
N GLU B 252 -28.30 -42.54 23.97
CA GLU B 252 -27.97 -41.16 24.31
C GLU B 252 -26.54 -41.00 24.79
N LYS B 253 -26.05 -41.95 25.59
CA LYS B 253 -24.68 -41.87 26.14
C LYS B 253 -23.55 -42.16 25.16
N THR B 254 -23.73 -43.09 24.23
CA THR B 254 -22.72 -43.35 23.21
C THR B 254 -23.29 -42.91 21.86
N GLU B 255 -23.25 -43.80 20.88
CA GLU B 255 -23.77 -43.45 19.56
C GLU B 255 -25.18 -43.99 19.30
N ASN B 256 -26.01 -43.17 18.68
CA ASN B 256 -27.37 -43.55 18.36
C ASN B 256 -27.46 -44.41 17.09
N ILE B 257 -28.09 -45.56 17.21
CA ILE B 257 -28.23 -46.44 16.07
C ILE B 257 -29.71 -46.72 15.96
N GLY B 258 -30.49 -45.88 16.64
CA GLY B 258 -31.94 -45.99 16.63
C GLY B 258 -32.49 -47.24 17.29
N ALA B 259 -33.69 -47.65 16.84
CA ALA B 259 -34.33 -48.83 17.37
C ALA B 259 -33.40 -50.04 17.28
N ARG B 260 -32.36 -49.95 16.45
CA ARG B 260 -31.43 -51.06 16.29
C ARG B 260 -30.82 -51.48 17.62
N ARG B 261 -30.64 -50.50 18.49
CA ARG B 261 -30.07 -50.77 19.80
C ARG B 261 -30.83 -51.91 20.47
N LEU B 262 -32.17 -51.85 20.42
CA LEU B 262 -33.00 -52.87 21.00
C LEU B 262 -32.48 -54.25 20.68
N HIS B 263 -32.19 -54.48 19.41
CA HIS B 263 -31.68 -55.76 18.97
C HIS B 263 -30.41 -56.10 19.70
N THR B 264 -29.58 -55.08 19.90
CA THR B 264 -28.32 -55.23 20.59
C THR B 264 -28.51 -55.56 22.06
N VAL B 265 -29.44 -54.87 22.70
CA VAL B 265 -29.72 -55.11 24.11
C VAL B 265 -30.32 -56.49 24.27
N MET B 266 -31.44 -56.77 23.62
CA MET B 266 -32.06 -58.09 23.75
C MET B 266 -31.04 -59.20 23.69
N GLU B 267 -30.20 -59.21 22.66
CA GLU B 267 -29.18 -60.24 22.52
C GLU B 267 -28.30 -60.27 23.78
N ARG B 268 -27.87 -59.09 24.22
CA ARG B 268 -27.04 -58.94 25.40
C ARG B 268 -27.80 -59.45 26.64
N LEU B 269 -29.12 -59.35 26.59
CA LEU B 269 -29.98 -59.78 27.68
C LEU B 269 -30.15 -61.28 27.59
N MET B 270 -30.80 -61.72 26.52
CA MET B 270 -31.05 -63.15 26.27
C MET B 270 -29.79 -64.02 26.07
N ASP B 271 -28.60 -63.48 26.35
CA ASP B 271 -27.33 -64.20 26.19
C ASP B 271 -27.31 -65.57 26.86
N LYS B 272 -27.22 -65.55 28.19
CA LYS B 272 -27.15 -66.75 29.02
C LYS B 272 -28.33 -67.69 28.80
N ILE B 273 -29.52 -67.16 28.55
CA ILE B 273 -30.63 -68.07 28.32
C ILE B 273 -30.51 -68.80 27.00
N SER B 274 -30.06 -68.10 25.95
CA SER B 274 -29.91 -68.68 24.62
C SER B 274 -29.20 -70.01 24.65
N PHE B 275 -28.02 -70.01 25.27
CA PHE B 275 -27.18 -71.19 25.41
C PHE B 275 -27.87 -72.29 26.19
N SER B 276 -28.03 -72.03 27.49
CA SER B 276 -28.66 -72.93 28.44
C SER B 276 -30.03 -73.46 28.02
N ALA B 277 -30.90 -72.54 27.60
CA ALA B 277 -32.27 -72.89 27.20
C ALA B 277 -32.42 -74.31 26.66
N SER B 278 -31.40 -74.75 25.94
CA SER B 278 -31.40 -76.07 25.35
C SER B 278 -31.65 -77.17 26.39
N ASP B 279 -31.07 -76.98 27.59
CA ASP B 279 -31.18 -77.95 28.69
C ASP B 279 -32.24 -77.54 29.71
N MET B 280 -33.18 -76.73 29.29
CA MET B 280 -34.24 -76.25 30.16
C MET B 280 -35.58 -76.69 29.64
N ASN B 281 -35.58 -77.78 28.90
CA ASN B 281 -36.83 -78.29 28.34
C ASN B 281 -37.89 -78.37 29.43
N GLY B 282 -39.15 -78.27 29.03
CA GLY B 282 -40.26 -78.36 29.96
C GLY B 282 -40.31 -77.27 31.03
N GLN B 283 -39.34 -76.37 31.05
CA GLN B 283 -39.33 -75.32 32.07
C GLN B 283 -40.08 -74.07 31.69
N THR B 284 -39.75 -72.97 32.35
CA THR B 284 -40.43 -71.70 32.11
C THR B 284 -39.78 -70.52 32.84
N VAL B 285 -38.94 -69.78 32.14
CA VAL B 285 -38.27 -68.62 32.74
C VAL B 285 -39.15 -67.39 32.65
N ASN B 286 -39.06 -66.53 33.67
CA ASN B 286 -39.83 -65.31 33.69
C ASN B 286 -38.91 -64.11 33.93
N ILE B 287 -38.59 -63.43 32.83
CA ILE B 287 -37.71 -62.28 32.86
C ILE B 287 -38.40 -61.05 33.44
N ASP B 288 -37.94 -60.62 34.62
CA ASP B 288 -38.48 -59.45 35.31
C ASP B 288 -37.55 -58.25 35.30
N ALA B 289 -37.91 -57.20 36.03
CA ALA B 289 -37.09 -55.98 36.07
C ALA B 289 -35.75 -56.15 36.71
N ALA B 290 -35.52 -57.33 37.27
CA ALA B 290 -34.25 -57.62 37.94
C ALA B 290 -33.39 -58.39 36.97
N TYR B 291 -33.98 -59.43 36.38
CA TYR B 291 -33.25 -60.25 35.43
C TYR B 291 -32.67 -59.37 34.34
N VAL B 292 -33.12 -58.13 34.30
CA VAL B 292 -32.66 -57.19 33.31
C VAL B 292 -31.43 -56.45 33.81
N ALA B 293 -31.64 -55.54 34.75
CA ALA B 293 -30.55 -54.76 35.30
C ALA B 293 -29.40 -55.64 35.76
N ASP B 294 -29.60 -56.95 35.72
CA ASP B 294 -28.55 -57.89 36.12
C ASP B 294 -27.68 -58.30 34.92
N ALA B 295 -28.34 -58.75 33.86
CA ALA B 295 -27.65 -59.21 32.65
C ALA B 295 -26.95 -58.07 31.93
N LEU B 296 -27.57 -56.91 31.97
CA LEU B 296 -27.00 -55.76 31.30
C LEU B 296 -25.78 -55.24 32.03
N GLY B 297 -26.00 -54.75 33.24
CA GLY B 297 -24.91 -54.20 34.02
C GLY B 297 -24.96 -52.69 33.84
N GLU B 298 -24.68 -51.95 34.91
CA GLU B 298 -24.72 -50.49 34.83
C GLU B 298 -23.69 -49.99 33.83
N VAL B 299 -24.14 -49.70 32.62
CA VAL B 299 -23.29 -49.21 31.53
C VAL B 299 -22.30 -48.12 31.94
N VAL B 300 -21.03 -48.33 31.64
CA VAL B 300 -19.98 -47.37 31.95
C VAL B 300 -19.88 -46.39 30.80
N GLU B 301 -19.20 -45.26 31.01
CA GLU B 301 -19.06 -44.24 29.98
C GLU B 301 -18.24 -44.75 28.78
N ASN B 302 -17.74 -45.98 28.90
CA ASN B 302 -16.95 -46.63 27.84
C ASN B 302 -15.57 -45.99 27.63
N GLU B 303 -15.51 -44.67 27.64
CA GLU B 303 -14.24 -43.97 27.43
C GLU B 303 -14.35 -42.49 27.80
N ASP B 304 -13.53 -42.07 28.77
CA ASP B 304 -13.53 -40.69 29.22
C ASP B 304 -12.53 -39.90 28.38
N LEU B 305 -13.07 -39.09 27.46
CA LEU B 305 -12.28 -38.27 26.56
C LEU B 305 -11.26 -37.35 27.23
N SER B 306 -11.30 -37.28 28.56
CA SER B 306 -10.37 -36.44 29.31
C SER B 306 -8.94 -36.58 28.79
N ARG B 307 -8.61 -37.80 28.37
CA ARG B 307 -7.29 -38.14 27.86
C ARG B 307 -6.80 -37.34 26.65
N PHE B 308 -7.62 -36.40 26.17
CA PHE B 308 -7.24 -35.58 25.03
C PHE B 308 -7.54 -34.11 25.34
N ILE B 309 -7.67 -33.81 26.63
CA ILE B 309 -7.98 -32.45 27.04
C ILE B 309 -6.92 -31.87 27.95
N LEU B 310 -7.02 -30.56 28.18
CA LEU B 310 -6.13 -29.84 29.06
C LEU B 310 -7.02 -29.22 30.13
N SER C 2 -32.41 -83.44 16.02
CA SER C 2 -31.99 -83.10 14.63
C SER C 2 -30.50 -82.75 14.58
N GLU C 3 -30.16 -81.63 15.22
CA GLU C 3 -28.77 -81.16 15.25
C GLU C 3 -28.14 -81.34 16.62
N MET C 4 -27.18 -80.47 16.92
CA MET C 4 -26.46 -80.50 18.18
C MET C 4 -26.89 -79.34 19.05
N THR C 5 -26.95 -79.56 20.35
CA THR C 5 -27.32 -78.48 21.27
C THR C 5 -26.09 -77.57 21.28
N PRO C 6 -26.19 -76.39 21.89
CA PRO C 6 -25.03 -75.49 21.95
C PRO C 6 -23.87 -76.15 22.65
N ARG C 7 -24.15 -76.65 23.86
CA ARG C 7 -23.16 -77.34 24.68
C ARG C 7 -22.36 -78.38 23.87
N GLU C 8 -23.08 -79.15 23.06
CA GLU C 8 -22.49 -80.17 22.22
C GLU C 8 -21.52 -79.53 21.23
N ILE C 9 -21.97 -78.45 20.60
CA ILE C 9 -21.18 -77.75 19.60
C ILE C 9 -19.86 -77.16 20.13
N VAL C 10 -19.88 -76.56 21.32
CA VAL C 10 -18.65 -75.99 21.87
C VAL C 10 -17.63 -77.10 22.05
N SER C 11 -18.08 -78.25 22.53
CA SER C 11 -17.18 -79.37 22.75
C SER C 11 -16.52 -79.77 21.45
N GLU C 12 -17.30 -79.79 20.37
CA GLU C 12 -16.77 -80.15 19.06
C GLU C 12 -15.66 -79.18 18.62
N LEU C 13 -15.83 -77.90 18.92
CA LEU C 13 -14.81 -76.95 18.55
C LEU C 13 -13.62 -77.14 19.47
N ASP C 14 -13.90 -77.45 20.73
CA ASP C 14 -12.85 -77.66 21.74
C ASP C 14 -11.89 -78.77 21.31
N GLN C 15 -12.32 -79.58 20.35
CA GLN C 15 -11.53 -80.68 19.81
C GLN C 15 -10.77 -80.22 18.57
N HIS C 16 -10.51 -78.92 18.47
CA HIS C 16 -9.80 -78.31 17.36
C HIS C 16 -9.28 -76.95 17.77
N ILE C 17 -9.90 -76.34 18.77
CA ILE C 17 -9.43 -75.04 19.23
C ILE C 17 -9.15 -75.07 20.73
N ILE C 18 -8.01 -74.54 21.13
CA ILE C 18 -7.63 -74.53 22.52
C ILE C 18 -7.77 -73.14 23.12
N GLY C 19 -8.77 -72.97 23.96
CA GLY C 19 -9.02 -71.69 24.61
C GLY C 19 -10.17 -70.96 23.92
N GLN C 20 -10.22 -69.65 24.10
CA GLN C 20 -11.24 -68.83 23.47
C GLN C 20 -12.65 -69.39 23.75
N ALA C 21 -12.97 -69.55 25.02
CA ALA C 21 -14.27 -70.07 25.44
C ALA C 21 -15.46 -69.27 24.87
N ASP C 22 -15.58 -68.03 25.30
CA ASP C 22 -16.67 -67.17 24.87
C ASP C 22 -16.95 -67.31 23.37
N ALA C 23 -15.95 -66.96 22.55
CA ALA C 23 -16.10 -67.07 21.10
C ALA C 23 -16.71 -68.42 20.73
N LYS C 24 -16.15 -69.50 21.27
CA LYS C 24 -16.67 -70.83 20.97
C LYS C 24 -18.17 -70.87 21.27
N ARG C 25 -18.59 -70.09 22.26
CA ARG C 25 -20.00 -70.01 22.67
C ARG C 25 -20.83 -69.20 21.69
N ALA C 26 -20.43 -67.96 21.47
CA ALA C 26 -21.13 -67.07 20.55
C ALA C 26 -21.60 -67.84 19.33
N VAL C 27 -20.66 -68.28 18.53
CA VAL C 27 -20.98 -69.02 17.31
C VAL C 27 -21.86 -70.22 17.62
N ALA C 28 -21.63 -70.82 18.78
CA ALA C 28 -22.35 -72.01 19.19
C ALA C 28 -23.82 -71.70 19.12
N ILE C 29 -24.17 -70.61 19.79
CA ILE C 29 -25.54 -70.10 19.85
C ILE C 29 -25.97 -69.78 18.42
N ALA C 30 -25.34 -68.76 17.86
CA ALA C 30 -25.63 -68.33 16.51
C ALA C 30 -26.03 -69.49 15.60
N LEU C 31 -25.38 -70.63 15.74
CA LEU C 31 -25.69 -71.78 14.88
C LEU C 31 -26.91 -72.58 15.31
N ARG C 32 -27.28 -72.46 16.59
CA ARG C 32 -28.43 -73.16 17.15
C ARG C 32 -29.71 -72.54 16.62
N ASN C 33 -29.77 -71.21 16.65
CA ASN C 33 -30.92 -70.45 16.18
C ASN C 33 -31.25 -70.81 14.75
N ARG C 34 -30.22 -71.04 13.95
CA ARG C 34 -30.45 -71.44 12.58
C ARG C 34 -31.47 -72.58 12.74
N TRP C 35 -31.16 -73.52 13.63
CA TRP C 35 -32.04 -74.64 13.90
C TRP C 35 -33.39 -74.19 14.47
N ARG C 36 -33.35 -73.34 15.48
CA ARG C 36 -34.60 -72.84 16.06
C ARG C 36 -35.46 -72.24 14.95
N ARG C 37 -34.97 -71.16 14.32
CA ARG C 37 -35.64 -70.46 13.22
C ARG C 37 -36.29 -71.41 12.23
N MET C 38 -35.61 -72.51 11.91
CA MET C 38 -36.15 -73.45 10.94
C MET C 38 -37.38 -74.24 11.43
N GLN C 39 -37.74 -74.06 12.68
CA GLN C 39 -38.91 -74.77 13.20
C GLN C 39 -40.01 -73.79 13.55
N LEU C 40 -39.72 -72.50 13.44
CA LEU C 40 -40.72 -71.49 13.74
C LEU C 40 -41.83 -71.55 12.72
N GLN C 41 -42.99 -71.00 13.08
CA GLN C 41 -44.14 -71.04 12.19
C GLN C 41 -43.98 -70.28 10.87
N GLU C 42 -44.75 -70.71 9.88
CA GLU C 42 -44.76 -70.17 8.53
C GLU C 42 -44.53 -68.65 8.35
N PRO C 43 -45.37 -67.80 8.97
CA PRO C 43 -45.19 -66.36 8.81
C PRO C 43 -43.95 -65.79 9.48
N LEU C 44 -43.81 -66.06 10.77
CA LEU C 44 -42.69 -65.59 11.60
C LEU C 44 -41.29 -66.14 11.24
N ARG C 45 -41.25 -67.34 10.66
CA ARG C 45 -40.00 -67.98 10.27
C ARG C 45 -39.05 -67.10 9.48
N HIS C 46 -39.57 -66.06 8.84
CA HIS C 46 -38.74 -65.15 8.08
C HIS C 46 -38.27 -64.04 9.03
N GLU C 47 -39.18 -63.16 9.40
CA GLU C 47 -38.91 -62.03 10.30
C GLU C 47 -37.71 -62.18 11.23
N VAL C 48 -37.47 -63.40 11.71
CA VAL C 48 -36.36 -63.69 12.61
C VAL C 48 -35.03 -63.91 11.86
N THR C 49 -34.16 -62.92 11.90
CA THR C 49 -32.87 -63.01 11.20
C THR C 49 -31.68 -63.28 12.10
N PRO C 50 -30.54 -63.65 11.50
CA PRO C 50 -29.30 -63.94 12.19
C PRO C 50 -28.82 -62.82 13.08
N LYS C 51 -28.11 -63.20 14.13
CA LYS C 51 -27.54 -62.24 15.06
C LYS C 51 -26.04 -62.29 14.82
N ASN C 52 -25.59 -61.55 13.82
CA ASN C 52 -24.18 -61.52 13.44
C ASN C 52 -23.18 -61.26 14.56
N ILE C 53 -21.95 -61.74 14.35
CA ILE C 53 -20.89 -61.60 15.35
C ILE C 53 -19.67 -60.80 14.92
N LEU C 54 -19.08 -60.10 15.89
CA LEU C 54 -17.87 -59.35 15.66
C LEU C 54 -16.77 -59.90 16.56
N MET C 55 -15.96 -60.80 16.01
CA MET C 55 -14.85 -61.39 16.75
C MET C 55 -13.73 -60.36 16.85
N ILE C 56 -13.24 -60.13 18.06
CA ILE C 56 -12.17 -59.16 18.29
C ILE C 56 -10.99 -59.80 19.01
N GLY C 57 -9.92 -60.06 18.27
CA GLY C 57 -8.75 -60.68 18.86
C GLY C 57 -7.48 -60.37 18.09
N PRO C 58 -6.33 -60.79 18.62
CA PRO C 58 -5.03 -60.55 17.97
C PRO C 58 -4.77 -61.59 16.91
N THR C 59 -3.61 -61.48 16.27
CA THR C 59 -3.25 -62.40 15.19
C THR C 59 -3.19 -63.87 15.58
N GLY C 60 -3.75 -64.70 14.72
CA GLY C 60 -3.73 -66.13 14.93
C GLY C 60 -3.95 -66.69 16.31
N VAL C 61 -5.19 -66.72 16.77
CA VAL C 61 -5.50 -67.28 18.09
C VAL C 61 -6.78 -68.10 18.00
N GLY C 62 -7.36 -68.21 16.81
CA GLY C 62 -8.56 -69.01 16.64
C GLY C 62 -9.73 -68.49 15.83
N LYS C 63 -9.93 -67.18 15.81
CA LYS C 63 -11.05 -66.55 15.11
C LYS C 63 -11.52 -67.24 13.83
N THR C 64 -10.65 -67.31 12.83
CA THR C 64 -10.99 -67.95 11.57
C THR C 64 -11.22 -69.45 11.75
N GLU C 65 -10.39 -70.07 12.58
CA GLU C 65 -10.48 -71.49 12.83
C GLU C 65 -11.83 -71.80 13.45
N ILE C 66 -12.19 -71.03 14.49
CA ILE C 66 -13.46 -71.21 15.17
C ILE C 66 -14.58 -71.23 14.14
N ALA C 67 -14.59 -70.18 13.31
CA ALA C 67 -15.59 -69.97 12.26
C ALA C 67 -15.58 -71.00 11.15
N ARG C 68 -14.38 -71.40 10.75
CA ARG C 68 -14.21 -72.39 9.70
C ARG C 68 -14.72 -73.74 10.18
N ARG C 69 -14.25 -74.16 11.36
CA ARG C 69 -14.68 -75.43 11.92
C ARG C 69 -16.19 -75.40 12.15
N LEU C 70 -16.71 -74.22 12.41
CA LEU C 70 -18.14 -74.10 12.62
C LEU C 70 -18.82 -74.54 11.33
N ALA C 71 -18.50 -73.85 10.24
CA ALA C 71 -19.06 -74.14 8.94
C ALA C 71 -19.10 -75.62 8.62
N LYS C 72 -18.00 -76.32 8.96
CA LYS C 72 -17.90 -77.74 8.68
C LYS C 72 -18.83 -78.68 9.44
N LEU C 73 -19.04 -78.44 10.74
CA LEU C 73 -19.94 -79.32 11.50
C LEU C 73 -21.39 -79.00 11.19
N ALA C 74 -21.60 -77.97 10.38
CA ALA C 74 -22.94 -77.57 9.95
C ALA C 74 -23.00 -77.79 8.44
N ASN C 75 -21.85 -78.12 7.88
CA ASN C 75 -21.73 -78.35 6.45
C ASN C 75 -22.46 -77.21 5.75
N ALA C 76 -21.97 -76.01 6.00
CA ALA C 76 -22.56 -74.82 5.40
C ALA C 76 -21.57 -74.05 4.55
N PRO C 77 -22.03 -73.56 3.38
CA PRO C 77 -21.13 -72.81 2.50
C PRO C 77 -20.42 -71.75 3.34
N PHE C 78 -19.10 -71.84 3.37
CA PHE C 78 -18.29 -70.89 4.12
C PHE C 78 -17.43 -70.14 3.11
N ILE C 79 -17.08 -68.91 3.45
CA ILE C 79 -16.25 -68.10 2.59
C ILE C 79 -15.58 -67.00 3.43
N LYS C 80 -14.30 -66.78 3.19
CA LYS C 80 -13.55 -65.76 3.90
C LYS C 80 -13.13 -64.67 2.94
N VAL C 81 -13.14 -63.43 3.40
CA VAL C 81 -12.73 -62.33 2.56
C VAL C 81 -12.07 -61.26 3.40
N GLU C 82 -11.16 -60.53 2.77
CA GLU C 82 -10.44 -59.44 3.43
C GLU C 82 -11.37 -58.22 3.33
N ALA C 83 -11.40 -57.40 4.37
CA ALA C 83 -12.26 -56.24 4.34
C ALA C 83 -11.62 -55.19 3.42
N THR C 84 -10.33 -55.37 3.16
CA THR C 84 -9.60 -54.42 2.31
C THR C 84 -9.77 -54.77 0.84
N LYS C 85 -10.13 -56.04 0.58
CA LYS C 85 -10.31 -56.54 -0.77
C LYS C 85 -11.02 -55.55 -1.68
N PHE C 86 -11.59 -54.51 -1.12
CA PHE C 86 -12.29 -53.52 -1.94
C PHE C 86 -12.02 -52.07 -1.60
N THR C 87 -11.09 -51.46 -2.32
CA THR C 87 -10.74 -50.06 -2.11
C THR C 87 -10.52 -49.34 -3.43
N GLU C 95 -15.95 -56.18 -6.43
CA GLU C 95 -17.27 -55.73 -6.00
C GLU C 95 -17.79 -56.56 -4.82
N VAL C 96 -18.30 -55.87 -3.82
CA VAL C 96 -18.81 -56.50 -2.62
C VAL C 96 -19.86 -57.58 -2.84
N ASP C 97 -20.70 -57.41 -3.83
CA ASP C 97 -21.72 -58.42 -4.09
C ASP C 97 -21.08 -59.71 -4.62
N SER C 98 -19.76 -59.68 -4.82
CA SER C 98 -19.05 -60.87 -5.30
C SER C 98 -19.06 -61.89 -4.17
N ILE C 99 -18.75 -61.40 -2.96
CA ILE C 99 -18.73 -62.22 -1.75
C ILE C 99 -19.83 -63.24 -1.89
N ILE C 100 -21.05 -62.75 -2.03
CA ILE C 100 -22.18 -63.65 -2.16
C ILE C 100 -22.05 -64.49 -3.43
N ARG C 101 -21.69 -63.85 -4.55
CA ARG C 101 -21.53 -64.53 -5.83
C ARG C 101 -20.55 -65.69 -5.70
N ASP C 102 -19.36 -65.40 -5.15
CA ASP C 102 -18.32 -66.41 -4.95
C ASP C 102 -18.92 -67.57 -4.17
N LEU C 103 -19.27 -67.31 -2.92
CA LEU C 103 -19.87 -68.29 -2.00
C LEU C 103 -20.92 -69.18 -2.64
N THR C 104 -21.79 -68.58 -3.47
CA THR C 104 -22.84 -69.35 -4.13
C THR C 104 -22.24 -70.32 -5.15
N ASP C 105 -21.03 -70.01 -5.60
CA ASP C 105 -20.32 -70.86 -6.54
C ASP C 105 -19.76 -72.02 -5.73
N SER C 106 -19.11 -71.69 -4.63
CA SER C 106 -18.52 -72.70 -3.76
C SER C 106 -19.47 -73.88 -3.47
N ALA C 107 -20.69 -73.58 -3.04
CA ALA C 107 -21.65 -74.63 -2.73
C ALA C 107 -22.35 -75.11 -3.99
N GLY C 108 -21.66 -74.99 -5.11
CA GLY C 108 -22.22 -75.43 -6.39
C GLY C 108 -23.56 -74.83 -6.76
N GLY C 109 -23.65 -73.51 -6.83
CA GLY C 109 -24.91 -72.87 -7.18
C GLY C 109 -26.14 -73.38 -6.43
N ALA C 110 -25.91 -74.17 -5.37
CA ALA C 110 -26.98 -74.72 -4.57
C ALA C 110 -27.64 -73.58 -3.81
N ILE C 111 -28.43 -72.78 -4.52
CA ILE C 111 -29.08 -71.62 -3.93
C ILE C 111 -29.65 -71.83 -2.54
N ASP C 112 -30.63 -72.72 -2.39
CA ASP C 112 -31.23 -72.94 -1.07
C ASP C 112 -30.18 -73.00 0.06
N ALA C 113 -29.28 -73.96 -0.06
CA ALA C 113 -28.22 -74.17 0.91
C ALA C 113 -27.42 -72.91 1.23
N VAL C 114 -27.29 -72.01 0.27
CA VAL C 114 -26.53 -70.79 0.51
C VAL C 114 -27.36 -69.78 1.29
N GLU C 115 -28.66 -69.75 1.02
CA GLU C 115 -29.56 -68.80 1.65
C GLU C 115 -29.88 -69.16 3.08
N GLN C 116 -30.30 -70.40 3.27
CA GLN C 116 -30.68 -70.85 4.58
C GLN C 116 -29.53 -70.93 5.58
N ASN C 117 -28.43 -71.57 5.22
CA ASN C 117 -27.34 -71.69 6.17
C ASN C 117 -25.93 -71.34 5.77
N GLY C 118 -25.73 -70.24 5.06
CA GLY C 118 -24.37 -69.86 4.67
C GLY C 118 -23.69 -68.96 5.69
N ILE C 119 -22.38 -69.05 5.79
CA ILE C 119 -21.65 -68.22 6.75
C ILE C 119 -20.55 -67.45 6.05
N VAL C 120 -20.53 -66.15 6.23
CA VAL C 120 -19.53 -65.33 5.58
C VAL C 120 -18.59 -64.83 6.66
N PHE C 121 -17.29 -64.99 6.45
CA PHE C 121 -16.32 -64.51 7.43
C PHE C 121 -15.57 -63.31 6.86
N ILE C 122 -15.96 -62.11 7.32
CA ILE C 122 -15.32 -60.88 6.87
C ILE C 122 -14.08 -60.64 7.71
N ASP C 123 -12.92 -60.79 7.09
CA ASP C 123 -11.69 -60.62 7.84
C ASP C 123 -11.17 -59.20 7.94
N GLU C 124 -10.45 -58.94 9.04
CA GLU C 124 -9.83 -57.65 9.30
C GLU C 124 -10.77 -56.50 9.02
N ILE C 125 -11.89 -56.44 9.74
CA ILE C 125 -12.85 -55.36 9.48
C ILE C 125 -12.35 -54.06 10.10
N ASP C 126 -11.58 -54.16 11.19
CA ASP C 126 -11.04 -52.99 11.86
C ASP C 126 -10.13 -52.21 10.88
N LYS C 127 -9.72 -52.89 9.80
CA LYS C 127 -8.84 -52.29 8.81
C LYS C 127 -9.53 -51.28 7.91
N ILE C 128 -10.83 -51.09 8.08
CA ILE C 128 -11.52 -50.12 7.24
C ILE C 128 -12.33 -49.09 7.99
N CYS C 129 -11.83 -48.65 9.14
CA CYS C 129 -12.56 -47.66 9.92
C CYS C 129 -12.02 -46.26 9.75
N LYS C 130 -12.92 -45.28 9.88
CA LYS C 130 -12.59 -43.86 9.73
C LYS C 130 -11.30 -43.53 10.48
N ALA C 137 -8.99 -41.38 -0.16
CA ALA C 137 -8.32 -42.33 0.72
C ALA C 137 -8.66 -42.06 2.17
N ASP C 138 -9.20 -40.86 2.45
CA ASP C 138 -9.57 -40.47 3.81
C ASP C 138 -10.94 -41.06 4.18
N VAL C 139 -11.75 -41.34 3.17
CA VAL C 139 -13.08 -41.89 3.38
C VAL C 139 -13.29 -43.14 2.51
N SER C 140 -12.18 -43.64 1.94
CA SER C 140 -12.24 -44.82 1.10
C SER C 140 -12.60 -46.08 1.89
N ARG C 141 -12.01 -46.21 3.08
CA ARG C 141 -12.26 -47.34 3.96
C ARG C 141 -13.69 -47.29 4.49
N GLU C 142 -14.01 -46.19 5.15
CA GLU C 142 -15.33 -45.94 5.73
C GLU C 142 -16.43 -46.14 4.68
N GLY C 143 -16.04 -46.17 3.42
CA GLY C 143 -16.98 -46.36 2.35
C GLY C 143 -17.19 -47.82 2.00
N VAL C 144 -16.46 -48.70 2.66
CA VAL C 144 -16.62 -50.12 2.37
C VAL C 144 -17.68 -50.66 3.32
N GLN C 145 -17.83 -49.99 4.45
CA GLN C 145 -18.82 -50.37 5.44
C GLN C 145 -20.17 -50.18 4.77
N ARG C 146 -20.42 -48.96 4.29
CA ARG C 146 -21.68 -48.69 3.63
C ARG C 146 -21.85 -49.72 2.52
N ASP C 147 -20.82 -49.90 1.70
CA ASP C 147 -20.90 -50.84 0.59
C ASP C 147 -21.27 -52.24 1.07
N LEU C 148 -20.72 -52.62 2.20
CA LEU C 148 -20.94 -53.93 2.79
C LEU C 148 -22.39 -54.14 3.27
N LEU C 149 -22.95 -53.12 3.94
CA LEU C 149 -24.32 -53.14 4.49
C LEU C 149 -25.35 -53.99 3.78
N PRO C 150 -25.72 -53.63 2.54
CA PRO C 150 -26.72 -54.42 1.80
C PRO C 150 -26.67 -55.90 2.08
N LEU C 151 -25.50 -56.41 2.49
CA LEU C 151 -25.36 -57.83 2.79
C LEU C 151 -25.83 -58.19 4.19
N VAL C 152 -25.22 -57.57 5.20
CA VAL C 152 -25.59 -57.84 6.58
C VAL C 152 -27.01 -57.35 6.89
N GLU C 153 -27.55 -56.46 6.07
CA GLU C 153 -28.89 -55.94 6.29
C GLU C 153 -29.85 -56.64 5.34
N GLY C 154 -29.41 -57.74 4.76
CA GLY C 154 -30.26 -58.51 3.86
C GLY C 154 -30.74 -57.82 2.58
N SER C 155 -30.31 -58.37 1.44
CA SER C 155 -30.68 -57.84 0.14
C SER C 155 -30.64 -58.98 -0.88
N THR C 156 -30.55 -58.66 -2.17
CA THR C 156 -30.56 -59.71 -3.19
C THR C 156 -29.52 -59.59 -4.29
N VAL C 157 -28.44 -60.35 -4.24
CA VAL C 157 -27.47 -60.26 -5.33
C VAL C 157 -27.81 -61.27 -6.41
N SER C 158 -27.42 -60.94 -7.65
CA SER C 158 -27.66 -61.79 -8.80
C SER C 158 -26.43 -62.64 -9.09
N THR C 159 -26.64 -63.84 -9.59
CA THR C 159 -25.55 -64.75 -9.90
C THR C 159 -25.96 -65.72 -10.99
N LYS C 160 -24.97 -66.23 -11.73
CA LYS C 160 -25.22 -67.18 -12.82
C LYS C 160 -25.92 -68.46 -12.34
N HIS C 161 -26.57 -68.38 -11.18
CA HIS C 161 -27.28 -69.51 -10.60
C HIS C 161 -28.70 -69.11 -10.26
N GLY C 162 -28.90 -67.82 -10.04
CA GLY C 162 -30.22 -67.36 -9.69
C GLY C 162 -30.12 -66.23 -8.71
N MET C 163 -31.24 -65.90 -8.08
CA MET C 163 -31.26 -64.83 -7.12
C MET C 163 -31.13 -65.42 -5.73
N VAL C 164 -30.31 -64.80 -4.90
CA VAL C 164 -30.09 -65.28 -3.55
C VAL C 164 -30.26 -64.11 -2.58
N LYS C 165 -30.98 -64.35 -1.48
CA LYS C 165 -31.18 -63.30 -0.47
C LYS C 165 -30.15 -63.49 0.64
N THR C 166 -29.46 -62.41 1.00
CA THR C 166 -28.48 -62.48 2.06
C THR C 166 -29.20 -62.22 3.36
N ASP C 167 -30.52 -62.38 3.34
CA ASP C 167 -31.31 -62.14 4.54
C ASP C 167 -30.93 -63.00 5.73
N HIS C 168 -30.83 -64.30 5.52
CA HIS C 168 -30.48 -65.17 6.62
C HIS C 168 -29.08 -65.73 6.54
N ILE C 169 -28.17 -64.97 5.94
CA ILE C 169 -26.79 -65.40 5.89
C ILE C 169 -26.21 -64.91 7.21
N LEU C 170 -25.39 -65.74 7.83
CA LEU C 170 -24.77 -65.41 9.11
C LEU C 170 -23.42 -64.76 8.85
N PHE C 171 -23.20 -63.58 9.44
CA PHE C 171 -21.95 -62.85 9.27
C PHE C 171 -21.12 -62.78 10.54
N ILE C 172 -19.92 -63.35 10.50
CA ILE C 172 -18.97 -63.31 11.61
C ILE C 172 -17.89 -62.43 11.04
N ALA C 173 -17.42 -61.45 11.80
CA ALA C 173 -16.43 -60.55 11.25
C ALA C 173 -15.41 -60.17 12.31
N SER C 174 -14.16 -60.57 12.10
CA SER C 174 -13.09 -60.31 13.06
C SER C 174 -12.29 -59.03 12.89
N GLY C 175 -11.48 -58.76 13.91
CA GLY C 175 -10.61 -57.60 13.93
C GLY C 175 -9.82 -57.57 15.23
N ALA C 176 -8.81 -56.71 15.30
CA ALA C 176 -8.00 -56.60 16.50
C ALA C 176 -8.37 -55.33 17.23
N PHE C 177 -8.45 -54.24 16.48
CA PHE C 177 -8.79 -52.95 17.07
C PHE C 177 -7.75 -52.53 18.09
N GLN C 178 -6.48 -52.64 17.69
CA GLN C 178 -5.38 -52.23 18.55
C GLN C 178 -5.22 -50.75 18.30
N VAL C 179 -5.63 -50.32 17.11
CA VAL C 179 -5.57 -48.93 16.75
C VAL C 179 -6.91 -48.34 17.11
N ALA C 180 -7.97 -48.90 16.52
CA ALA C 180 -9.32 -48.41 16.76
C ALA C 180 -10.10 -49.17 17.83
N ARG C 181 -11.35 -48.79 17.98
CA ARG C 181 -12.30 -49.38 18.92
C ARG C 181 -13.49 -49.73 18.03
N PRO C 182 -14.15 -50.88 18.27
CA PRO C 182 -15.29 -51.29 17.44
C PRO C 182 -16.38 -50.23 17.27
N SER C 183 -16.66 -49.52 18.35
CA SER C 183 -17.69 -48.50 18.33
C SER C 183 -17.61 -47.58 17.12
N ASP C 184 -16.45 -47.54 16.47
CA ASP C 184 -16.23 -46.69 15.30
C ASP C 184 -16.97 -47.13 14.03
N LEU C 185 -17.12 -48.43 13.79
CA LEU C 185 -17.84 -48.89 12.60
C LEU C 185 -19.15 -48.08 12.42
N ILE C 186 -19.49 -47.74 11.18
CA ILE C 186 -20.70 -46.94 10.97
C ILE C 186 -21.84 -47.53 11.80
N PRO C 187 -22.71 -46.63 12.33
CA PRO C 187 -23.88 -46.92 13.18
C PRO C 187 -24.83 -47.99 12.65
N GLU C 188 -25.00 -48.06 11.34
CA GLU C 188 -25.87 -49.09 10.79
C GLU C 188 -25.25 -50.44 11.14
N LEU C 189 -24.05 -50.68 10.60
CA LEU C 189 -23.30 -51.93 10.78
C LEU C 189 -23.17 -52.41 12.22
N GLN C 190 -22.83 -51.50 13.13
CA GLN C 190 -22.74 -51.89 14.53
C GLN C 190 -24.04 -52.63 14.79
N GLY C 191 -25.14 -51.95 14.56
CA GLY C 191 -26.43 -52.57 14.79
C GLY C 191 -26.56 -53.97 14.20
N ARG C 192 -25.77 -54.25 13.17
CA ARG C 192 -25.83 -55.56 12.53
C ARG C 192 -24.71 -56.51 12.95
N LEU C 193 -24.09 -56.19 14.09
CA LEU C 193 -23.04 -56.98 14.72
C LEU C 193 -23.34 -56.83 16.19
N PRO C 194 -24.53 -57.26 16.61
CA PRO C 194 -24.90 -57.13 18.01
C PRO C 194 -24.00 -57.96 18.91
N ILE C 195 -23.81 -59.22 18.57
CA ILE C 195 -22.94 -60.10 19.34
C ILE C 195 -21.50 -59.62 19.25
N ARG C 196 -20.78 -59.60 20.37
CA ARG C 196 -19.39 -59.16 20.34
C ARG C 196 -18.46 -60.01 21.24
N VAL C 197 -17.92 -61.10 20.71
CA VAL C 197 -17.01 -61.92 21.54
C VAL C 197 -15.62 -61.34 21.51
N GLU C 198 -14.75 -61.89 22.34
CA GLU C 198 -13.38 -61.41 22.45
C GLU C 198 -12.42 -62.62 22.56
N LEU C 199 -11.25 -62.51 21.97
CA LEU C 199 -10.31 -63.63 22.05
C LEU C 199 -9.01 -63.19 22.70
N THR C 200 -8.60 -63.93 23.73
CA THR C 200 -7.37 -63.62 24.43
C THR C 200 -6.26 -64.18 23.58
N ALA C 201 -5.04 -63.74 23.83
CA ALA C 201 -3.90 -64.22 23.07
C ALA C 201 -3.35 -65.50 23.67
N LEU C 202 -2.75 -66.32 22.81
CA LEU C 202 -2.17 -67.59 23.25
C LEU C 202 -0.89 -67.31 24.00
N SER C 203 -0.70 -68.04 25.11
CA SER C 203 0.47 -67.87 25.96
C SER C 203 1.08 -69.19 26.36
N ALA C 204 2.35 -69.36 25.96
CA ALA C 204 3.18 -70.54 26.25
C ALA C 204 2.39 -71.79 26.57
N ALA C 205 1.91 -71.86 27.82
CA ALA C 205 1.12 -72.98 28.31
C ALA C 205 0.04 -73.34 27.28
N ASP C 206 -0.37 -72.33 26.50
CA ASP C 206 -1.38 -72.48 25.46
C ASP C 206 -0.82 -73.32 24.32
N PHE C 207 0.32 -72.90 23.77
CA PHE C 207 0.95 -73.63 22.68
C PHE C 207 1.18 -75.06 23.12
N GLU C 208 1.81 -75.20 24.30
CA GLU C 208 2.07 -76.50 24.92
C GLU C 208 0.92 -77.49 24.61
N ARG C 209 -0.31 -76.98 24.52
CA ARG C 209 -1.48 -77.82 24.26
C ARG C 209 -1.87 -77.93 22.81
N ILE C 210 -1.69 -76.85 22.07
CA ILE C 210 -2.04 -76.84 20.66
C ILE C 210 -1.14 -77.81 19.90
N LEU C 211 0.09 -77.98 20.42
CA LEU C 211 1.06 -78.90 19.79
C LEU C 211 0.64 -80.35 19.87
N THR C 212 -0.16 -80.69 20.88
CA THR C 212 -0.52 -82.08 21.12
C THR C 212 -1.96 -82.52 21.21
N GLU C 213 -2.81 -81.68 21.82
CA GLU C 213 -4.22 -82.03 22.03
C GLU C 213 -5.13 -82.04 20.80
N PRO C 214 -5.27 -80.89 20.12
CA PRO C 214 -6.11 -80.74 18.92
C PRO C 214 -6.15 -81.96 18.01
N HIS C 215 -7.25 -82.10 17.29
CA HIS C 215 -7.40 -83.23 16.39
C HIS C 215 -6.43 -83.04 15.24
N ALA C 216 -5.41 -83.90 15.18
CA ALA C 216 -4.40 -83.82 14.15
C ALA C 216 -3.52 -82.59 14.40
N SER C 217 -2.96 -82.49 15.60
CA SER C 217 -2.10 -81.35 15.96
C SER C 217 -0.79 -81.41 15.18
N LEU C 218 0.07 -80.42 15.39
CA LEU C 218 1.32 -80.40 14.66
C LEU C 218 2.13 -81.67 14.84
N THR C 219 2.43 -82.01 16.09
CA THR C 219 3.21 -83.19 16.39
C THR C 219 2.49 -84.44 15.92
N GLU C 220 1.19 -84.50 16.20
CA GLU C 220 0.43 -85.66 15.75
C GLU C 220 0.77 -85.77 14.27
N GLN C 221 0.62 -84.64 13.57
CA GLN C 221 0.87 -84.55 12.13
C GLN C 221 2.21 -85.12 11.69
N TYR C 222 3.30 -84.52 12.17
CA TYR C 222 4.65 -84.98 11.84
C TYR C 222 4.82 -86.45 12.15
N LYS C 223 4.44 -86.87 13.36
CA LYS C 223 4.57 -88.27 13.71
C LYS C 223 4.04 -89.14 12.58
N ALA C 224 2.87 -88.79 12.09
CA ALA C 224 2.28 -89.61 11.03
C ALA C 224 3.02 -89.47 9.70
N LEU C 225 3.58 -88.29 9.48
CA LEU C 225 4.29 -88.03 8.25
C LEU C 225 5.60 -88.82 8.13
N MET C 226 6.38 -88.86 9.20
CA MET C 226 7.62 -89.60 9.17
C MET C 226 7.22 -91.05 9.04
N ALA C 227 6.10 -91.39 9.65
CA ALA C 227 5.59 -92.75 9.60
C ALA C 227 5.57 -93.31 8.17
N THR C 228 5.63 -92.45 7.16
CA THR C 228 5.60 -92.94 5.78
C THR C 228 6.97 -93.40 5.28
N GLU C 229 8.03 -92.73 5.73
CA GLU C 229 9.38 -93.08 5.32
C GLU C 229 9.89 -94.32 6.05
N GLY C 230 9.17 -94.71 7.09
CA GLY C 230 9.57 -95.85 7.88
C GLY C 230 10.07 -95.36 9.23
N VAL C 231 10.43 -94.09 9.32
CA VAL C 231 10.90 -93.53 10.59
C VAL C 231 9.79 -93.47 11.61
N ASN C 232 10.14 -93.60 12.88
CA ASN C 232 9.17 -93.56 13.98
C ASN C 232 9.60 -92.50 14.98
N ILE C 233 8.97 -91.33 14.91
CA ILE C 233 9.37 -90.24 15.80
C ILE C 233 8.52 -90.14 17.06
N ALA C 234 9.01 -89.37 18.02
CA ALA C 234 8.25 -89.21 19.25
C ALA C 234 8.67 -87.92 19.97
N PHE C 235 7.67 -87.27 20.55
CA PHE C 235 7.93 -86.03 21.26
C PHE C 235 7.76 -86.29 22.74
N THR C 236 8.66 -85.73 23.51
CA THR C 236 8.64 -85.89 24.94
C THR C 236 8.25 -84.59 25.63
N THR C 237 7.26 -84.73 26.50
CA THR C 237 6.72 -83.65 27.31
C THR C 237 7.55 -82.37 27.34
N ASP C 238 8.80 -82.48 27.79
CA ASP C 238 9.68 -81.32 27.90
C ASP C 238 10.06 -80.73 26.55
N ALA C 239 10.11 -81.58 25.52
CA ALA C 239 10.44 -81.10 24.18
C ALA C 239 9.38 -80.08 23.82
N VAL C 240 8.13 -80.53 23.71
CA VAL C 240 7.00 -79.66 23.44
C VAL C 240 7.05 -78.44 24.38
N LYS C 241 6.91 -78.69 25.67
CA LYS C 241 6.96 -77.59 26.62
C LYS C 241 8.10 -76.64 26.27
N LYS C 242 9.08 -77.15 25.54
CA LYS C 242 10.25 -76.35 25.15
C LYS C 242 9.96 -75.70 23.80
N ILE C 243 9.37 -76.49 22.91
CA ILE C 243 9.01 -76.02 21.59
C ILE C 243 8.11 -74.80 21.76
N ALA C 244 7.02 -75.03 22.51
CA ALA C 244 6.02 -74.01 22.81
C ALA C 244 6.60 -72.77 23.45
N GLU C 245 7.29 -72.94 24.58
CA GLU C 245 7.91 -71.82 25.25
C GLU C 245 8.72 -71.06 24.21
N ALA C 246 9.31 -71.83 23.29
CA ALA C 246 10.13 -71.25 22.25
C ALA C 246 9.26 -70.31 21.44
N ALA C 247 8.29 -70.86 20.71
CA ALA C 247 7.38 -70.07 19.88
C ALA C 247 7.01 -68.80 20.60
N PHE C 248 6.62 -68.92 21.86
CA PHE C 248 6.26 -67.74 22.62
C PHE C 248 7.42 -66.76 22.58
N ARG C 249 8.57 -67.21 23.04
CA ARG C 249 9.78 -66.40 23.10
C ARG C 249 9.94 -65.42 21.95
N VAL C 250 9.75 -65.90 20.72
CA VAL C 250 9.92 -65.02 19.56
C VAL C 250 8.72 -64.11 19.28
N ASN C 251 7.51 -64.67 19.21
CA ASN C 251 6.37 -63.81 18.95
C ASN C 251 6.60 -62.58 19.79
N GLU C 252 6.99 -62.80 21.04
CA GLU C 252 7.24 -61.71 21.96
C GLU C 252 8.37 -60.81 21.49
N LYS C 253 9.58 -61.37 21.41
CA LYS C 253 10.74 -60.61 21.00
C LYS C 253 10.65 -60.01 19.60
N THR C 254 10.30 -60.81 18.60
CA THR C 254 10.18 -60.27 17.23
C THR C 254 8.75 -59.85 16.90
N GLU C 255 8.27 -60.22 15.73
CA GLU C 255 6.91 -59.88 15.32
C GLU C 255 5.97 -61.01 15.67
N ASN C 256 5.04 -60.73 16.57
CA ASN C 256 4.06 -61.73 17.00
C ASN C 256 3.08 -62.16 15.91
N ILE C 257 3.37 -63.29 15.26
CA ILE C 257 2.49 -63.78 14.21
C ILE C 257 1.47 -64.77 14.73
N GLY C 258 1.30 -64.83 16.04
CA GLY C 258 0.35 -65.77 16.61
C GLY C 258 0.79 -67.23 16.65
N ALA C 259 -0.17 -68.14 16.61
CA ALA C 259 0.08 -69.57 16.69
C ALA C 259 0.78 -70.17 15.47
N ARG C 260 0.88 -69.40 14.39
CA ARG C 260 1.54 -69.90 13.18
C ARG C 260 3.01 -70.16 13.47
N ARG C 261 3.48 -69.51 14.53
CA ARG C 261 4.85 -69.62 15.00
C ARG C 261 5.22 -71.07 15.31
N LEU C 262 4.22 -71.88 15.60
CA LEU C 262 4.49 -73.28 15.88
C LEU C 262 4.88 -73.88 14.55
N HIS C 263 4.12 -73.54 13.52
CA HIS C 263 4.42 -74.07 12.20
C HIS C 263 5.84 -73.74 11.81
N THR C 264 6.23 -72.50 12.08
CA THR C 264 7.55 -72.00 11.80
C THR C 264 8.61 -72.75 12.58
N VAL C 265 8.42 -72.78 13.90
CA VAL C 265 9.32 -73.43 14.84
C VAL C 265 9.39 -74.92 14.62
N MET C 266 8.25 -75.55 14.44
CA MET C 266 8.26 -76.97 14.21
C MET C 266 9.11 -77.37 13.02
N GLU C 267 9.01 -76.60 11.94
CA GLU C 267 9.76 -76.88 10.72
C GLU C 267 11.24 -76.64 10.97
N ARG C 268 11.56 -75.50 11.60
CA ARG C 268 12.96 -75.21 11.89
C ARG C 268 13.52 -76.40 12.60
N LEU C 269 12.73 -76.94 13.54
CA LEU C 269 13.14 -78.10 14.31
C LEU C 269 13.16 -79.37 13.47
N MET C 270 12.01 -79.74 12.92
CA MET C 270 11.88 -80.94 12.11
C MET C 270 12.71 -80.97 10.81
N ASP C 271 13.51 -79.92 10.59
CA ASP C 271 14.41 -79.78 9.43
C ASP C 271 15.20 -81.06 9.12
N LYS C 272 16.25 -81.29 9.93
CA LYS C 272 17.17 -82.43 9.85
C LYS C 272 16.48 -83.78 9.63
N ILE C 273 15.48 -84.09 10.45
CA ILE C 273 14.77 -85.36 10.30
C ILE C 273 14.05 -85.44 8.94
N SER C 274 13.30 -84.39 8.62
CA SER C 274 12.51 -84.30 7.40
C SER C 274 13.25 -84.74 6.15
N PHE C 275 14.49 -84.28 6.01
CA PHE C 275 15.33 -84.62 4.85
C PHE C 275 15.91 -86.04 4.95
N SER C 276 16.58 -86.32 6.06
CA SER C 276 17.20 -87.62 6.29
C SER C 276 16.23 -88.78 6.43
N ALA C 277 15.03 -88.48 6.88
CA ALA C 277 13.99 -89.49 7.08
C ALA C 277 14.03 -90.70 6.16
N SER C 278 14.01 -90.49 4.86
CA SER C 278 14.00 -91.61 3.92
C SER C 278 15.10 -92.60 4.19
N ASP C 279 16.26 -92.09 4.60
CA ASP C 279 17.42 -92.93 4.85
C ASP C 279 17.38 -93.71 6.16
N MET C 280 16.36 -93.49 6.97
CA MET C 280 16.26 -94.16 8.27
C MET C 280 15.15 -95.19 8.39
N ASN C 281 14.68 -95.69 7.24
CA ASN C 281 13.59 -96.66 7.19
C ASN C 281 13.75 -97.72 8.25
N GLY C 282 12.93 -97.66 9.29
CA GLY C 282 13.02 -98.66 10.35
C GLY C 282 13.44 -98.16 11.73
N GLN C 283 14.32 -97.17 11.78
CA GLN C 283 14.79 -96.64 13.06
C GLN C 283 13.74 -95.86 13.85
N THR C 284 14.18 -95.19 14.90
CA THR C 284 13.22 -94.43 15.69
C THR C 284 13.85 -93.17 16.27
N VAL C 285 13.55 -92.04 15.64
CA VAL C 285 14.08 -90.78 16.13
C VAL C 285 13.27 -90.45 17.37
N ASN C 286 13.97 -89.93 18.37
CA ASN C 286 13.38 -89.56 19.64
C ASN C 286 13.67 -88.07 19.88
N ILE C 287 12.68 -87.21 19.62
CA ILE C 287 12.87 -85.78 19.82
C ILE C 287 12.62 -85.47 21.30
N ASP C 288 13.59 -84.80 21.93
CA ASP C 288 13.50 -84.43 23.34
C ASP C 288 14.13 -83.08 23.67
N ALA C 289 13.82 -82.57 24.86
CA ALA C 289 14.35 -81.29 25.35
C ALA C 289 15.71 -80.98 24.75
N ALA C 290 16.71 -81.80 25.08
CA ALA C 290 18.07 -81.61 24.59
C ALA C 290 18.07 -81.27 23.11
N TYR C 291 17.61 -82.22 22.30
CA TYR C 291 17.54 -82.05 20.85
C TYR C 291 17.05 -80.63 20.59
N VAL C 292 15.73 -80.47 20.61
CA VAL C 292 15.07 -79.19 20.40
C VAL C 292 16.03 -78.01 20.58
N ALA C 293 16.60 -77.91 21.77
CA ALA C 293 17.52 -76.84 22.12
C ALA C 293 18.66 -76.72 21.11
N ASP C 294 19.02 -77.82 20.45
CA ASP C 294 20.09 -77.81 19.46
C ASP C 294 19.61 -77.24 18.14
N ALA C 295 18.60 -77.89 17.55
CA ALA C 295 18.04 -77.45 16.25
C ALA C 295 17.60 -76.00 16.26
N LEU C 296 16.73 -75.64 17.18
CA LEU C 296 16.27 -74.27 17.25
C LEU C 296 17.49 -73.48 17.69
N GLY C 297 18.44 -74.20 18.27
CA GLY C 297 19.68 -73.62 18.77
C GLY C 297 19.68 -72.13 18.99
N GLU C 298 20.40 -71.42 18.13
CA GLU C 298 20.53 -69.98 18.20
C GLU C 298 19.21 -69.21 18.19
N VAL C 299 18.60 -69.02 19.36
CA VAL C 299 17.35 -68.26 19.46
C VAL C 299 17.69 -66.78 19.40
N VAL C 300 17.80 -66.25 18.18
CA VAL C 300 18.13 -64.84 17.96
C VAL C 300 17.55 -63.92 19.02
N GLU C 301 18.44 -63.26 19.75
CA GLU C 301 18.04 -62.34 20.82
C GLU C 301 17.54 -61.02 20.25
N ASN C 302 17.15 -60.12 21.14
CA ASN C 302 16.64 -58.79 20.76
C ASN C 302 17.34 -58.20 19.54
N GLU C 303 16.55 -57.60 18.65
CA GLU C 303 17.05 -56.99 17.42
C GLU C 303 17.68 -55.61 17.66
N ASP C 304 18.96 -55.49 17.32
CA ASP C 304 19.69 -54.23 17.51
C ASP C 304 19.14 -53.09 16.66
N LEU C 305 18.73 -52.02 17.33
CA LEU C 305 18.18 -50.84 16.68
C LEU C 305 19.06 -49.64 17.00
N SER C 306 20.17 -49.90 17.68
CA SER C 306 21.11 -48.85 18.05
C SER C 306 21.66 -48.14 16.81
N ARG C 307 21.20 -48.58 15.64
CA ARG C 307 21.63 -48.02 14.37
C ARG C 307 20.79 -46.80 13.94
N PHE C 308 19.75 -46.50 14.72
CA PHE C 308 18.88 -45.37 14.39
C PHE C 308 18.65 -44.46 15.60
N ILE C 309 19.31 -44.76 16.71
CA ILE C 309 19.17 -43.97 17.94
C ILE C 309 20.35 -43.03 18.03
N LEU C 310 20.07 -41.81 18.47
CA LEU C 310 21.12 -40.82 18.61
C LEU C 310 22.00 -41.23 19.78
N THR D 1 16.16 49.26 -51.56
CA THR D 1 16.13 49.76 -50.17
C THR D 1 14.71 49.95 -49.72
N THR D 2 14.49 49.78 -48.42
CA THR D 2 13.19 49.96 -47.81
C THR D 2 13.45 50.56 -46.44
N ILE D 3 12.74 51.63 -46.14
CA ILE D 3 12.88 52.30 -44.86
C ILE D 3 11.51 52.68 -44.38
N VAL D 4 11.06 52.06 -43.31
CA VAL D 4 9.74 52.38 -42.80
C VAL D 4 9.84 52.72 -41.32
N SER D 5 8.89 53.54 -40.87
CA SER D 5 8.82 53.97 -39.48
C SER D 5 7.38 54.03 -38.99
N VAL D 6 7.16 53.50 -37.79
CA VAL D 6 5.83 53.49 -37.19
C VAL D 6 5.92 54.14 -35.81
N ARG D 7 4.87 54.87 -35.43
CA ARG D 7 4.83 55.56 -34.15
C ARG D 7 3.54 55.31 -33.37
N ARG D 8 3.65 54.65 -32.23
CA ARG D 8 2.47 54.39 -31.41
C ARG D 8 2.83 54.17 -29.95
N ASN D 9 1.97 54.67 -29.07
CA ASN D 9 2.15 54.54 -27.62
C ASN D 9 3.54 54.97 -27.14
N GLY D 10 3.86 56.24 -27.39
CA GLY D 10 5.15 56.78 -26.97
C GLY D 10 6.37 56.13 -27.60
N GLN D 11 6.14 55.26 -28.57
CA GLN D 11 7.25 54.59 -29.24
C GLN D 11 7.40 55.03 -30.68
N VAL D 12 8.64 55.25 -31.10
CA VAL D 12 8.92 55.67 -32.47
C VAL D 12 10.00 54.76 -33.02
N VAL D 13 9.64 53.99 -34.04
CA VAL D 13 10.58 53.07 -34.64
C VAL D 13 10.86 53.37 -36.11
N VAL D 14 12.13 53.45 -36.45
CA VAL D 14 12.52 53.70 -37.83
C VAL D 14 13.61 52.69 -38.18
N GLY D 15 13.25 51.72 -39.02
CA GLY D 15 14.21 50.71 -39.43
C GLY D 15 14.19 50.42 -40.91
N GLY D 16 15.29 49.86 -41.40
CA GLY D 16 15.39 49.52 -42.81
C GLY D 16 16.37 48.40 -43.11
N ASP D 17 16.28 47.88 -44.33
CA ASP D 17 17.15 46.81 -44.80
C ASP D 17 18.59 47.28 -44.77
N GLY D 18 19.45 46.53 -45.46
CA GLY D 18 20.86 46.89 -45.50
C GLY D 18 21.54 46.61 -46.82
N GLN D 19 20.78 46.47 -47.89
CA GLN D 19 21.33 46.17 -49.19
C GLN D 19 21.72 47.34 -50.10
N VAL D 20 22.99 47.34 -50.52
CA VAL D 20 23.50 48.34 -51.44
C VAL D 20 23.56 47.67 -52.81
N SER D 21 22.69 48.10 -53.72
CA SER D 21 22.62 47.49 -55.05
C SER D 21 23.25 48.32 -56.15
N LEU D 22 24.32 47.80 -56.75
CA LEU D 22 24.99 48.46 -57.88
C LEU D 22 24.38 47.81 -59.11
N GLY D 23 23.64 48.58 -59.89
CA GLY D 23 23.03 47.96 -61.05
C GLY D 23 22.29 46.76 -60.54
N ASN D 24 22.26 45.67 -61.29
CA ASN D 24 21.55 44.49 -60.85
C ASN D 24 22.40 43.51 -60.06
N THR D 25 23.40 44.01 -59.33
CA THR D 25 24.25 43.17 -58.51
C THR D 25 24.29 43.70 -57.09
N VAL D 26 24.87 42.96 -56.16
CA VAL D 26 24.91 43.40 -54.77
C VAL D 26 26.28 43.83 -54.23
N MET D 27 26.37 45.09 -53.84
CA MET D 27 27.61 45.65 -53.32
C MET D 27 27.88 45.07 -51.95
N LYS D 28 26.94 45.29 -51.05
CA LYS D 28 27.08 44.78 -49.70
C LYS D 28 25.71 44.65 -49.04
N GLY D 29 25.48 43.48 -48.47
CA GLY D 29 24.21 43.20 -47.81
C GLY D 29 24.04 43.90 -46.48
N ASN D 30 25.13 44.10 -45.75
CA ASN D 30 25.05 44.77 -44.46
C ASN D 30 25.36 46.24 -44.68
N ALA D 31 24.41 47.10 -44.32
CA ALA D 31 24.58 48.53 -44.46
C ALA D 31 23.66 49.17 -43.46
N ARG D 32 24.14 50.16 -42.73
CA ARG D 32 23.26 50.82 -41.77
C ARG D 32 22.54 51.99 -42.45
N LYS D 33 21.27 51.82 -42.76
CA LYS D 33 20.54 52.86 -43.46
C LYS D 33 19.75 53.78 -42.52
N VAL D 34 19.68 53.38 -41.25
CA VAL D 34 18.99 54.15 -40.22
C VAL D 34 20.09 54.44 -39.22
N ARG D 35 20.19 55.67 -38.75
CA ARG D 35 21.24 56.04 -37.81
C ARG D 35 20.75 57.07 -36.80
N ARG D 36 21.59 57.42 -35.83
CA ARG D 36 21.21 58.38 -34.79
C ARG D 36 21.89 59.74 -34.96
N LEU D 37 21.15 60.78 -34.62
CA LEU D 37 21.63 62.14 -34.73
C LEU D 37 21.41 62.94 -33.46
N TYR D 38 22.01 64.12 -33.42
CA TYR D 38 21.90 65.03 -32.28
C TYR D 38 22.11 64.26 -30.97
N ASN D 39 23.38 63.96 -30.66
CA ASN D 39 23.74 63.26 -29.45
C ASN D 39 22.99 61.94 -29.31
N GLY D 40 22.23 61.58 -30.34
CA GLY D 40 21.48 60.34 -30.33
C GLY D 40 20.06 60.47 -29.81
N LYS D 41 19.38 61.54 -30.19
CA LYS D 41 18.01 61.76 -29.73
C LYS D 41 17.01 61.94 -30.87
N VAL D 42 17.48 61.84 -32.10
CA VAL D 42 16.60 61.95 -33.28
C VAL D 42 16.99 60.88 -34.29
N LEU D 43 16.00 60.14 -34.76
CA LEU D 43 16.24 59.05 -35.70
C LEU D 43 16.21 59.43 -37.18
N ALA D 44 17.09 58.79 -37.94
CA ALA D 44 17.23 59.04 -39.36
C ALA D 44 17.41 57.78 -40.22
N GLY D 45 16.87 57.82 -41.43
CA GLY D 45 16.97 56.70 -42.36
C GLY D 45 16.93 57.27 -43.76
N PHE D 46 17.98 57.01 -44.56
CA PHE D 46 18.06 57.55 -45.92
C PHE D 46 17.86 56.58 -47.05
N ALA D 47 17.29 57.06 -48.14
CA ALA D 47 17.04 56.22 -49.29
C ALA D 47 17.53 56.86 -50.58
N GLY D 48 17.62 56.06 -51.64
CA GLY D 48 18.06 56.58 -52.92
C GLY D 48 19.49 56.22 -53.28
N GLY D 49 20.23 57.21 -53.78
CA GLY D 49 21.61 56.99 -54.17
C GLY D 49 22.55 57.17 -53.01
N THR D 50 23.35 56.15 -52.72
CA THR D 50 24.30 56.18 -51.63
C THR D 50 24.90 57.58 -51.45
N ALA D 51 25.47 58.10 -52.53
CA ALA D 51 26.10 59.41 -52.54
C ALA D 51 25.15 60.51 -52.10
N ASP D 52 24.09 60.71 -52.87
CA ASP D 52 23.13 61.77 -52.57
C ASP D 52 22.33 61.58 -51.28
N ALA D 53 22.17 60.34 -50.84
CA ALA D 53 21.45 60.08 -49.59
C ALA D 53 22.32 60.59 -48.46
N PHE D 54 23.57 60.15 -48.43
CA PHE D 54 24.52 60.59 -47.42
C PHE D 54 24.67 62.09 -47.41
N THR D 55 24.77 62.71 -48.58
CA THR D 55 24.94 64.15 -48.60
C THR D 55 23.66 64.87 -48.17
N LEU D 56 22.52 64.17 -48.22
CA LEU D 56 21.26 64.76 -47.77
C LEU D 56 21.27 64.70 -46.25
N PHE D 57 21.51 63.51 -45.74
CA PHE D 57 21.61 63.25 -44.32
C PHE D 57 22.49 64.31 -43.65
N GLU D 58 23.76 64.39 -44.07
CA GLU D 58 24.68 65.37 -43.50
C GLU D 58 24.11 66.78 -43.44
N LEU D 59 23.44 67.19 -44.50
CA LEU D 59 22.88 68.53 -44.51
C LEU D 59 21.79 68.69 -43.49
N PHE D 60 21.06 67.62 -43.22
CA PHE D 60 20.00 67.70 -42.22
C PHE D 60 20.63 67.77 -40.85
N GLU D 61 21.80 67.15 -40.74
CA GLU D 61 22.55 67.12 -39.49
C GLU D 61 23.04 68.51 -39.08
N ARG D 62 23.52 69.30 -40.03
CA ARG D 62 24.02 70.62 -39.71
C ARG D 62 22.89 71.48 -39.15
N LYS D 63 21.74 71.39 -39.79
CA LYS D 63 20.58 72.16 -39.37
C LYS D 63 20.23 71.89 -37.92
N LEU D 64 20.11 70.62 -37.56
CA LEU D 64 19.78 70.26 -36.19
C LEU D 64 20.74 70.96 -35.23
N GLU D 65 22.02 70.67 -35.36
CA GLU D 65 23.03 71.27 -34.52
C GLU D 65 22.78 72.78 -34.42
N MET D 66 22.25 73.38 -35.48
CA MET D 66 21.98 74.82 -35.52
C MET D 66 20.62 75.28 -35.02
N HIS D 67 19.74 74.35 -34.67
CA HIS D 67 18.41 74.71 -34.16
C HIS D 67 17.97 73.89 -32.94
N GLN D 68 18.77 73.93 -31.88
CA GLN D 68 18.47 73.21 -30.65
C GLN D 68 17.79 71.88 -30.93
N GLY D 69 18.18 71.24 -32.02
CA GLY D 69 17.60 69.97 -32.39
C GLY D 69 16.12 69.97 -32.73
N HIS D 70 15.47 71.13 -32.61
CA HIS D 70 14.06 71.20 -32.94
C HIS D 70 13.82 70.74 -34.37
N LEU D 71 13.50 69.45 -34.49
CA LEU D 71 13.25 68.76 -35.75
C LEU D 71 12.48 69.57 -36.80
N LEU D 72 11.16 69.54 -36.73
CA LEU D 72 10.30 70.27 -37.66
C LEU D 72 10.97 71.54 -38.22
N LYS D 73 11.37 72.44 -37.34
CA LYS D 73 12.02 73.68 -37.75
C LYS D 73 13.16 73.31 -38.69
N SER D 74 14.16 72.64 -38.13
CA SER D 74 15.36 72.22 -38.86
C SER D 74 15.02 71.79 -40.29
N ALA D 75 13.97 70.99 -40.42
CA ALA D 75 13.54 70.51 -41.73
C ALA D 75 13.18 71.68 -42.63
N VAL D 76 12.11 72.39 -42.29
CA VAL D 76 11.66 73.52 -43.10
C VAL D 76 12.81 74.43 -43.50
N GLU D 77 13.80 74.56 -42.62
CA GLU D 77 14.94 75.38 -42.92
C GLU D 77 15.65 74.81 -44.13
N LEU D 78 16.10 73.56 -44.00
CA LEU D 78 16.80 72.87 -45.08
C LEU D 78 16.00 72.96 -46.36
N ALA D 79 14.71 72.67 -46.26
CA ALA D 79 13.84 72.71 -47.42
C ALA D 79 14.01 74.06 -48.07
N LYS D 80 13.96 75.12 -47.26
CA LYS D 80 14.12 76.48 -47.74
C LYS D 80 15.31 76.66 -48.68
N ASP D 81 16.44 76.07 -48.34
CA ASP D 81 17.64 76.19 -49.15
C ASP D 81 17.44 75.82 -50.61
N TRP D 82 16.47 74.95 -50.89
CA TRP D 82 16.20 74.56 -52.26
C TRP D 82 15.21 75.54 -52.88
N ARG D 83 14.40 76.20 -52.05
CA ARG D 83 13.42 77.15 -52.53
C ARG D 83 13.91 78.59 -52.66
N THR D 84 15.11 78.86 -52.18
CA THR D 84 15.66 80.22 -52.25
C THR D 84 15.60 80.81 -53.65
N ASP D 85 16.68 80.65 -54.40
CA ASP D 85 16.76 81.19 -55.76
C ASP D 85 17.78 80.44 -56.62
N ARG D 86 18.86 79.99 -55.99
CA ARG D 86 19.90 79.26 -56.71
C ARG D 86 19.74 77.76 -56.48
N ALA D 87 19.07 77.10 -57.42
CA ALA D 87 18.81 75.66 -57.36
C ALA D 87 20.04 74.84 -56.98
N LEU D 88 20.04 74.32 -55.75
CA LEU D 88 21.15 73.51 -55.26
C LEU D 88 21.22 72.19 -56.00
N ARG D 89 22.36 71.51 -55.89
CA ARG D 89 22.60 70.23 -56.54
C ARG D 89 21.38 69.36 -56.78
N LYS D 90 20.38 69.46 -55.90
CA LYS D 90 19.17 68.67 -56.06
C LYS D 90 19.50 67.17 -55.94
N LEU D 91 19.83 66.76 -54.73
CA LEU D 91 20.17 65.38 -54.42
C LEU D 91 19.00 64.44 -54.68
N GLU D 92 19.25 63.33 -55.38
CA GLU D 92 18.18 62.39 -55.64
C GLU D 92 18.18 61.31 -54.55
N ALA D 93 17.42 61.58 -53.49
CA ALA D 93 17.31 60.65 -52.36
C ALA D 93 16.14 61.05 -51.48
N MET D 94 15.97 60.32 -50.38
CA MET D 94 14.91 60.62 -49.43
C MET D 94 15.27 60.18 -48.03
N LEU D 95 14.85 60.99 -47.06
CA LEU D 95 15.09 60.77 -45.64
C LEU D 95 13.82 60.74 -44.80
N ILE D 96 13.80 59.79 -43.87
CA ILE D 96 12.70 59.62 -42.93
C ILE D 96 13.34 59.92 -41.59
N VAL D 97 12.93 61.02 -40.97
CA VAL D 97 13.47 61.41 -39.67
C VAL D 97 12.37 61.63 -38.65
N ALA D 98 12.68 61.31 -37.40
CA ALA D 98 11.73 61.43 -36.31
C ALA D 98 12.39 61.34 -34.93
N ASP D 99 11.68 61.80 -33.92
CA ASP D 99 12.16 61.77 -32.55
C ASP D 99 10.97 61.71 -31.61
N GLU D 100 11.17 62.12 -30.35
CA GLU D 100 10.08 62.09 -29.38
C GLU D 100 8.88 62.95 -29.80
N LYS D 101 9.13 63.97 -30.63
CA LYS D 101 8.09 64.88 -31.09
C LYS D 101 7.24 64.41 -32.27
N GLU D 102 7.84 64.36 -33.46
CA GLU D 102 7.12 63.93 -34.67
C GLU D 102 7.96 63.17 -35.70
N SER D 103 7.29 62.67 -36.73
CA SER D 103 7.94 61.95 -37.82
C SER D 103 7.87 62.86 -39.04
N LEU D 104 8.76 62.66 -40.00
CA LEU D 104 8.77 63.55 -41.15
C LEU D 104 9.71 63.02 -42.20
N ILE D 105 9.27 63.03 -43.46
CA ILE D 105 10.18 62.60 -44.54
C ILE D 105 10.53 63.85 -45.31
N ILE D 106 11.74 63.87 -45.85
CA ILE D 106 12.25 65.02 -46.60
C ILE D 106 12.89 64.59 -47.90
N THR D 107 12.41 65.13 -49.02
CA THR D 107 12.99 64.79 -50.31
C THR D 107 14.17 65.72 -50.51
N GLY D 108 15.05 65.38 -51.43
CA GLY D 108 16.20 66.22 -51.67
C GLY D 108 15.91 67.22 -52.76
N ILE D 109 14.65 67.30 -53.17
CA ILE D 109 14.24 68.25 -54.20
C ILE D 109 13.77 69.54 -53.56
N GLY D 110 13.42 69.47 -52.27
CA GLY D 110 13.00 70.69 -51.57
C GLY D 110 11.73 70.71 -50.74
N ASP D 111 11.24 69.56 -50.28
CA ASP D 111 10.01 69.55 -49.49
C ASP D 111 10.04 68.66 -48.26
N VAL D 112 9.19 68.99 -47.30
CA VAL D 112 9.04 68.24 -46.06
C VAL D 112 7.59 67.80 -46.04
N VAL D 113 7.35 66.51 -45.82
CA VAL D 113 5.98 66.04 -45.82
C VAL D 113 5.65 65.27 -44.56
N GLN D 114 4.39 65.35 -44.14
CA GLN D 114 3.93 64.66 -42.94
C GLN D 114 3.06 63.46 -43.19
N PRO D 115 3.09 62.51 -42.25
CA PRO D 115 2.32 61.25 -42.26
C PRO D 115 0.82 61.49 -42.22
N GLU D 116 0.04 60.53 -42.76
CA GLU D 116 -1.42 60.63 -42.76
C GLU D 116 -1.88 60.87 -41.34
N GLU D 117 -1.97 59.78 -40.57
CA GLU D 117 -2.40 59.83 -39.18
C GLU D 117 -1.90 58.55 -38.53
N ASP D 118 -1.89 57.48 -39.31
CA ASP D 118 -1.43 56.19 -38.80
C ASP D 118 0.03 56.30 -38.45
N GLN D 119 0.58 57.50 -38.57
CA GLN D 119 1.99 57.74 -38.25
C GLN D 119 2.87 56.69 -38.90
N ILE D 120 2.60 56.43 -40.17
CA ILE D 120 3.37 55.45 -40.90
C ILE D 120 4.05 56.15 -42.07
N LEU D 121 5.36 55.96 -42.17
CA LEU D 121 6.17 56.54 -43.24
C LEU D 121 7.08 55.49 -43.83
N ALA D 122 7.26 55.52 -45.15
CA ALA D 122 8.14 54.55 -45.77
C ALA D 122 8.62 54.96 -47.16
N ILE D 123 9.94 55.09 -47.28
CA ILE D 123 10.56 55.48 -48.53
C ILE D 123 11.38 54.33 -49.07
N GLY D 124 11.95 54.50 -50.25
CA GLY D 124 12.75 53.43 -50.82
C GLY D 124 11.95 52.73 -51.89
N SER D 125 12.54 51.76 -52.56
CA SER D 125 11.85 51.02 -53.61
C SER D 125 10.87 50.04 -52.99
N GLY D 126 11.17 49.59 -51.78
CA GLY D 126 10.30 48.65 -51.10
C GLY D 126 9.31 49.33 -50.18
N GLY D 127 9.52 50.61 -49.93
CA GLY D 127 8.63 51.37 -49.06
C GLY D 127 7.19 50.95 -49.11
N ASN D 128 6.46 51.41 -50.13
CA ASN D 128 5.06 51.09 -50.28
C ASN D 128 4.72 49.68 -49.81
N TYR D 129 5.59 48.70 -50.08
CA TYR D 129 5.34 47.33 -49.64
C TYR D 129 5.28 47.33 -48.10
N ALA D 130 6.39 47.69 -47.48
CA ALA D 130 6.47 47.73 -46.02
C ALA D 130 5.32 48.60 -45.51
N LEU D 131 5.01 49.66 -46.26
CA LEU D 131 3.92 50.57 -45.92
C LEU D 131 2.67 49.72 -45.78
N SER D 132 2.17 49.23 -46.91
CA SER D 132 0.98 48.38 -46.91
C SER D 132 0.97 47.45 -45.69
N ALA D 133 2.05 46.69 -45.52
CA ALA D 133 2.15 45.79 -44.40
C ALA D 133 1.79 46.55 -43.13
N ALA D 134 2.64 47.50 -42.75
CA ALA D 134 2.37 48.26 -41.54
C ALA D 134 0.99 48.93 -41.58
N ARG D 135 0.69 49.65 -42.66
CA ARG D 135 -0.61 50.31 -42.76
C ARG D 135 -1.68 49.31 -42.38
N ALA D 136 -1.41 48.04 -42.66
CA ALA D 136 -2.35 46.99 -42.28
C ALA D 136 -2.14 46.76 -40.80
N LEU D 137 -1.22 45.87 -40.45
CA LEU D 137 -0.92 45.59 -39.06
C LEU D 137 -1.52 46.62 -38.13
N VAL D 138 -0.95 47.81 -38.09
CA VAL D 138 -1.44 48.88 -37.22
C VAL D 138 -2.95 48.92 -37.08
N GLU D 139 -3.66 48.87 -38.19
CA GLU D 139 -5.12 48.91 -38.18
C GLU D 139 -5.76 47.63 -37.61
N ASN D 140 -4.98 46.56 -37.50
CA ASN D 140 -5.50 45.30 -36.99
C ASN D 140 -4.54 44.43 -36.18
N THR D 141 -4.05 44.97 -35.07
CA THR D 141 -3.16 44.24 -34.17
C THR D 141 -2.45 45.21 -33.25
N GLU D 142 -2.50 44.90 -31.96
CA GLU D 142 -1.87 45.74 -30.95
C GLU D 142 -0.37 45.47 -30.92
N LEU D 143 0.17 45.08 -32.08
CA LEU D 143 1.61 44.81 -32.18
C LEU D 143 2.36 46.08 -31.85
N SER D 144 3.49 45.95 -31.17
CA SER D 144 4.30 47.10 -30.80
C SER D 144 4.69 47.89 -32.05
N ALA D 145 5.37 49.01 -31.85
CA ALA D 145 5.83 49.81 -32.98
C ALA D 145 7.16 49.20 -33.43
N HIS D 146 7.96 48.78 -32.45
CA HIS D 146 9.25 48.16 -32.75
C HIS D 146 9.02 46.76 -33.31
N GLU D 147 7.75 46.35 -33.36
CA GLU D 147 7.39 45.03 -33.87
C GLU D 147 6.85 45.12 -35.30
N ILE D 148 5.91 46.02 -35.52
CA ILE D 148 5.32 46.20 -36.85
C ILE D 148 6.41 46.45 -37.88
N VAL D 149 7.28 47.39 -37.54
CA VAL D 149 8.41 47.75 -38.39
C VAL D 149 9.21 46.53 -38.79
N GLU D 150 9.59 45.72 -37.80
CA GLU D 150 10.38 44.51 -38.00
C GLU D 150 9.75 43.57 -39.02
N LYS D 151 8.44 43.36 -38.89
CA LYS D 151 7.73 42.48 -39.79
C LYS D 151 7.48 43.10 -41.17
N SER D 152 7.17 44.40 -41.18
CA SER D 152 6.90 45.10 -42.45
C SER D 152 8.12 45.09 -43.37
N LEU D 153 9.29 45.41 -42.82
CA LEU D 153 10.51 45.39 -43.63
C LEU D 153 10.59 44.02 -44.27
N ARG D 154 10.61 42.98 -43.45
CA ARG D 154 10.70 41.61 -43.95
C ARG D 154 9.70 41.33 -45.07
N ILE D 155 8.43 41.67 -44.88
CA ILE D 155 7.44 41.45 -45.92
C ILE D 155 7.93 42.06 -47.23
N ALA D 156 8.55 43.23 -47.12
CA ALA D 156 9.07 43.93 -48.29
C ALA D 156 10.20 43.13 -48.94
N GLY D 157 11.28 42.94 -48.19
CA GLY D 157 12.44 42.20 -48.69
C GLY D 157 12.10 40.94 -49.47
N ASP D 158 11.02 40.30 -49.08
CA ASP D 158 10.59 39.07 -49.75
C ASP D 158 9.87 39.41 -51.05
N ILE D 159 9.81 40.71 -51.34
CA ILE D 159 9.16 41.22 -52.55
C ILE D 159 10.09 42.10 -53.41
N CYS D 160 10.74 43.08 -52.80
CA CYS D 160 11.65 43.95 -53.55
C CYS D 160 13.03 43.32 -53.69
N VAL D 161 13.45 43.10 -54.94
CA VAL D 161 14.74 42.49 -55.21
C VAL D 161 15.92 43.37 -54.83
N PHE D 162 15.64 44.61 -54.45
CA PHE D 162 16.71 45.52 -54.04
C PHE D 162 16.70 45.73 -52.55
N THR D 163 15.88 44.95 -51.85
CA THR D 163 15.73 45.02 -50.40
C THR D 163 16.02 43.68 -49.72
N ASN D 164 17.11 43.60 -48.96
CA ASN D 164 17.46 42.34 -48.30
C ASN D 164 16.90 42.15 -46.88
N THR D 165 17.45 41.16 -46.17
CA THR D 165 17.01 40.79 -44.83
C THR D 165 17.84 41.27 -43.63
N ASN D 166 19.00 41.86 -43.89
CA ASN D 166 19.85 42.34 -42.79
C ASN D 166 19.38 43.73 -42.35
N PHE D 167 18.35 43.75 -41.49
CA PHE D 167 17.79 45.00 -40.99
C PHE D 167 18.60 45.67 -39.91
N THR D 168 18.11 46.85 -39.54
CA THR D 168 18.68 47.68 -38.50
C THR D 168 17.52 48.53 -38.01
N ILE D 169 17.04 48.23 -36.80
CA ILE D 169 15.90 48.96 -36.26
C ILE D 169 16.23 49.86 -35.09
N GLU D 170 16.37 51.14 -35.34
CA GLU D 170 16.67 52.07 -34.26
C GLU D 170 15.36 52.65 -33.72
N GLU D 171 15.09 52.39 -32.44
CA GLU D 171 13.89 52.90 -31.80
C GLU D 171 14.29 54.06 -30.91
N LEU D 172 13.32 54.72 -30.30
CA LEU D 172 13.63 55.84 -29.42
C LEU D 172 12.90 55.72 -28.07
N PRO D 173 13.61 55.23 -27.03
CA PRO D 173 12.98 55.09 -25.73
C PRO D 173 12.06 56.29 -25.49
N ASN D 174 12.55 57.42 -25.66
N THR E 1 -12.05 -7.15 21.72
CA THR E 1 -13.00 -8.28 21.98
C THR E 1 -12.79 -8.87 23.38
N THR E 2 -13.85 -9.48 23.90
CA THR E 2 -13.84 -10.09 25.21
C THR E 2 -15.03 -11.03 25.31
N ILE E 3 -14.74 -12.29 25.60
CA ILE E 3 -15.78 -13.28 25.77
C ILE E 3 -15.46 -13.90 27.10
N VAL E 4 -16.31 -13.67 28.09
CA VAL E 4 -16.06 -14.20 29.42
C VAL E 4 -17.25 -15.06 29.84
N SER E 5 -16.97 -16.22 30.42
CA SER E 5 -18.03 -17.11 30.86
C SER E 5 -17.93 -17.43 32.34
N VAL E 6 -19.09 -17.51 32.98
CA VAL E 6 -19.20 -17.82 34.41
C VAL E 6 -20.27 -18.87 34.59
N ARG E 7 -19.95 -19.86 35.42
CA ARG E 7 -20.86 -20.96 35.71
C ARG E 7 -21.21 -20.95 37.20
N ARG E 8 -22.50 -20.75 37.51
CA ARG E 8 -22.92 -20.70 38.91
C ARG E 8 -24.41 -20.98 39.14
N ASN E 9 -24.70 -21.79 40.15
CA ASN E 9 -26.07 -22.15 40.51
C ASN E 9 -26.92 -22.57 39.31
N GLY E 10 -26.50 -23.64 38.65
CA GLY E 10 -27.23 -24.15 37.51
C GLY E 10 -27.44 -23.11 36.44
N GLN E 11 -26.63 -22.07 36.48
CA GLN E 11 -26.71 -20.99 35.49
C GLN E 11 -25.41 -20.87 34.72
N VAL E 12 -25.52 -20.84 33.40
CA VAL E 12 -24.35 -20.72 32.55
C VAL E 12 -24.48 -19.44 31.75
N VAL E 13 -23.53 -18.53 31.96
CA VAL E 13 -23.57 -17.28 31.24
C VAL E 13 -22.36 -17.12 30.32
N VAL E 14 -22.62 -16.65 29.12
CA VAL E 14 -21.58 -16.42 28.15
C VAL E 14 -21.98 -15.20 27.34
N GLY E 15 -21.19 -14.14 27.46
CA GLY E 15 -21.49 -12.93 26.73
C GLY E 15 -20.22 -12.23 26.28
N GLY E 16 -20.38 -11.32 25.31
CA GLY E 16 -19.25 -10.58 24.80
C GLY E 16 -19.71 -9.21 24.37
N ASP E 17 -18.82 -8.45 23.73
CA ASP E 17 -19.18 -7.11 23.27
C ASP E 17 -19.68 -7.18 21.84
N GLY E 18 -19.37 -6.12 21.08
CA GLY E 18 -19.79 -6.07 19.70
C GLY E 18 -18.90 -5.16 18.89
N GLN E 19 -17.60 -5.20 19.17
CA GLN E 19 -16.66 -4.36 18.44
C GLN E 19 -15.77 -5.09 17.46
N VAL E 20 -16.14 -4.94 16.19
CA VAL E 20 -15.37 -5.54 15.12
C VAL E 20 -14.28 -4.56 14.78
N SER E 21 -13.05 -4.87 15.15
CA SER E 21 -11.94 -3.96 14.86
C SER E 21 -11.23 -4.24 13.54
N LEU E 22 -10.62 -3.19 13.00
CA LEU E 22 -9.87 -3.24 11.75
C LEU E 22 -8.78 -2.21 11.86
N GLY E 23 -7.56 -2.67 12.12
CA GLY E 23 -6.45 -1.75 12.29
C GLY E 23 -6.60 -1.11 13.66
N ASN E 24 -6.95 0.17 13.68
CA ASN E 24 -7.15 0.86 14.93
C ASN E 24 -8.38 1.72 14.77
N THR E 25 -9.09 1.49 13.67
CA THR E 25 -10.31 2.20 13.40
C THR E 25 -11.36 1.16 13.77
N VAL E 26 -12.63 1.55 13.79
CA VAL E 26 -13.69 0.62 14.17
C VAL E 26 -14.70 0.28 13.08
N MET E 27 -14.66 -0.97 12.63
CA MET E 27 -15.56 -1.48 11.58
C MET E 27 -17.05 -1.45 11.91
N LYS E 28 -17.46 -2.27 12.86
CA LYS E 28 -18.84 -2.35 13.28
C LYS E 28 -18.92 -2.23 14.78
N GLY E 29 -19.96 -1.58 15.28
CA GLY E 29 -20.14 -1.39 16.71
C GLY E 29 -21.12 -2.32 17.39
N ASN E 30 -22.14 -2.77 16.66
CA ASN E 30 -23.16 -3.66 17.22
C ASN E 30 -23.02 -5.10 16.72
N ALA E 31 -22.05 -5.83 17.26
CA ALA E 31 -21.81 -7.21 16.84
C ALA E 31 -22.27 -8.24 17.85
N ARG E 32 -22.44 -9.47 17.38
CA ARG E 32 -22.86 -10.56 18.24
C ARG E 32 -21.81 -11.67 18.28
N LYS E 33 -20.85 -11.54 19.19
CA LYS E 33 -19.78 -12.50 19.32
C LYS E 33 -20.20 -13.79 20.03
N VAL E 34 -21.36 -13.74 20.69
CA VAL E 34 -21.90 -14.88 21.41
C VAL E 34 -23.23 -15.29 20.80
N ARG E 35 -23.38 -16.58 20.50
CA ARG E 35 -24.60 -17.07 19.88
C ARG E 35 -24.98 -18.46 20.36
N ARG E 36 -26.24 -18.83 20.11
CA ARG E 36 -26.78 -20.13 20.52
C ARG E 36 -26.77 -21.11 19.35
N LEU E 37 -26.62 -22.40 19.66
CA LEU E 37 -26.59 -23.44 18.65
C LEU E 37 -27.43 -24.65 19.05
N TYR E 38 -27.30 -25.73 18.27
CA TYR E 38 -28.03 -26.99 18.49
C TYR E 38 -29.39 -26.83 19.19
N ASN E 39 -30.44 -26.65 18.40
CA ASN E 39 -31.79 -26.46 18.94
C ASN E 39 -31.85 -25.29 19.91
N GLY E 40 -30.69 -24.70 20.20
CA GLY E 40 -30.61 -23.58 21.11
C GLY E 40 -30.08 -23.96 22.48
N LYS E 41 -29.72 -25.23 22.65
CA LYS E 41 -29.23 -25.71 23.94
C LYS E 41 -27.73 -25.59 24.20
N VAL E 42 -27.01 -24.94 23.29
CA VAL E 42 -25.58 -24.72 23.49
C VAL E 42 -25.18 -23.29 23.13
N LEU E 43 -24.31 -22.71 23.95
CA LEU E 43 -23.87 -21.34 23.72
C LEU E 43 -22.39 -21.31 23.37
N ALA E 44 -22.03 -20.44 22.44
CA ALA E 44 -20.65 -20.33 22.00
C ALA E 44 -20.23 -18.91 21.63
N GLY E 45 -19.15 -18.47 22.25
CA GLY E 45 -18.61 -17.14 21.98
C GLY E 45 -17.28 -17.34 21.29
N PHE E 46 -17.02 -16.55 20.25
CA PHE E 46 -15.80 -16.68 19.48
C PHE E 46 -15.05 -15.37 19.35
N ALA E 47 -13.75 -15.41 19.61
CA ALA E 47 -12.90 -14.25 19.52
C ALA E 47 -11.82 -14.52 18.47
N GLY E 48 -11.05 -13.50 18.13
CA GLY E 48 -9.99 -13.68 17.14
C GLY E 48 -10.26 -12.89 15.88
N GLY E 49 -10.05 -13.53 14.74
CA GLY E 49 -10.27 -12.86 13.47
C GLY E 49 -11.52 -13.35 12.77
N THR E 50 -12.42 -12.40 12.49
CA THR E 50 -13.67 -12.71 11.82
C THR E 50 -13.62 -13.98 10.99
N ALA E 51 -12.93 -13.91 9.86
CA ALA E 51 -12.80 -15.05 8.95
C ALA E 51 -12.73 -16.37 9.72
N ASP E 52 -11.60 -16.59 10.37
CA ASP E 52 -11.39 -17.81 11.13
C ASP E 52 -12.40 -17.99 12.26
N ALA E 53 -12.72 -16.93 12.99
CA ALA E 53 -13.70 -17.06 14.07
C ALA E 53 -14.99 -17.76 13.59
N PHE E 54 -15.58 -17.26 12.52
CA PHE E 54 -16.80 -17.89 12.00
C PHE E 54 -16.59 -19.33 11.55
N THR E 55 -15.58 -19.57 10.73
CA THR E 55 -15.32 -20.92 10.28
C THR E 55 -15.07 -21.85 11.49
N LEU E 56 -14.28 -21.38 12.44
CA LEU E 56 -13.99 -22.15 13.66
C LEU E 56 -15.32 -22.52 14.29
N PHE E 57 -16.18 -21.50 14.41
CA PHE E 57 -17.52 -21.64 14.97
C PHE E 57 -18.32 -22.66 14.18
N GLU E 58 -18.63 -22.34 12.93
CA GLU E 58 -19.40 -23.23 12.06
C GLU E 58 -18.93 -24.68 12.17
N LEU E 59 -17.63 -24.92 11.97
CA LEU E 59 -17.12 -26.28 12.06
C LEU E 59 -17.58 -27.01 13.30
N PHE E 60 -17.36 -26.39 14.47
CA PHE E 60 -17.78 -27.00 15.72
C PHE E 60 -19.25 -27.33 15.61
N GLU E 61 -19.99 -26.49 14.89
CA GLU E 61 -21.40 -26.75 14.76
C GLU E 61 -21.60 -28.03 13.96
N ARG E 62 -21.12 -28.04 12.72
CA ARG E 62 -21.24 -29.21 11.87
C ARG E 62 -20.88 -30.46 12.67
N LYS E 63 -20.24 -30.26 13.82
CA LYS E 63 -19.86 -31.38 14.67
C LYS E 63 -20.96 -31.73 15.65
N LEU E 64 -21.49 -30.72 16.34
CA LEU E 64 -22.56 -30.95 17.31
C LEU E 64 -23.67 -31.78 16.68
N GLU E 65 -24.07 -31.38 15.48
CA GLU E 65 -25.12 -32.07 14.76
C GLU E 65 -24.84 -33.56 14.67
N MET E 66 -23.63 -33.91 14.23
CA MET E 66 -23.24 -35.32 14.08
C MET E 66 -23.14 -36.10 15.38
N HIS E 67 -22.76 -35.42 16.46
CA HIS E 67 -22.63 -36.09 17.72
C HIS E 67 -23.70 -35.66 18.71
N GLN E 68 -24.94 -35.61 18.22
CA GLN E 68 -26.10 -35.26 19.04
C GLN E 68 -25.87 -34.15 20.06
N GLY E 69 -25.06 -33.17 19.71
CA GLY E 69 -24.83 -32.06 20.63
C GLY E 69 -24.13 -32.33 21.95
N HIS E 70 -23.15 -33.23 21.93
CA HIS E 70 -22.39 -33.53 23.15
C HIS E 70 -21.22 -32.55 23.21
N LEU E 71 -21.47 -31.38 23.78
CA LEU E 71 -20.48 -30.32 23.90
C LEU E 71 -19.09 -30.91 24.07
N LEU E 72 -18.94 -31.80 25.03
CA LEU E 72 -17.65 -32.42 25.27
C LEU E 72 -17.19 -33.24 24.07
N LYS E 73 -17.95 -34.27 23.69
CA LYS E 73 -17.54 -35.13 22.58
C LYS E 73 -17.28 -34.41 21.26
N SER E 74 -18.23 -33.59 20.84
CA SER E 74 -18.07 -32.88 19.58
C SER E 74 -16.72 -32.20 19.54
N ALA E 75 -16.46 -31.34 20.53
CA ALA E 75 -15.20 -30.62 20.62
C ALA E 75 -14.03 -31.54 20.34
N VAL E 76 -14.01 -32.65 21.07
CA VAL E 76 -12.95 -33.63 20.93
C VAL E 76 -12.68 -33.93 19.46
N GLU E 77 -13.71 -34.42 18.76
CA GLU E 77 -13.56 -34.75 17.35
C GLU E 77 -12.98 -33.58 16.56
N LEU E 78 -13.64 -32.42 16.66
CA LEU E 78 -13.19 -31.22 15.97
C LEU E 78 -11.70 -31.07 16.18
N ALA E 79 -11.25 -31.43 17.37
CA ALA E 79 -9.84 -31.35 17.71
C ALA E 79 -9.04 -32.38 16.89
N LYS E 80 -9.55 -33.60 16.84
CA LYS E 80 -8.88 -34.66 16.10
C LYS E 80 -8.50 -34.31 14.67
N ASP E 81 -9.31 -33.50 14.01
CA ASP E 81 -9.00 -33.15 12.63
C ASP E 81 -7.67 -32.41 12.43
N TRP E 82 -7.21 -31.73 13.48
CA TRP E 82 -5.95 -31.01 13.40
C TRP E 82 -4.78 -31.94 13.76
N ARG E 83 -4.99 -32.78 14.77
CA ARG E 83 -3.97 -33.71 15.21
C ARG E 83 -3.98 -35.01 14.44
N THR E 84 -3.49 -34.96 13.21
CA THR E 84 -3.45 -36.14 12.36
C THR E 84 -2.17 -36.11 11.52
N ASP E 85 -2.17 -36.85 10.41
CA ASP E 85 -1.00 -36.89 9.53
C ASP E 85 -1.19 -35.82 8.46
N ARG E 86 -2.45 -35.42 8.26
CA ARG E 86 -2.77 -34.40 7.25
C ARG E 86 -3.33 -33.14 7.90
N ALA E 87 -2.60 -32.05 7.74
CA ALA E 87 -2.97 -30.74 8.28
C ALA E 87 -4.40 -30.29 7.97
N LEU E 88 -4.86 -29.29 8.71
CA LEU E 88 -6.19 -28.71 8.54
C LEU E 88 -6.06 -27.19 8.70
N ARG E 89 -5.39 -26.57 7.74
CA ARG E 89 -5.16 -25.13 7.74
C ARG E 89 -4.59 -24.70 9.09
N LYS E 90 -5.35 -23.87 9.81
CA LYS E 90 -4.98 -23.36 11.12
C LYS E 90 -5.73 -22.06 11.32
N LEU E 91 -6.89 -22.15 11.97
CA LEU E 91 -7.71 -20.99 12.22
C LEU E 91 -7.05 -20.11 13.28
N GLU E 92 -7.18 -18.79 13.12
CA GLU E 92 -6.56 -17.87 14.07
C GLU E 92 -7.64 -17.26 14.97
N ALA E 93 -8.32 -18.13 15.72
CA ALA E 93 -9.37 -17.67 16.62
C ALA E 93 -9.78 -18.77 17.59
N MET E 94 -10.21 -18.35 18.79
CA MET E 94 -10.66 -19.29 19.81
C MET E 94 -12.16 -19.23 19.96
N LEU E 95 -12.69 -20.12 20.78
CA LEU E 95 -14.12 -20.19 20.98
C LEU E 95 -14.48 -20.68 22.39
N ILE E 96 -15.54 -20.12 22.95
CA ILE E 96 -16.01 -20.53 24.27
C ILE E 96 -17.38 -21.15 24.07
N VAL E 97 -17.45 -22.47 24.22
CA VAL E 97 -18.69 -23.20 24.05
C VAL E 97 -19.17 -23.71 25.40
N ALA E 98 -20.47 -23.63 25.64
CA ALA E 98 -21.02 -24.08 26.92
C ALA E 98 -22.46 -24.57 26.81
N ASP E 99 -22.77 -25.57 27.64
CA ASP E 99 -24.11 -26.17 27.70
C ASP E 99 -24.39 -26.78 29.09
N GLU E 100 -25.59 -27.35 29.22
CA GLU E 100 -26.06 -27.99 30.46
C GLU E 100 -25.01 -28.20 31.53
N LYS E 101 -24.01 -29.02 31.24
CA LYS E 101 -22.98 -29.29 32.24
C LYS E 101 -21.56 -29.27 31.69
N GLU E 102 -21.27 -28.34 30.78
CA GLU E 102 -19.94 -28.25 30.21
C GLU E 102 -19.61 -26.90 29.58
N SER E 103 -18.41 -26.43 29.88
CA SER E 103 -17.90 -25.17 29.34
C SER E 103 -16.49 -25.49 28.87
N LEU E 104 -16.17 -25.07 27.66
CA LEU E 104 -14.87 -25.35 27.12
C LEU E 104 -14.38 -24.23 26.23
N ILE E 105 -13.07 -24.15 26.10
CA ILE E 105 -12.48 -23.14 25.23
C ILE E 105 -11.85 -23.97 24.12
N ILE E 106 -12.17 -23.63 22.87
CA ILE E 106 -11.60 -24.35 21.74
C ILE E 106 -10.72 -23.43 20.93
N THR E 107 -9.60 -23.96 20.47
CA THR E 107 -8.69 -23.17 19.67
C THR E 107 -8.69 -23.73 18.25
N GLY E 108 -8.22 -22.94 17.28
CA GLY E 108 -8.18 -23.39 15.92
C GLY E 108 -6.87 -24.09 15.57
N ILE E 109 -6.29 -24.77 16.56
CA ILE E 109 -5.04 -25.49 16.38
C ILE E 109 -5.24 -26.96 16.70
N GLY E 110 -6.26 -27.25 17.51
CA GLY E 110 -6.56 -28.63 17.83
C GLY E 110 -6.56 -29.08 19.27
N ASP E 111 -7.15 -28.29 20.17
CA ASP E 111 -7.18 -28.68 21.56
C ASP E 111 -8.35 -28.07 22.32
N VAL E 112 -8.92 -28.88 23.22
CA VAL E 112 -10.03 -28.43 24.05
C VAL E 112 -9.48 -28.16 25.44
N VAL E 113 -10.09 -27.22 26.16
CA VAL E 113 -9.59 -26.89 27.48
C VAL E 113 -10.68 -26.68 28.53
N GLN E 114 -10.52 -27.38 29.65
CA GLN E 114 -11.46 -27.29 30.76
C GLN E 114 -10.98 -26.21 31.71
N PRO E 115 -11.92 -25.49 32.34
CA PRO E 115 -11.57 -24.43 33.28
C PRO E 115 -10.83 -25.02 34.48
N GLU E 116 -10.82 -24.29 35.59
CA GLU E 116 -10.15 -24.77 36.79
C GLU E 116 -11.13 -25.24 37.85
N GLU E 117 -11.66 -24.28 38.60
CA GLU E 117 -12.62 -24.56 39.65
C GLU E 117 -13.67 -23.45 39.65
N ASP E 118 -13.21 -22.20 39.48
CA ASP E 118 -14.12 -21.07 39.46
C ASP E 118 -15.00 -21.15 38.22
N GLN E 119 -14.81 -22.21 37.43
CA GLN E 119 -15.59 -22.44 36.22
C GLN E 119 -15.63 -21.22 35.29
N ILE E 120 -14.60 -20.39 35.35
CA ILE E 120 -14.56 -19.19 34.51
C ILE E 120 -13.65 -19.36 33.32
N LEU E 121 -13.99 -18.67 32.24
CA LEU E 121 -13.21 -18.72 31.00
C LEU E 121 -13.30 -17.39 30.27
N ALA E 122 -12.19 -16.97 29.65
CA ALA E 122 -12.18 -15.70 28.92
C ALA E 122 -11.16 -15.71 27.80
N ILE E 123 -11.62 -15.40 26.60
CA ILE E 123 -10.76 -15.37 25.44
C ILE E 123 -10.80 -13.98 24.81
N GLY E 124 -9.76 -13.65 24.06
CA GLY E 124 -9.71 -12.35 23.43
C GLY E 124 -8.76 -11.40 24.12
N SER E 125 -8.50 -10.29 23.44
CA SER E 125 -7.60 -9.26 23.94
C SER E 125 -8.01 -8.86 25.34
N GLY E 126 -9.31 -8.69 25.53
CA GLY E 126 -9.82 -8.30 26.83
C GLY E 126 -10.15 -9.49 27.69
N GLY E 127 -9.55 -10.63 27.37
CA GLY E 127 -9.81 -11.82 28.14
C GLY E 127 -9.46 -11.70 29.62
N ASN E 128 -8.17 -11.81 29.91
CA ASN E 128 -7.70 -11.75 31.28
C ASN E 128 -8.30 -10.58 32.05
N TYR E 129 -8.61 -9.50 31.35
CA TYR E 129 -9.22 -8.35 32.00
C TYR E 129 -10.58 -8.75 32.57
N ALA E 130 -11.45 -9.30 31.73
CA ALA E 130 -12.75 -9.73 32.20
C ALA E 130 -12.52 -10.88 33.19
N LEU E 131 -11.54 -11.71 32.89
CA LEU E 131 -11.22 -12.84 33.75
C LEU E 131 -11.02 -12.35 35.17
N SER E 132 -9.84 -11.80 35.45
CA SER E 132 -9.52 -11.30 36.77
C SER E 132 -10.81 -10.89 37.46
N ALA E 133 -11.45 -9.85 36.92
CA ALA E 133 -12.70 -9.36 37.46
C ALA E 133 -13.56 -10.55 37.89
N ALA E 134 -14.13 -11.26 36.92
CA ALA E 134 -14.97 -12.40 37.24
C ALA E 134 -14.33 -13.29 38.31
N ARG E 135 -13.15 -13.83 38.05
CA ARG E 135 -12.49 -14.70 39.02
C ARG E 135 -12.54 -14.15 40.44
N ALA E 136 -12.40 -12.84 40.56
CA ALA E 136 -12.43 -12.20 41.87
C ALA E 136 -13.88 -12.03 42.34
N LEU E 137 -14.65 -11.28 41.56
CA LEU E 137 -16.04 -11.01 41.87
C LEU E 137 -16.84 -12.32 41.84
N VAL E 138 -16.24 -13.38 42.37
CA VAL E 138 -16.87 -14.69 42.43
C VAL E 138 -16.51 -15.34 43.75
N GLU E 139 -15.23 -15.30 44.08
CA GLU E 139 -14.73 -15.88 45.32
C GLU E 139 -14.96 -14.93 46.49
N ASN E 140 -15.69 -13.84 46.25
CA ASN E 140 -15.96 -12.85 47.28
C ASN E 140 -17.28 -12.11 47.05
N THR E 141 -18.21 -12.75 46.34
CA THR E 141 -19.50 -12.15 46.04
C THR E 141 -20.60 -13.17 45.78
N GLU E 142 -21.84 -12.70 45.74
CA GLU E 142 -23.00 -13.54 45.52
C GLU E 142 -23.74 -13.19 44.22
N LEU E 143 -23.23 -12.20 43.50
CA LEU E 143 -23.85 -11.78 42.25
C LEU E 143 -23.99 -12.99 41.34
N SER E 144 -25.13 -13.10 40.67
CA SER E 144 -25.35 -14.22 39.77
C SER E 144 -24.39 -14.11 38.57
N ALA E 145 -24.24 -15.20 37.83
CA ALA E 145 -23.35 -15.23 36.68
C ALA E 145 -23.71 -14.14 35.67
N HIS E 146 -25.00 -14.00 35.39
CA HIS E 146 -25.48 -12.99 34.44
C HIS E 146 -24.91 -11.62 34.78
N GLU E 147 -24.90 -11.29 36.07
CA GLU E 147 -24.39 -10.00 36.54
C GLU E 147 -22.86 -9.97 36.39
N ILE E 148 -22.19 -10.84 37.15
CA ILE E 148 -20.72 -10.94 37.13
C ILE E 148 -20.20 -10.77 35.71
N VAL E 149 -20.71 -11.61 34.82
CA VAL E 149 -20.32 -11.55 33.42
C VAL E 149 -20.53 -10.11 32.95
N GLU E 150 -21.77 -9.65 33.02
CA GLU E 150 -22.14 -8.30 32.63
C GLU E 150 -21.13 -7.29 33.18
N LYS E 151 -20.80 -7.44 34.46
CA LYS E 151 -19.86 -6.53 35.12
C LYS E 151 -18.40 -6.64 34.68
N SER E 152 -17.87 -7.85 34.55
CA SER E 152 -16.47 -8.02 34.12
C SER E 152 -16.37 -7.54 32.67
N LEU E 153 -17.27 -8.05 31.85
CA LEU E 153 -17.35 -7.70 30.44
C LEU E 153 -17.19 -6.21 30.27
N ARG E 154 -17.81 -5.43 31.15
CA ARG E 154 -17.69 -3.99 31.06
C ARG E 154 -16.27 -3.61 31.48
N ILE E 155 -15.94 -3.90 32.73
CA ILE E 155 -14.63 -3.60 33.26
C ILE E 155 -13.58 -3.85 32.21
N ALA E 156 -13.80 -4.90 31.42
CA ALA E 156 -12.87 -5.26 30.35
C ALA E 156 -12.84 -4.16 29.28
N GLY E 157 -14.00 -3.89 28.70
CA GLY E 157 -14.09 -2.87 27.68
C GLY E 157 -13.47 -1.58 28.18
N ASP E 158 -13.47 -1.43 29.50
CA ASP E 158 -12.91 -0.24 30.16
C ASP E 158 -11.42 -0.19 29.95
N ILE E 159 -10.80 -1.37 30.02
CA ILE E 159 -9.36 -1.54 29.89
C ILE E 159 -8.86 -1.76 28.46
N CYS E 160 -9.57 -2.64 27.74
CA CYS E 160 -9.20 -2.98 26.38
C CYS E 160 -9.75 -2.02 25.33
N VAL E 161 -8.86 -1.36 24.60
CA VAL E 161 -9.28 -0.41 23.58
C VAL E 161 -10.05 -1.12 22.48
N PHE E 162 -9.78 -2.41 22.31
CA PHE E 162 -10.45 -3.18 21.26
C PHE E 162 -11.79 -3.76 21.68
N THR E 163 -12.23 -3.46 22.90
CA THR E 163 -13.52 -3.96 23.39
C THR E 163 -14.42 -2.81 23.81
N ASN E 164 -15.62 -2.76 23.25
CA ASN E 164 -16.57 -1.71 23.56
C ASN E 164 -17.56 -2.18 24.63
N THR E 165 -18.56 -1.36 24.93
CA THR E 165 -19.54 -1.71 25.96
C THR E 165 -20.85 -2.28 25.46
N ASN E 166 -21.03 -2.33 24.14
CA ASN E 166 -22.26 -2.88 23.57
C ASN E 166 -22.24 -4.41 23.72
N PHE E 167 -22.78 -4.88 24.85
CA PHE E 167 -22.82 -6.30 25.15
C PHE E 167 -23.97 -7.07 24.55
N THR E 168 -23.74 -8.37 24.50
CA THR E 168 -24.70 -9.34 24.00
C THR E 168 -24.43 -10.54 24.90
N ILE E 169 -25.39 -10.84 25.77
CA ILE E 169 -25.25 -11.96 26.69
C ILE E 169 -26.40 -12.93 26.54
N GLU E 170 -26.06 -14.21 26.53
CA GLU E 170 -27.06 -15.27 26.42
C GLU E 170 -26.77 -16.24 27.55
N GLU E 171 -27.82 -16.61 28.26
CA GLU E 171 -27.69 -17.53 29.39
C GLU E 171 -28.49 -18.79 29.09
N LEU E 172 -27.98 -19.93 29.52
CA LEU E 172 -28.67 -21.19 29.29
C LEU E 172 -29.73 -21.32 30.37
N PRO E 173 -31.01 -21.09 30.01
CA PRO E 173 -32.11 -21.18 30.97
C PRO E 173 -31.90 -22.35 31.91
N ASN E 174 -31.49 -23.42 31.41
N THR F 1 6.59 -25.13 31.13
CA THR F 1 6.46 -26.61 31.31
C THR F 1 7.81 -27.21 31.70
N THR F 2 7.75 -28.26 32.52
CA THR F 2 8.94 -28.96 32.97
C THR F 2 8.61 -30.42 33.24
N ILE F 3 9.46 -31.31 32.73
CA ILE F 3 9.29 -32.74 32.88
C ILE F 3 10.61 -33.41 33.17
N VAL F 4 10.70 -34.14 34.27
CA VAL F 4 11.93 -34.82 34.62
C VAL F 4 11.65 -36.31 34.87
N SER F 5 12.65 -37.15 34.69
CA SER F 5 12.50 -38.59 34.89
C SER F 5 13.75 -39.29 35.42
N VAL F 6 13.62 -39.86 36.62
CA VAL F 6 14.74 -40.56 37.26
C VAL F 6 14.54 -42.07 37.27
N ARG F 7 15.65 -42.79 37.36
CA ARG F 7 15.62 -44.25 37.38
C ARG F 7 16.69 -44.84 38.28
N ARG F 8 16.29 -45.24 39.48
CA ARG F 8 17.23 -45.85 40.41
C ARG F 8 16.51 -46.82 41.34
N ASN F 9 17.23 -47.87 41.76
CA ASN F 9 16.67 -48.89 42.63
C ASN F 9 15.42 -49.51 41.99
N GLY F 10 15.60 -50.11 40.82
CA GLY F 10 14.48 -50.72 40.12
C GLY F 10 13.25 -49.84 40.15
N GLN F 11 13.45 -48.54 39.96
CA GLN F 11 12.33 -47.59 39.98
C GLN F 11 12.42 -46.57 38.85
N VAL F 12 11.28 -46.30 38.21
CA VAL F 12 11.21 -45.35 37.11
C VAL F 12 10.15 -44.29 37.41
N VAL F 13 10.55 -43.02 37.38
CA VAL F 13 9.61 -41.95 37.66
C VAL F 13 9.71 -40.76 36.72
N VAL F 14 8.55 -40.29 36.26
CA VAL F 14 8.46 -39.15 35.37
C VAL F 14 7.33 -38.28 35.88
N GLY F 15 7.47 -36.97 35.75
CA GLY F 15 6.44 -36.07 36.21
C GLY F 15 6.62 -34.68 35.65
N GLY F 16 5.57 -33.87 35.74
CA GLY F 16 5.66 -32.51 35.24
C GLY F 16 4.71 -31.57 35.96
N ASP F 17 4.91 -30.28 35.79
CA ASP F 17 4.06 -29.29 36.41
C ASP F 17 2.69 -29.32 35.73
N GLY F 18 1.92 -28.24 35.90
CA GLY F 18 0.60 -28.18 35.30
C GLY F 18 0.28 -26.77 34.86
N GLN F 19 1.24 -26.14 34.18
CA GLN F 19 1.02 -24.77 33.72
C GLN F 19 0.91 -24.68 32.21
N VAL F 20 -0.30 -24.37 31.75
CA VAL F 20 -0.51 -24.18 30.33
C VAL F 20 -0.40 -22.67 30.14
N SER F 21 0.80 -22.23 29.83
CA SER F 21 1.06 -20.80 29.65
C SER F 21 0.63 -20.27 28.29
N LEU F 22 0.13 -19.04 28.26
CA LEU F 22 -0.32 -18.43 27.01
C LEU F 22 0.46 -17.15 26.81
N GLY F 23 1.48 -17.20 25.98
CA GLY F 23 2.30 -16.02 25.77
C GLY F 23 3.01 -15.75 27.08
N ASN F 24 2.49 -14.82 27.87
CA ASN F 24 3.08 -14.49 29.16
C ASN F 24 2.01 -14.58 30.24
N THR F 25 0.78 -14.83 29.82
CA THR F 25 -0.33 -14.94 30.73
C THR F 25 -0.54 -16.43 31.00
N VAL F 26 -1.31 -16.77 32.05
CA VAL F 26 -1.56 -18.16 32.40
C VAL F 26 -2.93 -18.66 31.95
N MET F 27 -2.97 -19.77 31.21
CA MET F 27 -4.27 -20.29 30.78
C MET F 27 -4.91 -21.09 31.89
N LYS F 28 -4.19 -22.11 32.37
CA LYS F 28 -4.72 -22.92 33.45
C LYS F 28 -3.58 -23.59 34.19
N GLY F 29 -3.80 -23.80 35.48
CA GLY F 29 -2.78 -24.43 36.31
C GLY F 29 -3.23 -25.68 37.06
N ASN F 30 -3.30 -26.80 36.31
CA ASN F 30 -3.67 -28.11 36.86
C ASN F 30 -3.65 -29.14 35.73
N ALA F 31 -2.83 -28.87 34.71
CA ALA F 31 -2.71 -29.74 33.55
C ALA F 31 -1.91 -31.01 33.81
N ARG F 32 -2.40 -32.12 33.30
CA ARG F 32 -1.73 -33.38 33.48
C ARG F 32 -0.74 -33.56 32.32
N LYS F 33 0.50 -33.13 32.51
CA LYS F 33 1.49 -33.24 31.45
C LYS F 33 2.07 -34.65 31.28
N VAL F 34 1.94 -35.46 32.33
CA VAL F 34 2.40 -36.84 32.29
C VAL F 34 1.19 -37.70 32.46
N ARG F 35 1.10 -38.76 31.66
CA ARG F 35 -0.03 -39.67 31.72
C ARG F 35 0.50 -41.04 31.36
N ARG F 36 -0.25 -42.09 31.67
CA ARG F 36 0.20 -43.46 31.38
C ARG F 36 -0.39 -43.99 30.08
N LEU F 37 0.22 -45.05 29.56
CA LEU F 37 -0.22 -45.68 28.31
C LEU F 37 -0.21 -47.19 28.41
N TYR F 38 -0.59 -47.82 27.30
CA TYR F 38 -0.65 -49.28 27.19
C TYR F 38 -1.19 -49.98 28.43
N ASN F 39 -2.49 -49.80 28.68
CA ASN F 39 -3.13 -50.42 29.84
C ASN F 39 -2.53 -49.88 31.13
N GLY F 40 -1.46 -49.09 30.98
CA GLY F 40 -0.80 -48.51 32.13
C GLY F 40 0.62 -48.99 32.38
N LYS F 41 1.19 -49.76 31.45
CA LYS F 41 2.54 -50.26 31.64
C LYS F 41 3.63 -49.30 31.12
N VAL F 42 3.24 -48.30 30.34
CA VAL F 42 4.20 -47.34 29.83
C VAL F 42 3.67 -45.92 30.03
N LEU F 43 4.40 -45.14 30.82
CA LEU F 43 4.01 -43.77 31.12
C LEU F 43 4.82 -42.74 30.33
N ALA F 44 4.17 -41.62 30.03
CA ALA F 44 4.77 -40.55 29.26
C ALA F 44 4.41 -39.17 29.77
N GLY F 45 5.26 -38.21 29.41
CA GLY F 45 5.08 -36.81 29.77
C GLY F 45 5.52 -36.00 28.57
N PHE F 46 4.72 -35.01 28.19
CA PHE F 46 5.04 -34.20 27.00
C PHE F 46 5.15 -32.71 27.21
N ALA F 47 6.18 -32.13 26.59
CA ALA F 47 6.47 -30.70 26.63
C ALA F 47 6.26 -30.07 25.26
N GLY F 48 6.51 -28.77 25.16
CA GLY F 48 6.37 -28.10 23.89
C GLY F 48 5.10 -27.27 23.77
N GLY F 49 4.41 -27.43 22.65
CA GLY F 49 3.18 -26.70 22.41
C GLY F 49 1.97 -27.59 22.54
N THR F 50 1.07 -27.24 23.44
CA THR F 50 -0.15 -28.00 23.68
C THR F 50 -0.62 -28.64 22.40
N ALA F 51 -0.62 -27.83 21.34
CA ALA F 51 -1.03 -28.26 20.02
C ALA F 51 -0.29 -29.54 19.63
N ASP F 52 1.00 -29.39 19.35
CA ASP F 52 1.85 -30.49 18.94
C ASP F 52 2.13 -31.47 20.09
N ALA F 53 2.01 -30.98 21.32
CA ALA F 53 2.27 -31.81 22.48
C ALA F 53 1.41 -33.07 22.45
N PHE F 54 0.11 -32.88 22.29
CA PHE F 54 -0.80 -34.02 22.23
C PHE F 54 -0.61 -34.84 20.98
N THR F 55 -0.70 -34.22 19.82
CA THR F 55 -0.54 -34.94 18.55
C THR F 55 0.61 -35.93 18.57
N LEU F 56 1.75 -35.52 19.12
CA LEU F 56 2.90 -36.42 19.20
C LEU F 56 2.50 -37.60 20.08
N PHE F 57 2.21 -37.30 21.34
CA PHE F 57 1.80 -38.31 22.30
C PHE F 57 0.79 -39.29 21.71
N GLU F 58 -0.39 -38.79 21.34
CA GLU F 58 -1.46 -39.62 20.77
C GLU F 58 -0.91 -40.52 19.67
N LEU F 59 0.06 -39.99 18.94
CA LEU F 59 0.67 -40.70 17.84
C LEU F 59 1.65 -41.78 18.29
N PHE F 60 2.40 -41.52 19.35
CA PHE F 60 3.36 -42.52 19.84
C PHE F 60 2.58 -43.73 20.37
N GLU F 61 1.37 -43.46 20.84
CA GLU F 61 0.52 -44.50 21.38
C GLU F 61 0.08 -45.38 20.22
N ARG F 62 -0.31 -44.73 19.13
CA ARG F 62 -0.76 -45.47 17.97
C ARG F 62 0.26 -46.51 17.55
N LYS F 63 1.53 -46.30 17.92
CA LYS F 63 2.55 -47.26 17.56
C LYS F 63 2.70 -48.32 18.63
N LEU F 64 2.69 -47.90 19.89
CA LEU F 64 2.77 -48.82 21.02
C LEU F 64 1.81 -49.99 20.81
N GLU F 65 0.60 -49.66 20.38
CA GLU F 65 -0.42 -50.67 20.14
C GLU F 65 -0.07 -51.63 19.00
N MET F 66 0.67 -51.12 18.02
CA MET F 66 1.06 -51.92 16.85
C MET F 66 2.30 -52.78 17.03
N HIS F 67 3.15 -52.40 17.98
CA HIS F 67 4.37 -53.15 18.20
C HIS F 67 4.42 -53.73 19.60
N GLN F 68 3.32 -54.37 20.00
CA GLN F 68 3.25 -55.03 21.30
C GLN F 68 3.84 -54.23 22.46
N GLY F 69 3.99 -52.93 22.27
CA GLY F 69 4.53 -52.09 23.32
C GLY F 69 6.02 -52.16 23.58
N HIS F 70 6.79 -52.58 22.59
CA HIS F 70 8.23 -52.62 22.78
C HIS F 70 8.70 -51.17 22.69
N LEU F 71 8.63 -50.51 23.84
CA LEU F 71 9.01 -49.11 24.01
C LEU F 71 10.12 -48.68 23.07
N LEU F 72 11.14 -49.50 22.93
CA LEU F 72 12.21 -49.11 22.03
C LEU F 72 11.70 -49.11 20.59
N LYS F 73 11.22 -50.27 20.13
CA LYS F 73 10.69 -50.41 18.78
C LYS F 73 9.67 -49.35 18.41
N SER F 74 8.53 -49.38 19.11
CA SER F 74 7.46 -48.44 18.85
C SER F 74 8.05 -47.09 18.54
N ALA F 75 9.02 -46.67 19.35
CA ALA F 75 9.67 -45.38 19.16
C ALA F 75 10.50 -45.25 17.89
N VAL F 76 11.46 -46.15 17.67
CA VAL F 76 12.29 -46.09 16.47
C VAL F 76 11.41 -46.00 15.22
N GLU F 77 10.26 -46.67 15.27
CA GLU F 77 9.31 -46.68 14.16
C GLU F 77 8.75 -45.28 13.96
N LEU F 78 8.15 -44.76 15.03
CA LEU F 78 7.56 -43.43 15.02
C LEU F 78 8.53 -42.44 14.39
N ALA F 79 9.82 -42.67 14.59
CA ALA F 79 10.85 -41.80 14.05
C ALA F 79 11.05 -42.06 12.57
N LYS F 80 10.95 -43.32 12.17
CA LYS F 80 11.11 -43.69 10.77
C LYS F 80 10.11 -42.97 9.88
N ASP F 81 9.05 -42.44 10.47
CA ASP F 81 8.05 -41.75 9.69
C ASP F 81 8.41 -40.28 9.42
N TRP F 82 9.64 -39.90 9.77
CA TRP F 82 10.12 -38.54 9.54
C TRP F 82 11.29 -38.57 8.60
N ARG F 83 12.22 -39.51 8.82
CA ARG F 83 13.39 -39.65 7.97
C ARG F 83 12.98 -40.45 6.75
N THR F 84 12.05 -39.90 5.96
CA THR F 84 11.57 -40.55 4.76
C THR F 84 11.80 -39.61 3.57
N ASP F 85 10.76 -39.39 2.79
CA ASP F 85 10.82 -38.50 1.63
C ASP F 85 9.45 -37.84 1.49
N ARG F 86 8.68 -37.96 2.57
CA ARG F 86 7.35 -37.38 2.66
C ARG F 86 7.21 -37.00 4.12
N ALA F 87 7.78 -35.85 4.48
CA ALA F 87 7.75 -35.34 5.86
C ALA F 87 6.34 -35.35 6.43
N LEU F 88 6.23 -35.67 7.72
CA LEU F 88 4.92 -35.68 8.37
C LEU F 88 4.43 -34.25 8.55
N ARG F 89 5.30 -33.42 9.09
CA ARG F 89 4.98 -32.02 9.33
C ARG F 89 6.17 -31.42 10.05
N LYS F 90 6.11 -31.51 11.39
CA LYS F 90 7.12 -31.00 12.30
C LYS F 90 6.33 -30.63 13.55
N LEU F 91 6.61 -31.31 14.66
CA LEU F 91 5.88 -31.03 15.87
C LEU F 91 6.69 -30.29 16.90
N GLU F 92 6.45 -28.98 17.01
CA GLU F 92 7.14 -28.15 17.98
C GLU F 92 6.84 -28.66 19.40
N ALA F 93 7.37 -29.83 19.76
CA ALA F 93 7.15 -30.41 21.08
C ALA F 93 7.91 -31.72 21.26
N MET F 94 8.21 -32.05 22.51
CA MET F 94 8.93 -33.29 22.83
C MET F 94 8.19 -34.00 23.93
N LEU F 95 8.45 -35.30 24.07
CA LEU F 95 7.83 -36.07 25.14
C LEU F 95 8.80 -37.14 25.61
N ILE F 96 8.66 -37.52 26.88
CA ILE F 96 9.50 -38.55 27.49
C ILE F 96 8.69 -39.81 27.80
N VAL F 97 9.15 -40.93 27.22
CA VAL F 97 8.49 -42.21 27.37
C VAL F 97 9.30 -43.09 28.31
N ALA F 98 8.64 -44.00 29.00
CA ALA F 98 9.33 -44.89 29.93
C ALA F 98 8.60 -46.17 30.32
N ASP F 99 9.33 -47.28 30.41
CA ASP F 99 8.77 -48.56 30.83
C ASP F 99 9.75 -49.33 31.72
N GLU F 100 9.34 -50.49 32.21
CA GLU F 100 10.15 -51.33 33.11
C GLU F 100 11.62 -51.57 32.74
N LYS F 101 12.02 -51.32 31.50
CA LYS F 101 13.41 -51.55 31.12
C LYS F 101 14.13 -50.32 30.61
N GLU F 102 13.68 -49.78 29.48
CA GLU F 102 14.32 -48.60 28.92
C GLU F 102 13.45 -47.35 29.04
N SER F 103 14.00 -46.22 28.60
CA SER F 103 13.31 -44.94 28.63
C SER F 103 14.04 -43.93 27.75
N LEU F 104 13.27 -43.07 27.08
CA LEU F 104 13.89 -42.07 26.22
C LEU F 104 13.01 -40.88 25.88
N ILE F 105 13.63 -39.88 25.27
CA ILE F 105 12.95 -38.67 24.86
C ILE F 105 12.75 -38.75 23.35
N ILE F 106 11.64 -38.22 22.86
CA ILE F 106 11.33 -38.26 21.44
C ILE F 106 11.01 -36.87 20.94
N THR F 107 11.69 -36.42 19.90
CA THR F 107 11.45 -35.08 19.38
C THR F 107 10.45 -35.06 18.24
N GLY F 108 9.72 -33.96 18.14
CA GLY F 108 8.71 -33.81 17.10
C GLY F 108 9.22 -33.90 15.68
N ILE F 109 10.55 -33.83 15.50
CA ILE F 109 11.10 -33.94 14.15
C ILE F 109 11.69 -35.33 13.94
N GLY F 110 11.31 -36.25 14.81
CA GLY F 110 11.75 -37.62 14.70
C GLY F 110 13.19 -38.01 15.01
N ASP F 111 13.35 -38.73 16.12
CA ASP F 111 14.63 -39.24 16.58
C ASP F 111 14.52 -39.52 18.08
N VAL F 112 14.73 -40.77 18.46
CA VAL F 112 14.67 -41.14 19.86
C VAL F 112 16.07 -40.91 20.44
N VAL F 113 16.14 -40.74 21.75
CA VAL F 113 17.42 -40.49 22.39
C VAL F 113 17.44 -41.06 23.79
N GLN F 114 18.47 -41.85 24.10
CA GLN F 114 18.62 -42.45 25.42
C GLN F 114 19.39 -41.47 26.31
N PRO F 115 19.37 -41.68 27.63
CA PRO F 115 20.06 -40.82 28.59
C PRO F 115 21.59 -40.93 28.55
N GLU F 116 22.22 -40.37 29.57
CA GLU F 116 23.67 -40.42 29.70
C GLU F 116 23.90 -41.73 30.44
N GLU F 117 25.07 -41.89 31.05
CA GLU F 117 25.34 -43.13 31.78
C GLU F 117 24.39 -43.22 32.97
N ASP F 118 24.04 -42.05 33.52
CA ASP F 118 23.16 -41.97 34.68
C ASP F 118 21.67 -41.82 34.34
N GLN F 119 21.16 -42.77 33.56
CA GLN F 119 19.75 -42.80 33.13
C GLN F 119 18.89 -41.67 33.69
N ILE F 120 19.03 -40.48 33.11
CA ILE F 120 18.26 -39.30 33.52
C ILE F 120 17.86 -38.45 32.33
N LEU F 121 16.58 -38.10 32.29
CA LEU F 121 16.06 -37.29 31.19
C LEU F 121 15.13 -36.18 31.69
N ALA F 122 15.21 -35.03 31.03
CA ALA F 122 14.39 -33.88 31.39
C ALA F 122 14.11 -33.00 30.18
N ILE F 123 12.86 -32.52 30.10
CA ILE F 123 12.43 -31.66 29.00
C ILE F 123 11.54 -30.52 29.48
N GLY F 124 11.31 -29.56 28.60
CA GLY F 124 10.49 -28.41 28.95
C GLY F 124 11.38 -27.19 28.93
N SER F 125 10.91 -26.08 29.51
CA SER F 125 11.70 -24.86 29.54
C SER F 125 12.46 -24.76 30.84
N GLY F 126 12.16 -25.68 31.74
CA GLY F 126 12.82 -25.69 33.04
C GLY F 126 13.40 -27.07 33.28
N GLY F 127 13.55 -27.84 32.22
CA GLY F 127 14.11 -29.18 32.33
C GLY F 127 15.57 -29.18 32.72
N ASN F 128 16.35 -28.28 32.13
CA ASN F 128 17.78 -28.19 32.45
C ASN F 128 17.97 -27.83 33.91
N TYR F 129 16.96 -27.19 34.49
CA TYR F 129 17.02 -26.83 35.89
C TYR F 129 16.73 -28.14 36.61
N ALA F 130 15.52 -28.67 36.39
CA ALA F 130 15.16 -29.92 37.00
C ALA F 130 16.34 -30.87 36.78
N LEU F 131 16.87 -30.86 35.56
CA LEU F 131 18.00 -31.71 35.24
C LEU F 131 19.09 -31.46 36.27
N SER F 132 19.66 -30.25 36.24
CA SER F 132 20.72 -29.87 37.17
C SER F 132 20.49 -30.45 38.56
N ALA F 133 19.24 -30.37 39.03
CA ALA F 133 18.88 -30.88 40.34
C ALA F 133 19.14 -32.37 40.40
N ALA F 134 18.17 -33.15 39.97
CA ALA F 134 18.28 -34.60 39.96
C ALA F 134 19.72 -35.09 39.77
N ARG F 135 20.34 -34.70 38.65
CA ARG F 135 21.71 -35.11 38.37
C ARG F 135 22.68 -34.80 39.51
N ALA F 136 22.15 -34.31 40.62
CA ALA F 136 22.95 -33.99 41.79
C ALA F 136 22.47 -34.84 42.96
N LEU F 137 21.18 -35.13 42.98
CA LEU F 137 20.58 -35.93 44.04
C LEU F 137 20.85 -37.41 43.79
N VAL F 138 21.43 -37.72 42.64
CA VAL F 138 21.72 -39.09 42.28
C VAL F 138 23.20 -39.43 42.49
N GLU F 139 24.00 -38.40 42.71
CA GLU F 139 25.43 -38.58 42.91
C GLU F 139 25.82 -38.34 44.36
N ASN F 140 24.91 -37.76 45.13
CA ASN F 140 25.21 -37.47 46.52
C ASN F 140 24.11 -37.80 47.51
N THR F 141 23.23 -38.76 47.21
CA THR F 141 22.17 -39.08 48.16
C THR F 141 21.48 -40.43 47.95
N GLU F 142 20.85 -40.92 49.02
CA GLU F 142 20.12 -42.18 49.01
C GLU F 142 18.63 -41.83 48.82
N LEU F 143 18.38 -40.85 47.97
CA LEU F 143 17.03 -40.38 47.67
C LEU F 143 16.34 -41.28 46.65
N SER F 144 15.02 -41.41 46.79
CA SER F 144 14.26 -42.24 45.88
C SER F 144 14.06 -41.50 44.56
N ALA F 145 13.44 -42.18 43.60
CA ALA F 145 13.17 -41.59 42.30
C ALA F 145 12.04 -40.56 42.45
N HIS F 146 11.01 -40.93 43.19
CA HIS F 146 9.88 -40.04 43.40
C HIS F 146 10.41 -38.82 44.15
N GLU F 147 11.34 -39.05 45.08
CA GLU F 147 11.93 -37.96 45.87
C GLU F 147 12.65 -36.97 44.97
N ILE F 148 13.65 -37.46 44.24
CA ILE F 148 14.43 -36.61 43.35
C ILE F 148 13.55 -35.86 42.34
N VAL F 149 12.48 -36.50 41.89
CA VAL F 149 11.58 -35.86 40.94
C VAL F 149 10.89 -34.66 41.54
N GLU F 150 10.00 -34.90 42.51
CA GLU F 150 9.26 -33.81 43.17
C GLU F 150 10.20 -32.74 43.71
N LYS F 151 11.36 -33.16 44.18
CA LYS F 151 12.34 -32.24 44.72
C LYS F 151 12.86 -31.34 43.59
N SER F 152 13.20 -31.93 42.45
CA SER F 152 13.71 -31.17 41.31
C SER F 152 12.71 -30.13 40.80
N LEU F 153 11.61 -30.61 40.21
CA LEU F 153 10.57 -29.74 39.68
C LEU F 153 10.38 -28.55 40.58
N ARG F 154 9.97 -28.82 41.82
CA ARG F 154 9.73 -27.77 42.79
C ARG F 154 10.78 -26.69 42.60
N ILE F 155 12.04 -27.09 42.56
CA ILE F 155 13.13 -26.14 42.37
C ILE F 155 13.01 -25.47 41.01
N ALA F 156 12.76 -26.29 40.00
CA ALA F 156 12.61 -25.81 38.64
C ALA F 156 11.57 -24.70 38.59
N GLY F 157 10.34 -25.02 39.01
CA GLY F 157 9.28 -24.04 39.01
C GLY F 157 9.72 -22.76 39.69
N ASP F 158 10.54 -22.91 40.73
CA ASP F 158 11.05 -21.78 41.47
C ASP F 158 11.94 -20.96 40.56
N ILE F 159 12.45 -21.59 39.51
CA ILE F 159 13.33 -20.91 38.57
C ILE F 159 12.66 -20.46 37.27
N CYS F 160 11.83 -21.33 36.71
CA CYS F 160 11.12 -21.08 35.47
C CYS F 160 9.74 -20.46 35.71
N VAL F 161 9.44 -19.36 35.01
CA VAL F 161 8.14 -18.69 35.17
C VAL F 161 7.04 -19.47 34.45
N PHE F 162 7.41 -20.19 33.40
CA PHE F 162 6.47 -20.98 32.61
C PHE F 162 6.19 -22.34 33.24
N THR F 163 6.83 -22.60 34.37
CA THR F 163 6.66 -23.86 35.09
C THR F 163 6.23 -23.57 36.52
N ASN F 164 5.21 -24.30 36.99
CA ASN F 164 4.71 -24.13 38.35
C ASN F 164 4.90 -25.35 39.25
N THR F 165 4.23 -25.33 40.40
CA THR F 165 4.35 -26.42 41.36
C THR F 165 3.12 -27.28 41.56
N ASN F 166 2.31 -27.46 40.52
CA ASN F 166 1.13 -28.30 40.61
C ASN F 166 1.46 -29.55 39.78
N PHE F 167 2.44 -30.31 40.28
CA PHE F 167 2.93 -31.50 39.61
C PHE F 167 1.98 -32.66 39.49
N THR F 168 2.43 -33.66 38.73
CA THR F 168 1.72 -34.90 38.49
C THR F 168 2.81 -35.93 38.30
N ILE F 169 2.81 -36.96 39.15
CA ILE F 169 3.81 -38.01 39.06
C ILE F 169 3.20 -39.40 39.03
N GLU F 170 3.85 -40.30 38.30
CA GLU F 170 3.37 -41.66 38.18
C GLU F 170 4.62 -42.54 38.14
N GLU F 171 4.68 -43.54 39.00
CA GLU F 171 5.85 -44.44 39.02
C GLU F 171 5.55 -45.79 38.39
N LEU F 172 6.60 -46.47 37.93
CA LEU F 172 6.46 -47.77 37.30
C LEU F 172 6.94 -48.91 38.18
N PRO F 173 6.14 -49.30 39.17
CA PRO F 173 6.54 -50.40 40.05
C PRO F 173 6.88 -51.61 39.21
N ASN F 174 6.00 -52.01 38.41
N THR G 1 17.51 34.23 -61.97
CA THR G 1 17.59 32.84 -62.46
C THR G 1 19.04 32.49 -62.76
N THR G 2 19.53 31.43 -62.11
CA THR G 2 20.90 30.97 -62.29
C THR G 2 20.90 29.45 -62.34
N ILE G 3 21.40 28.91 -63.44
CA ILE G 3 21.47 27.47 -63.60
C ILE G 3 22.90 27.08 -63.83
N VAL G 4 23.34 26.01 -63.16
CA VAL G 4 24.71 25.55 -63.31
C VAL G 4 24.81 24.02 -63.32
N SER G 5 25.59 23.50 -64.27
CA SER G 5 25.79 22.05 -64.43
C SER G 5 27.25 21.67 -64.28
N VAL G 6 27.54 20.83 -63.31
CA VAL G 6 28.91 20.37 -63.08
C VAL G 6 29.07 18.90 -63.42
N ARG G 7 30.31 18.50 -63.70
CA ARG G 7 30.63 17.12 -64.04
C ARG G 7 32.03 16.81 -63.52
N ARG G 8 32.10 15.99 -62.48
CA ARG G 8 33.37 15.63 -61.88
C ARG G 8 33.39 14.26 -61.17
N ASN G 9 34.32 13.40 -61.59
CA ASN G 9 34.49 12.07 -61.03
C ASN G 9 33.26 11.17 -61.01
N GLY G 10 32.69 10.92 -62.20
CA GLY G 10 31.54 10.04 -62.33
C GLY G 10 30.17 10.58 -62.03
N GLN G 11 30.09 11.85 -61.63
CA GLN G 11 28.79 12.44 -61.31
C GLN G 11 28.43 13.62 -62.19
N VAL G 12 27.18 13.62 -62.67
CA VAL G 12 26.68 14.70 -63.50
C VAL G 12 25.55 15.41 -62.76
N VAL G 13 25.87 16.58 -62.20
CA VAL G 13 24.91 17.37 -61.43
C VAL G 13 24.47 18.69 -62.06
N VAL G 14 23.18 18.99 -61.89
CA VAL G 14 22.57 20.21 -62.40
C VAL G 14 21.57 20.75 -61.39
N GLY G 15 21.73 22.01 -61.01
CA GLY G 15 20.83 22.61 -60.04
C GLY G 15 20.86 24.12 -60.09
N GLY G 16 19.77 24.76 -59.66
CA GLY G 16 19.75 26.20 -59.67
C GLY G 16 18.70 26.82 -58.78
N ASP G 17 18.73 28.14 -58.68
CA ASP G 17 17.79 28.89 -57.84
C ASP G 17 16.34 28.57 -58.16
N GLY G 18 15.46 29.40 -57.63
CA GLY G 18 14.04 29.23 -57.86
C GLY G 18 13.30 30.54 -57.69
N GLN G 19 13.82 31.61 -58.29
CA GLN G 19 13.19 32.91 -58.16
C GLN G 19 12.58 33.49 -59.41
N VAL G 20 11.28 33.28 -59.60
CA VAL G 20 10.58 33.85 -60.75
C VAL G 20 10.45 35.32 -60.40
N SER G 21 10.66 36.22 -61.36
CA SER G 21 10.57 37.64 -61.06
C SER G 21 9.98 38.48 -62.19
N LEU G 22 9.16 39.47 -61.81
CA LEU G 22 8.51 40.38 -62.75
C LEU G 22 9.10 41.79 -62.63
N GLY G 23 10.05 42.10 -63.51
CA GLY G 23 10.67 43.39 -63.43
C GLY G 23 11.57 43.41 -62.20
N ASN G 24 11.21 44.20 -61.20
CA ASN G 24 12.03 44.27 -60.01
C ASN G 24 11.31 43.75 -58.77
N THR G 25 10.32 42.87 -58.96
CA THR G 25 9.59 42.32 -57.84
C THR G 25 9.61 40.80 -57.91
N VAL G 26 9.47 40.15 -56.75
CA VAL G 26 9.48 38.70 -56.66
C VAL G 26 8.07 38.19 -56.82
N MET G 27 7.91 37.14 -57.63
CA MET G 27 6.60 36.56 -57.91
C MET G 27 6.46 35.12 -57.43
N LYS G 28 7.58 34.48 -57.13
CA LYS G 28 7.57 33.10 -56.67
C LYS G 28 9.02 32.74 -56.34
N GLY G 29 9.22 31.99 -55.27
CA GLY G 29 10.58 31.62 -54.90
C GLY G 29 10.83 30.14 -54.70
N ASN G 30 9.76 29.36 -54.72
CA ASN G 30 9.83 27.90 -54.51
C ASN G 30 9.94 27.13 -55.82
N ALA G 31 9.92 27.85 -56.94
CA ALA G 31 9.99 27.23 -58.27
C ALA G 31 11.13 26.23 -58.51
N ARG G 32 10.91 25.36 -59.50
CA ARG G 32 11.85 24.33 -59.91
C ARG G 32 12.31 24.64 -61.33
N LYS G 33 13.57 25.04 -61.47
CA LYS G 33 14.10 25.36 -62.78
C LYS G 33 14.95 24.23 -63.34
N VAL G 34 14.95 23.09 -62.65
CA VAL G 34 15.70 21.90 -63.05
C VAL G 34 14.72 20.72 -63.04
N ARG G 35 14.55 20.07 -64.19
CA ARG G 35 13.62 18.95 -64.28
C ARG G 35 14.23 17.73 -64.97
N ARG G 36 13.72 16.55 -64.62
CA ARG G 36 14.17 15.31 -65.23
C ARG G 36 13.27 14.94 -66.41
N LEU G 37 13.84 14.24 -67.39
CA LEU G 37 13.06 13.85 -68.58
C LEU G 37 13.50 12.49 -69.14
N TYR G 38 12.90 12.14 -70.28
CA TYR G 38 13.20 10.89 -70.97
C TYR G 38 13.33 9.70 -70.02
N ASN G 39 12.25 9.40 -69.32
CA ASN G 39 12.23 8.28 -68.38
C ASN G 39 13.32 8.46 -67.31
N GLY G 40 13.39 9.65 -66.73
CA GLY G 40 14.39 9.91 -65.71
C GLY G 40 15.83 9.61 -66.12
N LYS G 41 16.08 9.60 -67.42
CA LYS G 41 17.42 9.32 -67.93
C LYS G 41 18.22 10.59 -68.21
N VAL G 42 17.50 11.63 -68.61
CA VAL G 42 18.14 12.92 -68.92
C VAL G 42 17.53 14.04 -68.08
N LEU G 43 18.37 14.68 -67.27
CA LEU G 43 17.93 15.79 -66.41
C LEU G 43 18.34 17.11 -67.06
N ALA G 44 17.51 18.14 -66.91
CA ALA G 44 17.83 19.42 -67.52
C ALA G 44 17.11 20.63 -66.93
N GLY G 45 17.88 21.69 -66.67
CA GLY G 45 17.34 22.92 -66.12
C GLY G 45 17.09 23.95 -67.21
N PHE G 46 16.35 25.00 -66.86
CA PHE G 46 16.02 26.06 -67.81
C PHE G 46 16.21 27.47 -67.25
N ALA G 47 15.87 28.46 -68.08
CA ALA G 47 15.98 29.86 -67.71
C ALA G 47 15.11 30.67 -68.65
N GLY G 48 13.83 30.74 -68.30
CA GLY G 48 12.85 31.48 -69.08
C GLY G 48 11.48 31.08 -68.62
N GLY G 49 10.44 31.49 -69.34
CA GLY G 49 9.09 31.08 -68.94
C GLY G 49 9.11 29.58 -68.80
N THR G 50 8.89 29.07 -67.59
CA THR G 50 8.93 27.63 -67.37
C THR G 50 8.12 26.91 -68.45
N ALA G 51 7.04 27.53 -68.91
CA ALA G 51 6.24 26.94 -69.97
C ALA G 51 7.15 26.82 -71.18
N ASP G 52 7.67 27.95 -71.65
CA ASP G 52 8.56 27.95 -72.80
C ASP G 52 9.49 26.76 -72.68
N ALA G 53 9.86 26.44 -71.45
CA ALA G 53 10.74 25.32 -71.20
C ALA G 53 10.08 24.01 -71.66
N PHE G 54 8.98 23.63 -71.00
CA PHE G 54 8.28 22.39 -71.34
C PHE G 54 8.03 22.27 -72.83
N THR G 55 7.46 23.32 -73.43
CA THR G 55 7.19 23.29 -74.87
C THR G 55 8.51 23.07 -75.61
N LEU G 56 9.62 23.15 -74.89
CA LEU G 56 10.93 22.93 -75.49
C LEU G 56 11.47 21.59 -75.09
N PHE G 57 11.38 21.29 -73.80
CA PHE G 57 11.85 20.01 -73.30
C PHE G 57 10.91 18.90 -73.77
N GLU G 58 9.88 19.28 -74.49
CA GLU G 58 8.94 18.31 -75.03
C GLU G 58 9.39 18.09 -76.47
N LEU G 59 9.76 19.18 -77.15
CA LEU G 59 10.24 19.08 -78.52
C LEU G 59 11.63 18.46 -78.51
N PHE G 60 12.21 18.31 -77.33
CA PHE G 60 13.53 17.70 -77.19
C PHE G 60 13.36 16.20 -77.00
N GLU G 61 12.35 15.81 -76.22
CA GLU G 61 12.08 14.40 -75.98
C GLU G 61 12.03 13.71 -77.35
N ARG G 62 11.05 14.10 -78.15
CA ARG G 62 10.86 13.54 -79.48
C ARG G 62 12.12 13.68 -80.34
N LYS G 63 12.64 14.91 -80.46
CA LYS G 63 13.83 15.13 -81.27
C LYS G 63 15.08 14.46 -80.72
N LEU G 64 14.91 13.63 -79.69
CA LEU G 64 16.04 12.92 -79.11
C LEU G 64 15.99 11.44 -79.55
N GLU G 65 14.79 10.86 -79.51
CA GLU G 65 14.60 9.49 -79.93
C GLU G 65 15.06 9.31 -81.36
N MET G 66 14.43 10.04 -82.26
CA MET G 66 14.75 9.99 -83.69
C MET G 66 16.23 9.71 -83.95
N HIS G 67 17.11 10.39 -83.22
CA HIS G 67 18.55 10.22 -83.40
C HIS G 67 19.19 9.19 -82.48
N GLN G 68 18.36 8.35 -81.87
CA GLN G 68 18.82 7.28 -80.98
C GLN G 68 19.57 7.72 -79.72
N GLY G 69 18.87 8.42 -78.83
CA GLY G 69 19.47 8.85 -77.58
C GLY G 69 20.67 9.78 -77.59
N HIS G 70 21.52 9.67 -78.60
CA HIS G 70 22.73 10.50 -78.71
C HIS G 70 22.43 11.96 -78.38
N LEU G 71 22.58 12.32 -77.10
CA LEU G 71 22.30 13.66 -76.60
C LEU G 71 22.65 14.82 -77.54
N LEU G 72 23.94 15.10 -77.71
CA LEU G 72 24.39 16.19 -78.56
C LEU G 72 23.55 16.34 -79.82
N LYS G 73 23.30 15.23 -80.50
CA LYS G 73 22.50 15.26 -81.72
C LYS G 73 21.14 15.90 -81.45
N SER G 74 20.37 15.26 -80.57
CA SER G 74 19.03 15.73 -80.21
C SER G 74 19.03 17.24 -80.00
N ALA G 75 20.16 17.75 -79.52
CA ALA G 75 20.30 19.17 -79.25
C ALA G 75 20.55 19.95 -80.53
N VAL G 76 21.66 19.62 -81.20
CA VAL G 76 22.03 20.28 -82.44
C VAL G 76 20.83 20.32 -83.37
N GLU G 77 20.03 19.25 -83.34
CA GLU G 77 18.84 19.20 -84.16
C GLU G 77 17.81 20.16 -83.62
N LEU G 78 17.76 20.30 -82.29
CA LEU G 78 16.79 21.20 -81.66
C LEU G 78 17.01 22.67 -82.01
N ALA G 79 18.25 23.14 -81.92
CA ALA G 79 18.55 24.53 -82.24
C ALA G 79 18.41 24.76 -83.75
N LYS G 80 18.20 23.67 -84.47
CA LYS G 80 18.04 23.76 -85.92
C LYS G 80 16.64 24.20 -86.31
N ASP G 81 15.67 23.94 -85.42
CA ASP G 81 14.28 24.32 -85.67
C ASP G 81 13.87 25.53 -84.84
N TRP G 82 14.54 25.69 -83.70
CA TRP G 82 14.28 26.80 -82.80
C TRP G 82 14.44 28.13 -83.53
N ARG G 83 15.23 28.12 -84.59
CA ARG G 83 15.49 29.34 -85.35
C ARG G 83 14.78 29.39 -86.70
N THR G 84 14.48 28.22 -87.28
CA THR G 84 13.80 28.17 -88.57
C THR G 84 12.30 28.26 -88.41
N ASP G 85 11.79 27.85 -87.25
CA ASP G 85 10.35 27.88 -86.97
C ASP G 85 9.92 29.24 -86.41
N ARG G 86 8.89 29.83 -87.02
CA ARG G 86 8.37 31.12 -86.58
C ARG G 86 7.47 31.02 -85.36
N ALA G 87 7.44 29.85 -84.75
CA ALA G 87 6.62 29.63 -83.56
C ALA G 87 7.53 29.20 -82.40
N LEU G 88 8.84 29.34 -82.60
CA LEU G 88 9.82 28.99 -81.59
C LEU G 88 10.69 30.20 -81.27
N ARG G 89 10.96 31.01 -82.28
CA ARG G 89 11.77 32.20 -82.11
C ARG G 89 11.13 33.04 -81.01
N LYS G 90 9.85 32.77 -80.77
CA LYS G 90 9.08 33.49 -79.76
C LYS G 90 9.23 32.83 -78.39
N LEU G 91 10.11 31.84 -78.30
CA LEU G 91 10.33 31.14 -77.05
C LEU G 91 11.75 31.41 -76.55
N GLU G 92 12.02 32.66 -76.18
CA GLU G 92 13.34 33.02 -75.68
C GLU G 92 13.63 32.44 -74.30
N ALA G 93 14.74 31.70 -74.21
CA ALA G 93 15.18 31.07 -72.98
C ALA G 93 16.61 30.53 -73.17
N MET G 94 17.10 29.83 -72.15
CA MET G 94 18.41 29.22 -72.16
C MET G 94 18.17 27.81 -71.65
N LEU G 95 19.00 26.86 -72.06
CA LEU G 95 18.82 25.48 -71.62
C LEU G 95 20.10 24.68 -71.41
N ILE G 96 20.06 23.79 -70.44
CA ILE G 96 21.18 22.92 -70.10
C ILE G 96 20.68 21.47 -70.04
N VAL G 97 21.33 20.61 -70.79
CA VAL G 97 20.93 19.21 -70.84
C VAL G 97 22.15 18.34 -70.60
N ALA G 98 22.00 17.33 -69.75
CA ALA G 98 23.13 16.46 -69.47
C ALA G 98 22.70 15.04 -69.14
N ASP G 99 23.59 14.08 -69.41
CA ASP G 99 23.34 12.68 -69.10
C ASP G 99 24.65 11.98 -68.75
N GLU G 100 24.67 10.66 -68.87
CA GLU G 100 25.85 9.85 -68.52
C GLU G 100 27.21 10.28 -69.09
N LYS G 101 27.28 10.55 -70.38
CA LYS G 101 28.56 10.93 -71.00
C LYS G 101 28.94 12.40 -70.92
N GLU G 102 28.23 13.25 -71.66
CA GLU G 102 28.51 14.68 -71.69
C GLU G 102 27.40 15.58 -71.17
N SER G 103 27.59 16.88 -71.34
CA SER G 103 26.61 17.89 -70.91
C SER G 103 26.59 19.04 -71.92
N LEU G 104 25.42 19.61 -72.16
CA LEU G 104 25.33 20.70 -73.12
C LEU G 104 24.29 21.79 -72.86
N ILE G 105 24.64 23.00 -73.29
CA ILE G 105 23.80 24.19 -73.14
C ILE G 105 23.17 24.52 -74.49
N ILE G 106 21.84 24.68 -74.51
CA ILE G 106 21.11 25.00 -75.73
C ILE G 106 20.78 26.50 -75.78
N THR G 107 20.74 27.06 -76.98
CA THR G 107 20.44 28.49 -77.13
C THR G 107 19.34 28.72 -78.14
N GLY G 108 18.50 29.70 -77.86
CA GLY G 108 17.41 30.01 -78.77
C GLY G 108 17.90 30.84 -79.93
N ILE G 109 18.86 31.71 -79.65
CA ILE G 109 19.43 32.56 -80.66
C ILE G 109 20.70 31.92 -81.25
N GLY G 110 21.79 31.95 -80.48
CA GLY G 110 23.04 31.37 -80.95
C GLY G 110 22.93 29.89 -81.22
N ASP G 111 23.96 29.15 -80.84
CA ASP G 111 23.96 27.71 -81.05
C ASP G 111 24.74 26.94 -79.99
N VAL G 112 24.30 25.71 -79.73
CA VAL G 112 24.90 24.81 -78.76
C VAL G 112 26.30 25.18 -78.30
N VAL G 113 26.53 25.02 -77.00
CA VAL G 113 27.81 25.32 -76.38
C VAL G 113 28.36 24.12 -75.64
N GLN G 114 29.41 23.53 -76.19
CA GLN G 114 30.05 22.38 -75.57
C GLN G 114 31.06 22.86 -74.52
N PRO G 115 31.01 22.27 -73.32
CA PRO G 115 31.90 22.59 -72.20
C PRO G 115 33.40 22.58 -72.51
N GLU G 116 34.20 22.92 -71.51
CA GLU G 116 35.66 22.96 -71.64
C GLU G 116 36.25 21.71 -70.99
N GLU G 117 37.57 21.63 -70.92
CA GLU G 117 38.21 20.46 -70.32
C GLU G 117 37.88 20.38 -68.83
N ASP G 118 36.89 21.17 -68.41
CA ASP G 118 36.46 21.20 -67.02
C ASP G 118 35.04 20.64 -66.85
N GLN G 119 34.27 20.62 -67.94
CA GLN G 119 32.91 20.11 -67.92
C GLN G 119 32.03 20.87 -66.93
N ILE G 120 31.72 22.11 -67.28
CA ILE G 120 30.89 23.00 -66.48
C ILE G 120 29.98 23.84 -67.38
N LEU G 121 28.72 23.99 -66.97
CA LEU G 121 27.80 24.79 -67.75
C LEU G 121 27.06 25.79 -66.88
N ALA G 122 26.67 26.91 -67.48
CA ALA G 122 25.96 27.95 -66.74
C ALA G 122 25.18 28.92 -67.61
N ILE G 123 23.97 29.25 -67.15
CA ILE G 123 23.09 30.17 -67.84
C ILE G 123 22.30 30.98 -66.83
N GLY G 124 21.48 31.89 -67.34
CA GLY G 124 20.70 32.74 -66.47
C GLY G 124 21.49 34.02 -66.24
N SER G 125 20.83 35.02 -65.68
CA SER G 125 21.49 36.28 -65.41
C SER G 125 22.62 36.10 -64.43
N GLY G 126 22.42 35.25 -63.43
CA GLY G 126 23.46 35.04 -62.43
C GLY G 126 24.51 34.02 -62.82
N GLY G 127 24.31 33.42 -63.98
CA GLY G 127 25.19 32.39 -64.51
C GLY G 127 26.67 32.53 -64.21
N ASN G 128 27.37 33.26 -65.07
CA ASN G 128 28.80 33.47 -64.92
C ASN G 128 29.28 33.49 -63.47
N TYR G 129 28.57 34.20 -62.60
CA TYR G 129 28.95 34.26 -61.19
C TYR G 129 29.12 32.83 -60.73
N ALA G 130 28.02 32.07 -60.80
CA ALA G 130 28.01 30.66 -60.40
C ALA G 130 29.20 29.96 -61.04
N LEU G 131 29.32 30.17 -62.33
CA LEU G 131 30.40 29.61 -63.12
C LEU G 131 31.72 30.01 -62.50
N SER G 132 31.85 31.29 -62.20
CA SER G 132 33.07 31.85 -61.60
C SER G 132 33.45 31.13 -60.33
N ALA G 133 32.46 30.77 -59.54
CA ALA G 133 32.73 30.07 -58.30
C ALA G 133 33.05 28.63 -58.66
N ALA G 134 32.10 27.97 -59.31
CA ALA G 134 32.34 26.59 -59.70
C ALA G 134 33.78 26.45 -60.24
N ARG G 135 33.98 26.72 -61.53
CA ARG G 135 35.33 26.60 -62.10
C ARG G 135 36.41 26.62 -61.02
N ALA G 136 36.54 27.74 -60.33
CA ALA G 136 37.54 27.84 -59.27
C ALA G 136 37.56 26.54 -58.45
N LEU G 137 36.46 26.27 -57.75
CA LEU G 137 36.32 25.07 -56.92
C LEU G 137 36.77 23.75 -57.56
N VAL G 138 36.34 23.49 -58.78
CA VAL G 138 36.71 22.25 -59.48
C VAL G 138 38.12 22.36 -60.04
N GLU G 139 38.90 23.27 -59.49
CA GLU G 139 40.27 23.47 -59.94
C GLU G 139 41.25 23.38 -58.80
N ASN G 140 40.75 23.53 -57.58
CA ASN G 140 41.60 23.49 -56.41
C ASN G 140 41.05 22.54 -55.35
N THR G 141 39.75 22.63 -55.08
CA THR G 141 39.12 21.78 -54.08
C THR G 141 38.82 20.41 -54.64
N GLU G 142 38.61 19.44 -53.76
CA GLU G 142 38.29 18.07 -54.15
C GLU G 142 36.82 17.83 -53.81
N LEU G 143 36.02 18.91 -53.91
CA LEU G 143 34.61 18.83 -53.57
C LEU G 143 33.75 17.98 -54.52
N SER G 144 32.57 17.62 -54.04
CA SER G 144 31.63 16.80 -54.80
C SER G 144 30.96 17.59 -55.91
N ALA G 145 30.64 16.90 -57.01
CA ALA G 145 29.97 17.56 -58.11
C ALA G 145 28.72 18.18 -57.50
N HIS G 146 28.32 17.63 -56.36
CA HIS G 146 27.15 18.10 -55.65
C HIS G 146 27.52 18.97 -54.46
N GLU G 147 28.80 19.02 -54.11
CA GLU G 147 29.22 19.88 -53.01
C GLU G 147 29.70 21.19 -53.61
N ILE G 148 29.91 21.17 -54.93
CA ILE G 148 30.33 22.36 -55.67
C ILE G 148 29.09 23.13 -56.13
N VAL G 149 28.28 22.52 -56.99
CA VAL G 149 27.07 23.18 -57.45
C VAL G 149 26.48 23.86 -56.22
N GLU G 150 26.30 23.08 -55.16
CA GLU G 150 25.76 23.60 -53.92
C GLU G 150 26.31 24.98 -53.65
N LYS G 151 27.55 25.01 -53.19
CA LYS G 151 28.23 26.26 -52.86
C LYS G 151 28.22 27.28 -54.00
N SER G 152 28.38 26.82 -55.23
CA SER G 152 28.38 27.74 -56.35
C SER G 152 27.10 28.58 -56.43
N LEU G 153 25.94 27.94 -56.34
CA LEU G 153 24.68 28.67 -56.40
C LEU G 153 24.62 29.69 -55.27
N ARG G 154 25.03 29.29 -54.08
CA ARG G 154 25.02 30.20 -52.94
C ARG G 154 25.75 31.49 -53.35
N ILE G 155 26.94 31.31 -53.92
CA ILE G 155 27.75 32.42 -54.37
C ILE G 155 27.05 33.28 -55.41
N ALA G 156 26.25 32.66 -56.26
CA ALA G 156 25.53 33.42 -57.28
C ALA G 156 24.48 34.24 -56.54
N GLY G 157 23.39 33.57 -56.17
CA GLY G 157 22.30 34.21 -55.46
C GLY G 157 22.67 35.41 -54.62
N ASP G 158 23.76 35.29 -53.86
CA ASP G 158 24.18 36.40 -53.00
C ASP G 158 24.77 37.59 -53.76
N ILE G 159 24.55 37.62 -55.07
CA ILE G 159 25.04 38.71 -55.91
C ILE G 159 24.02 39.15 -56.93
N CYS G 160 23.47 38.20 -57.66
CA CYS G 160 22.46 38.51 -58.64
C CYS G 160 21.20 38.79 -57.85
N VAL G 161 20.56 39.93 -58.12
CA VAL G 161 19.33 40.30 -57.40
C VAL G 161 18.14 39.66 -58.09
N PHE G 162 18.34 38.48 -58.66
CA PHE G 162 17.27 37.77 -59.34
C PHE G 162 17.40 36.30 -59.04
N THR G 163 18.49 35.96 -58.35
CA THR G 163 18.79 34.59 -57.97
C THR G 163 18.79 34.52 -56.45
N ASN G 164 18.19 33.46 -55.90
CA ASN G 164 18.09 33.34 -54.45
C ASN G 164 18.65 32.06 -53.84
N THR G 165 18.08 31.67 -52.71
CA THR G 165 18.52 30.49 -51.97
C THR G 165 17.80 29.17 -52.25
N ASN G 166 16.49 29.20 -52.48
CA ASN G 166 15.78 27.96 -52.72
C ASN G 166 16.09 27.30 -54.05
N PHE G 167 17.25 26.66 -54.12
CA PHE G 167 17.67 25.97 -55.32
C PHE G 167 17.22 24.52 -55.27
N THR G 168 17.17 23.87 -56.42
CA THR G 168 16.79 22.46 -56.49
C THR G 168 17.84 21.76 -57.32
N ILE G 169 18.60 20.89 -56.68
CA ILE G 169 19.67 20.14 -57.33
C ILE G 169 19.19 18.78 -57.83
N GLU G 170 19.88 18.21 -58.81
CA GLU G 170 19.51 16.91 -59.37
C GLU G 170 20.72 16.08 -59.79
N GLU G 171 21.22 15.23 -58.90
CA GLU G 171 22.37 14.39 -59.21
C GLU G 171 21.92 13.34 -60.20
N LEU G 172 22.78 12.36 -60.47
CA LEU G 172 22.46 11.28 -61.40
C LEU G 172 23.37 10.11 -61.06
N PRO G 173 22.81 8.91 -60.88
CA PRO G 173 21.40 8.50 -60.97
C PRO G 173 20.70 8.37 -59.60
N ASN G 174 21.30 7.76 -58.69
N THR H 1 -6.40 9.41 19.61
CA THR H 1 -6.31 10.81 20.11
C THR H 1 -6.80 11.77 19.05
N THR H 2 -7.56 12.77 19.45
CA THR H 2 -8.04 13.75 18.47
C THR H 2 -8.11 15.14 19.08
N ILE H 3 -7.58 16.11 18.34
CA ILE H 3 -7.55 17.52 18.74
C ILE H 3 -8.16 18.26 17.55
N VAL H 4 -9.20 19.05 17.76
CA VAL H 4 -9.78 19.77 16.63
C VAL H 4 -10.17 21.23 16.88
N SER H 5 -9.66 22.10 16.00
CA SER H 5 -9.89 23.53 16.06
C SER H 5 -10.84 24.01 14.96
N VAL H 6 -11.82 24.82 15.35
CA VAL H 6 -12.80 25.36 14.41
C VAL H 6 -12.80 26.88 14.53
N ARG H 7 -13.60 27.53 13.69
CA ARG H 7 -13.68 28.99 13.71
C ARG H 7 -14.80 29.46 12.77
N ARG H 8 -15.89 29.96 13.34
CA ARG H 8 -17.01 30.41 12.54
C ARG H 8 -17.77 31.57 13.20
N ASN H 9 -17.87 32.69 12.48
CA ASN H 9 -18.55 33.89 12.98
C ASN H 9 -17.90 34.41 14.26
N GLY H 10 -16.68 34.93 14.12
CA GLY H 10 -15.96 35.47 15.26
C GLY H 10 -15.96 34.58 16.48
N GLN H 11 -15.60 33.33 16.30
CA GLN H 11 -15.56 32.36 17.40
C GLN H 11 -14.50 31.29 17.13
N VAL H 12 -13.59 31.10 18.07
CA VAL H 12 -12.55 30.09 17.91
C VAL H 12 -12.61 29.10 19.08
N VAL H 13 -12.86 27.83 18.76
CA VAL H 13 -12.97 26.78 19.78
C VAL H 13 -12.04 25.60 19.53
N VAL H 14 -11.57 24.98 20.61
CA VAL H 14 -10.68 23.83 20.50
C VAL H 14 -10.89 22.77 21.58
N GLY H 15 -11.18 21.55 21.13
CA GLY H 15 -11.40 20.45 22.05
C GLY H 15 -10.73 19.18 21.53
N GLY H 16 -10.13 18.44 22.44
CA GLY H 16 -9.48 17.21 22.05
C GLY H 16 -10.19 16.06 22.71
N ASP H 17 -9.61 14.87 22.63
CA ASP H 17 -10.22 13.71 23.24
C ASP H 17 -9.99 13.76 24.74
N GLY H 18 -10.02 12.59 25.35
CA GLY H 18 -9.81 12.48 26.77
C GLY H 18 -9.50 11.03 27.08
N GLN H 19 -8.51 10.48 26.36
CA GLN H 19 -8.13 9.11 26.56
C GLN H 19 -6.61 8.97 26.54
N VAL H 20 -6.06 8.28 27.54
CA VAL H 20 -4.62 8.05 27.62
C VAL H 20 -4.44 6.58 27.26
N SER H 21 -3.34 6.25 26.61
CA SER H 21 -3.14 4.86 26.22
C SER H 21 -1.70 4.34 26.28
N LEU H 22 -1.59 3.05 26.58
CA LEU H 22 -0.30 2.36 26.66
C LEU H 22 -0.35 1.10 25.82
N GLY H 23 0.25 1.15 24.63
CA GLY H 23 0.23 -0.01 23.75
C GLY H 23 -1.17 -0.27 23.24
N ASN H 24 -1.98 -0.96 24.05
CA ASN H 24 -3.35 -1.26 23.68
C ASN H 24 -4.29 -1.21 24.88
N THR H 25 -3.79 -0.68 25.99
CA THR H 25 -4.56 -0.57 27.23
C THR H 25 -4.87 0.90 27.55
N VAL H 26 -5.87 1.13 28.41
CA VAL H 26 -6.23 2.49 28.78
C VAL H 26 -5.55 2.91 30.09
N MET H 27 -4.94 4.09 30.09
CA MET H 27 -4.28 4.61 31.30
C MET H 27 -5.28 5.50 32.03
N LYS H 28 -5.71 6.57 31.37
CA LYS H 28 -6.70 7.50 31.93
C LYS H 28 -7.71 7.82 30.84
N GLY H 29 -8.80 8.47 31.23
CA GLY H 29 -9.83 8.81 30.26
C GLY H 29 -10.65 10.03 30.62
N ASN H 30 -9.98 11.16 30.84
CA ASN H 30 -10.64 12.41 31.20
C ASN H 30 -9.64 13.55 31.35
N ALA H 31 -8.41 13.30 30.91
CA ALA H 31 -7.33 14.28 30.99
C ALA H 31 -7.50 15.53 30.12
N ARG H 32 -6.88 16.62 30.56
CA ARG H 32 -6.94 17.89 29.85
C ARG H 32 -5.92 17.89 28.73
N LYS H 33 -6.39 17.86 27.49
CA LYS H 33 -5.50 17.89 26.34
C LYS H 33 -5.46 19.27 25.68
N VAL H 34 -6.27 20.19 26.20
CA VAL H 34 -6.33 21.54 25.66
C VAL H 34 -6.37 22.57 26.79
N ARG H 35 -5.27 22.70 27.52
CA ARG H 35 -5.21 23.66 28.61
C ARG H 35 -5.24 25.08 28.06
N ARG H 36 -4.83 26.04 28.88
CA ARG H 36 -4.79 27.44 28.48
C ARG H 36 -3.42 28.07 28.73
N LEU H 37 -3.13 29.13 27.98
CA LEU H 37 -1.85 29.83 28.11
C LEU H 37 -2.08 31.33 27.88
N TYR H 38 -1.06 32.12 28.17
CA TYR H 38 -1.13 33.57 27.99
C TYR H 38 -2.51 34.11 28.35
N ASN H 39 -2.94 33.89 29.59
CA ASN H 39 -4.24 34.36 30.05
C ASN H 39 -5.34 33.92 29.08
N GLY H 40 -6.58 34.32 29.35
CA GLY H 40 -7.69 33.95 28.48
C GLY H 40 -7.63 34.59 27.11
N LYS H 41 -6.59 34.27 26.35
CA LYS H 41 -6.43 34.82 25.01
C LYS H 41 -5.90 33.80 23.99
N VAL H 42 -4.86 33.06 24.38
CA VAL H 42 -4.28 32.07 23.47
C VAL H 42 -4.29 30.66 24.05
N LEU H 43 -5.39 29.94 23.85
CA LEU H 43 -5.51 28.57 24.35
C LEU H 43 -4.86 27.61 23.35
N ALA H 44 -4.38 26.48 23.83
CA ALA H 44 -3.71 25.53 22.95
C ALA H 44 -4.09 24.07 23.19
N GLY H 45 -3.61 23.19 22.31
CA GLY H 45 -3.90 21.77 22.43
C GLY H 45 -2.72 20.89 22.03
N PHE H 46 -2.85 19.59 22.28
CA PHE H 46 -1.78 18.65 21.95
C PHE H 46 -2.26 17.20 22.03
N ALA H 47 -1.41 16.30 21.55
CA ALA H 47 -1.70 14.87 21.56
C ALA H 47 -0.50 14.14 22.15
N GLY H 48 0.28 14.86 22.95
CA GLY H 48 1.44 14.27 23.59
C GLY H 48 1.17 13.96 25.05
N GLY H 49 2.23 13.81 25.83
CA GLY H 49 2.08 13.52 27.24
C GLY H 49 2.02 14.79 28.06
N THR H 50 1.25 14.74 29.15
CA THR H 50 1.10 15.90 30.02
C THR H 50 2.46 16.46 30.43
N ALA H 51 3.50 15.66 30.30
CA ALA H 51 4.85 16.09 30.64
C ALA H 51 5.33 16.96 29.48
N ASP H 52 5.72 16.33 28.37
CA ASP H 52 6.18 17.07 27.21
C ASP H 52 5.31 18.31 27.10
N ALA H 53 4.01 18.11 27.35
CA ALA H 53 3.04 19.19 27.29
C ALA H 53 3.52 20.46 27.98
N PHE H 54 3.46 20.48 29.31
CA PHE H 54 3.87 21.65 30.10
C PHE H 54 5.18 22.26 29.62
N THR H 55 6.15 21.42 29.29
CA THR H 55 7.43 21.94 28.82
C THR H 55 7.18 22.73 27.53
N LEU H 56 6.45 22.12 26.60
CA LEU H 56 6.12 22.76 25.34
C LEU H 56 5.33 24.04 25.54
N PHE H 57 4.07 23.90 25.94
CA PHE H 57 3.19 25.03 26.16
C PHE H 57 3.87 26.22 26.82
N GLU H 58 4.37 26.01 28.03
CA GLU H 58 5.03 27.09 28.74
C GLU H 58 6.09 27.72 27.86
N LEU H 59 6.91 26.89 27.23
CA LEU H 59 7.98 27.39 26.35
C LEU H 59 7.43 28.13 25.12
N PHE H 60 6.12 28.24 25.03
CA PHE H 60 5.51 28.97 23.92
C PHE H 60 5.14 30.34 24.46
N GLU H 61 4.57 30.35 25.67
CA GLU H 61 4.19 31.58 26.34
C GLU H 61 5.34 32.58 26.29
N ARG H 62 6.44 32.21 26.96
CA ARG H 62 7.63 33.04 27.04
C ARG H 62 8.34 33.17 25.70
N LYS H 63 8.02 32.27 24.78
CA LYS H 63 8.61 32.30 23.44
C LYS H 63 7.69 33.18 22.60
N LEU H 64 6.89 33.98 23.30
CA LEU H 64 5.94 34.88 22.67
C LEU H 64 6.03 36.25 23.35
N GLU H 65 6.30 36.25 24.66
CA GLU H 65 6.42 37.50 25.42
C GLU H 65 7.37 38.44 24.69
N MET H 66 8.36 37.88 24.01
CA MET H 66 9.34 38.66 23.27
C MET H 66 8.98 38.77 21.79
N HIS H 67 7.70 39.02 21.50
CA HIS H 67 7.26 39.16 20.12
C HIS H 67 5.89 39.79 19.94
N GLN H 68 5.54 40.73 20.81
CA GLN H 68 4.26 41.42 20.71
C GLN H 68 3.08 40.51 21.04
N GLY H 69 2.63 39.76 20.04
CA GLY H 69 1.51 38.85 20.24
C GLY H 69 1.16 38.06 19.00
N HIS H 70 1.87 38.31 17.91
CA HIS H 70 1.64 37.61 16.64
C HIS H 70 2.01 36.13 16.79
N LEU H 71 1.05 35.33 17.24
CA LEU H 71 1.24 33.89 17.44
C LEU H 71 1.94 33.28 16.24
N LEU H 72 1.45 33.63 15.04
CA LEU H 72 2.00 33.14 13.77
C LEU H 72 3.53 33.22 13.71
N LYS H 73 4.08 34.32 14.23
CA LYS H 73 5.52 34.53 14.24
C LYS H 73 6.11 33.77 15.42
N SER H 74 5.42 33.83 16.55
CA SER H 74 5.85 33.15 17.77
C SER H 74 5.83 31.65 17.53
N ALA H 75 4.86 31.22 16.73
CA ALA H 75 4.72 29.82 16.41
C ALA H 75 6.01 29.36 15.74
N VAL H 76 6.29 29.95 14.58
CA VAL H 76 7.49 29.64 13.81
C VAL H 76 8.74 29.64 14.69
N GLU H 77 8.91 30.71 15.45
CA GLU H 77 10.06 30.81 16.34
C GLU H 77 10.10 29.60 17.28
N LEU H 78 8.94 29.19 17.79
CA LEU H 78 8.90 28.02 18.68
C LEU H 78 9.22 26.78 17.84
N ALA H 79 8.80 26.83 16.59
CA ALA H 79 9.04 25.72 15.67
C ALA H 79 10.55 25.53 15.56
N LYS H 80 11.23 26.60 15.16
CA LYS H 80 12.68 26.57 15.02
C LYS H 80 13.26 25.86 16.25
N ASP H 81 12.79 26.26 17.42
CA ASP H 81 13.24 25.65 18.67
C ASP H 81 12.62 24.27 18.76
N TRP H 82 13.25 23.28 18.14
CA TRP H 82 12.74 21.93 18.16
C TRP H 82 13.58 21.11 17.19
N ARG H 83 13.97 21.77 16.10
CA ARG H 83 14.81 21.14 15.08
C ARG H 83 16.24 21.65 15.25
N THR H 84 16.44 22.55 16.21
CA THR H 84 17.76 23.11 16.49
C THR H 84 18.22 22.68 17.87
N ASP H 85 17.26 22.50 18.77
CA ASP H 85 17.54 22.10 20.15
C ASP H 85 17.87 20.61 20.18
N ARG H 86 19.09 20.29 20.62
CA ARG H 86 19.55 18.91 20.69
C ARG H 86 18.85 18.12 21.79
N ALA H 87 17.93 18.75 22.51
CA ALA H 87 17.23 18.10 23.60
C ALA H 87 15.70 18.20 23.49
N LEU H 88 15.22 18.66 22.34
CA LEU H 88 13.79 18.80 22.12
C LEU H 88 13.33 18.09 20.86
N ARG H 89 14.20 17.24 20.31
CA ARG H 89 13.88 16.48 19.10
C ARG H 89 13.46 15.07 19.51
N LYS H 90 13.87 14.67 20.70
CA LYS H 90 13.53 13.36 21.25
C LYS H 90 12.20 13.47 21.98
N LEU H 91 11.49 14.57 21.69
CA LEU H 91 10.19 14.86 22.27
C LEU H 91 9.21 14.98 21.10
N GLU H 92 8.36 13.97 20.92
CA GLU H 92 7.40 14.00 19.82
C GLU H 92 6.05 14.55 20.32
N ALA H 93 5.39 15.33 19.47
CA ALA H 93 4.09 15.92 19.77
C ALA H 93 3.59 16.86 18.68
N MET H 94 2.29 17.14 18.73
CA MET H 94 1.64 18.04 17.80
C MET H 94 1.07 19.15 18.68
N LEU H 95 0.97 20.36 18.13
CA LEU H 95 0.44 21.48 18.90
C LEU H 95 -0.54 22.32 18.11
N ILE H 96 -1.64 22.67 18.73
CA ILE H 96 -2.65 23.50 18.10
C ILE H 96 -2.95 24.70 18.97
N VAL H 97 -2.65 25.89 18.45
CA VAL H 97 -2.88 27.14 19.17
C VAL H 97 -3.86 28.01 18.39
N ALA H 98 -4.51 28.93 19.08
CA ALA H 98 -5.47 29.83 18.46
C ALA H 98 -5.84 31.00 19.36
N ASP H 99 -6.21 32.13 18.76
CA ASP H 99 -6.60 33.32 19.52
C ASP H 99 -7.80 34.04 18.89
N GLU H 100 -7.87 35.34 19.13
CA GLU H 100 -8.96 36.16 18.61
C GLU H 100 -8.79 36.44 17.13
N LYS H 101 -7.75 35.88 16.51
CA LYS H 101 -7.52 36.11 15.10
C LYS H 101 -7.16 34.87 14.27
N GLU H 102 -5.99 34.30 14.51
CA GLU H 102 -5.53 33.13 13.75
C GLU H 102 -5.38 31.87 14.60
N SER H 103 -4.92 30.79 13.96
CA SER H 103 -4.71 29.50 14.62
C SER H 103 -3.70 28.70 13.79
N LEU H 104 -2.66 28.17 14.43
CA LEU H 104 -1.67 27.41 13.68
C LEU H 104 -1.28 26.08 14.30
N ILE H 105 -0.88 25.14 13.45
CA ILE H 105 -0.45 23.82 13.90
C ILE H 105 1.08 23.80 13.89
N ILE H 106 1.66 23.45 15.05
CA ILE H 106 3.11 23.40 15.19
C ILE H 106 3.51 21.94 15.32
N THR H 107 4.78 21.65 15.11
CA THR H 107 5.25 20.28 15.22
C THR H 107 6.72 20.27 15.61
N GLY H 108 7.37 19.15 15.30
CA GLY H 108 8.79 18.99 15.58
C GLY H 108 9.39 18.26 14.40
N ILE H 109 8.73 17.19 13.98
CA ILE H 109 9.20 16.39 12.86
C ILE H 109 9.00 17.18 11.57
N GLY H 110 8.52 18.41 11.72
CA GLY H 110 8.28 19.25 10.56
C GLY H 110 8.25 20.73 10.89
N ASP H 111 7.50 21.47 10.09
CA ASP H 111 7.39 22.92 10.28
C ASP H 111 5.95 23.33 10.58
N VAL H 112 5.79 24.55 11.11
CA VAL H 112 4.48 25.07 11.44
C VAL H 112 3.61 25.06 10.17
N VAL H 113 2.30 25.07 10.36
CA VAL H 113 1.36 25.07 9.25
C VAL H 113 0.06 25.78 9.63
N GLN H 114 -0.41 26.64 8.74
CA GLN H 114 -1.64 27.40 8.96
C GLN H 114 -2.82 26.68 8.34
N PRO H 115 -4.05 27.11 8.70
CA PRO H 115 -5.25 26.47 8.13
C PRO H 115 -5.49 26.96 6.71
N GLU H 116 -6.67 26.65 6.18
CA GLU H 116 -7.05 27.10 4.85
C GLU H 116 -8.27 28.00 5.04
N GLU H 117 -8.63 28.77 4.00
CA GLU H 117 -9.76 29.70 4.07
C GLU H 117 -11.00 29.17 4.78
N ASP H 118 -11.10 27.84 4.90
CA ASP H 118 -12.23 27.21 5.57
C ASP H 118 -12.10 27.33 7.08
N GLN H 119 -10.86 27.52 7.56
CA GLN H 119 -10.60 27.67 8.98
C GLN H 119 -10.99 26.48 9.85
N ILE H 120 -10.10 25.48 9.91
CA ILE H 120 -10.25 24.26 10.70
C ILE H 120 -8.90 23.57 10.82
N LEU H 121 -8.57 23.05 12.02
CA LEU H 121 -7.31 22.36 12.21
C LEU H 121 -7.37 21.29 13.29
N ALA H 122 -6.90 20.09 12.95
CA ALA H 122 -6.91 18.98 13.91
C ALA H 122 -5.64 18.16 13.91
N ILE H 123 -5.48 17.34 14.95
CA ILE H 123 -4.31 16.47 15.09
C ILE H 123 -4.58 15.25 15.96
N GLY H 124 -3.63 14.32 15.94
CA GLY H 124 -3.76 13.11 16.71
C GLY H 124 -4.09 11.98 15.75
N SER H 125 -4.02 10.75 16.23
CA SER H 125 -4.33 9.60 15.38
C SER H 125 -5.76 9.66 14.87
N GLY H 126 -6.50 10.69 15.27
CA GLY H 126 -7.87 10.80 14.82
C GLY H 126 -8.23 12.15 14.24
N GLY H 127 -7.24 13.01 14.12
CA GLY H 127 -7.50 14.33 13.57
C GLY H 127 -8.26 14.25 12.26
N ASN H 128 -7.60 13.70 11.24
CA ASN H 128 -8.20 13.56 9.92
C ASN H 128 -9.69 13.21 9.97
N TYR H 129 -10.12 12.43 10.95
CA TYR H 129 -11.54 12.08 11.04
C TYR H 129 -12.31 13.34 11.42
N ALA H 130 -11.91 13.95 12.53
CA ALA H 130 -12.55 15.16 13.02
C ALA H 130 -12.47 16.23 11.95
N LEU H 131 -11.32 16.28 11.28
CA LEU H 131 -11.10 17.23 10.22
C LEU H 131 -12.04 16.93 9.08
N SER H 132 -12.31 15.64 8.87
CA SER H 132 -13.21 15.21 7.79
C SER H 132 -14.66 15.51 8.12
N ALA H 133 -15.02 15.39 9.38
CA ALA H 133 -16.39 15.67 9.80
C ALA H 133 -16.60 17.18 9.81
N ALA H 134 -15.77 17.89 10.57
CA ALA H 134 -15.88 19.35 10.65
C ALA H 134 -16.05 19.97 9.26
N ARG H 135 -15.04 19.83 8.40
CA ARG H 135 -15.11 20.39 7.05
C ARG H 135 -16.46 20.06 6.44
N ALA H 136 -17.06 18.96 6.90
CA ALA H 136 -18.37 18.56 6.40
C ALA H 136 -19.41 19.47 7.03
N LEU H 137 -19.35 19.63 8.35
CA LEU H 137 -20.32 20.49 9.02
C LEU H 137 -20.22 21.93 8.53
N VAL H 138 -19.08 22.57 8.74
CA VAL H 138 -18.92 23.96 8.28
C VAL H 138 -19.36 24.12 6.84
N GLU H 139 -18.58 23.59 5.91
CA GLU H 139 -18.90 23.68 4.49
C GLU H 139 -20.39 23.48 4.15
N ASN H 140 -21.15 22.94 5.10
CA ASN H 140 -22.58 22.72 4.90
C ASN H 140 -23.48 23.39 5.95
N THR H 141 -23.99 22.59 6.88
CA THR H 141 -24.89 23.05 7.93
C THR H 141 -24.40 24.26 8.71
N GLU H 142 -25.33 25.18 9.02
CA GLU H 142 -25.02 26.38 9.79
C GLU H 142 -25.00 26.04 11.28
N LEU H 143 -23.93 25.40 11.73
CA LEU H 143 -23.82 25.02 13.13
C LEU H 143 -22.85 25.84 13.97
N SER H 144 -23.11 25.84 15.28
CA SER H 144 -22.32 26.55 16.27
C SER H 144 -20.84 26.25 16.15
N ALA H 145 -20.04 27.30 16.02
CA ALA H 145 -18.59 27.14 15.92
C ALA H 145 -18.18 26.20 17.03
N HIS H 146 -18.95 26.19 18.12
CA HIS H 146 -18.66 25.32 19.23
C HIS H 146 -19.13 23.92 18.89
N GLU H 147 -20.41 23.64 19.15
CA GLU H 147 -21.02 22.34 18.90
C GLU H 147 -20.37 21.47 17.81
N ILE H 148 -19.85 22.09 16.76
CA ILE H 148 -19.20 21.33 15.71
C ILE H 148 -18.11 20.44 16.33
N VAL H 149 -17.24 21.05 17.11
CA VAL H 149 -16.16 20.32 17.79
C VAL H 149 -16.80 19.21 18.61
N GLU H 150 -17.86 19.57 19.33
CA GLU H 150 -18.61 18.63 20.17
C GLU H 150 -19.19 17.54 19.28
N LYS H 151 -19.08 17.72 17.96
CA LYS H 151 -19.62 16.75 17.01
C LYS H 151 -18.52 15.97 16.28
N SER H 152 -17.55 16.67 15.72
CA SER H 152 -16.46 15.99 15.03
C SER H 152 -15.86 14.98 16.01
N LEU H 153 -15.49 15.47 17.19
CA LEU H 153 -14.93 14.61 18.22
C LEU H 153 -15.74 13.33 18.33
N ARG H 154 -17.03 13.47 18.63
CA ARG H 154 -17.92 12.32 18.78
C ARG H 154 -17.76 11.33 17.62
N ILE H 155 -17.40 11.83 16.44
CA ILE H 155 -17.21 10.96 15.28
C ILE H 155 -15.78 10.44 15.27
N ALA H 156 -14.84 11.37 15.18
CA ALA H 156 -13.41 11.04 15.17
C ALA H 156 -13.04 10.39 16.49
N GLY H 157 -14.01 9.81 17.15
CA GLY H 157 -13.75 9.15 18.41
C GLY H 157 -14.25 7.74 18.33
N ASP H 158 -15.46 7.58 17.81
CA ASP H 158 -16.04 6.27 17.68
C ASP H 158 -15.31 5.48 16.62
N ILE H 159 -14.58 6.17 15.75
CA ILE H 159 -13.83 5.48 14.70
C ILE H 159 -12.46 5.05 15.20
N CYS H 160 -11.80 5.91 15.96
CA CYS H 160 -10.49 5.61 16.53
C CYS H 160 -10.59 4.82 17.81
N VAL H 161 -9.77 3.79 17.94
CA VAL H 161 -9.75 2.98 19.15
C VAL H 161 -8.88 3.71 20.16
N PHE H 162 -8.47 4.91 19.81
CA PHE H 162 -7.65 5.73 20.68
C PHE H 162 -8.30 7.05 21.03
N THR H 163 -9.54 7.26 20.61
CA THR H 163 -10.23 8.51 20.93
C THR H 163 -11.61 8.25 21.55
N ASN H 164 -11.68 8.36 22.87
CA ASN H 164 -12.92 8.12 23.61
C ASN H 164 -13.96 9.23 23.41
N THR H 165 -15.04 9.16 24.17
CA THR H 165 -16.12 10.14 24.09
C THR H 165 -16.12 11.19 25.20
N ASN H 166 -15.17 11.09 26.12
CA ASN H 166 -15.08 12.08 27.19
C ASN H 166 -14.23 13.22 26.68
N PHE H 167 -14.87 14.34 26.40
CA PHE H 167 -14.17 15.50 25.86
C PHE H 167 -13.80 16.53 26.92
N THR H 168 -13.39 17.70 26.44
CA THR H 168 -13.01 18.86 27.25
C THR H 168 -12.81 19.98 26.26
N ILE H 169 -13.70 20.97 26.26
CA ILE H 169 -13.62 22.07 25.31
C ILE H 169 -13.46 23.45 25.96
N GLU H 170 -12.75 24.33 25.28
CA GLU H 170 -12.49 25.68 25.77
C GLU H 170 -12.73 26.72 24.69
N GLU H 171 -13.67 27.63 24.91
CA GLU H 171 -13.95 28.68 23.94
C GLU H 171 -13.06 29.89 24.22
N LEU H 172 -13.41 31.04 23.65
CA LEU H 172 -12.62 32.25 23.86
C LEU H 172 -13.45 33.53 23.72
N PRO H 173 -14.04 33.76 22.53
CA PRO H 173 -14.85 34.97 22.33
C PRO H 173 -15.91 35.17 23.42
N ASN H 174 -16.69 34.23 23.67
N THR I 1 5.72 -8.25 37.18
CA THR I 1 5.62 -7.21 38.23
C THR I 1 4.16 -6.77 38.35
N THR I 2 3.81 -6.19 39.49
CA THR I 2 2.45 -5.72 39.73
C THR I 2 2.37 -4.79 40.93
N ILE I 3 1.98 -3.55 40.68
CA ILE I 3 1.84 -2.56 41.74
C ILE I 3 0.43 -2.04 41.67
N VAL I 4 -0.36 -2.25 42.72
CA VAL I 4 -1.74 -1.77 42.74
C VAL I 4 -2.02 -0.89 43.95
N SER I 5 -2.88 0.10 43.77
CA SER I 5 -3.23 1.02 44.85
C SER I 5 -4.70 1.41 44.86
N VAL I 6 -5.32 1.36 46.03
CA VAL I 6 -6.71 1.71 46.18
C VAL I 6 -6.92 2.53 47.44
N ARG I 7 -7.93 3.39 47.40
CA ARG I 7 -8.29 4.26 48.52
C ARG I 7 -9.77 4.07 48.83
N ARG I 8 -10.09 3.84 50.10
CA ARG I 8 -11.49 3.65 50.47
C ARG I 8 -11.75 3.82 51.96
N ASN I 9 -12.98 4.20 52.29
CA ASN I 9 -13.43 4.42 53.66
C ASN I 9 -12.36 4.84 54.67
N GLY I 10 -11.58 5.85 54.30
CA GLY I 10 -10.54 6.36 55.19
C GLY I 10 -9.20 5.67 55.24
N GLN I 11 -8.55 5.53 54.09
CA GLN I 11 -7.23 4.89 54.04
C GLN I 11 -6.49 5.20 52.75
N VAL I 12 -5.58 4.29 52.39
CA VAL I 12 -4.76 4.40 51.20
C VAL I 12 -3.71 3.30 51.29
N VAL I 13 -4.04 2.14 50.72
CA VAL I 13 -3.17 0.96 50.74
C VAL I 13 -2.44 0.79 49.43
N VAL I 14 -1.13 0.57 49.50
CA VAL I 14 -0.35 0.38 48.30
C VAL I 14 0.55 -0.84 48.41
N GLY I 15 0.21 -1.90 47.67
CA GLY I 15 0.98 -3.12 47.72
C GLY I 15 1.50 -3.61 46.39
N GLY I 16 2.57 -4.40 46.45
CA GLY I 16 3.18 -4.96 45.27
C GLY I 16 3.68 -6.36 45.51
N ASP I 17 3.97 -7.09 44.43
CA ASP I 17 4.46 -8.44 44.53
C ASP I 17 5.96 -8.39 44.34
N GLY I 18 6.64 -9.49 44.66
CA GLY I 18 8.07 -9.53 44.49
C GLY I 18 8.46 -10.06 43.12
N GLN I 19 9.26 -11.11 43.12
CA GLN I 19 9.74 -11.73 41.90
C GLN I 19 10.45 -10.79 40.94
N VAL I 20 11.78 -10.82 41.01
CA VAL I 20 12.63 -10.03 40.12
C VAL I 20 12.88 -10.94 38.95
N SER I 21 13.02 -10.40 37.75
CA SER I 21 13.25 -11.27 36.61
C SER I 21 14.37 -10.91 35.64
N LEU I 22 14.57 -11.83 34.69
CA LEU I 22 15.59 -11.70 33.66
C LEU I 22 15.26 -12.75 32.60
N GLY I 23 14.71 -12.28 31.48
CA GLY I 23 14.35 -13.20 30.42
C GLY I 23 13.12 -14.00 30.82
N ASN I 24 13.36 -15.13 31.50
CA ASN I 24 12.26 -15.99 31.94
C ASN I 24 12.59 -16.71 33.24
N THR I 25 13.73 -16.39 33.81
CA THR I 25 14.13 -17.02 35.06
C THR I 25 13.88 -15.99 36.15
N VAL I 26 13.84 -16.45 37.40
CA VAL I 26 13.62 -15.57 38.53
C VAL I 26 14.94 -15.29 39.25
N MET I 27 15.21 -14.02 39.55
CA MET I 27 16.43 -13.63 40.25
C MET I 27 16.18 -13.67 41.74
N LYS I 28 15.10 -13.03 42.14
CA LYS I 28 14.70 -12.96 43.53
C LYS I 28 13.20 -13.20 43.62
N GLY I 29 12.77 -13.74 44.75
CA GLY I 29 11.36 -14.02 44.94
C GLY I 29 10.70 -13.11 45.96
N ASN I 30 11.41 -12.83 47.05
CA ASN I 30 10.90 -11.96 48.11
C ASN I 30 11.46 -10.54 48.03
N ALA I 31 11.07 -9.82 46.98
CA ALA I 31 11.53 -8.45 46.77
C ALA I 31 10.51 -7.39 47.16
N ARG I 32 11.01 -6.30 47.73
CA ARG I 32 10.19 -5.18 48.16
C ARG I 32 10.13 -4.14 47.04
N LYS I 33 8.92 -3.86 46.57
CA LYS I 33 8.72 -2.88 45.50
C LYS I 33 7.98 -1.64 45.99
N VAL I 34 7.75 -1.58 47.31
CA VAL I 34 7.07 -0.45 47.92
C VAL I 34 7.84 0.05 49.13
N ARG I 35 8.10 1.36 49.17
CA ARG I 35 8.81 1.96 50.28
C ARG I 35 8.04 3.17 50.79
N ARG I 36 8.55 3.81 51.84
CA ARG I 36 7.91 4.99 52.41
C ARG I 36 8.78 6.22 52.20
N LEU I 37 8.15 7.35 51.96
CA LEU I 37 8.90 8.60 51.78
C LEU I 37 8.29 9.67 52.68
N TYR I 38 9.04 10.75 52.93
CA TYR I 38 8.55 11.83 53.78
C TYR I 38 8.29 11.29 55.18
N ASN I 39 9.11 10.34 55.60
CA ASN I 39 8.99 9.71 56.92
C ASN I 39 7.80 8.75 56.99
N GLY I 40 6.59 9.29 56.87
CA GLY I 40 5.39 8.49 56.94
C GLY I 40 4.16 9.28 56.53
N LYS I 41 4.22 9.89 55.35
CA LYS I 41 3.14 10.69 54.82
C LYS I 41 2.79 10.25 53.39
N VAL I 42 3.79 9.76 52.66
CA VAL I 42 3.59 9.32 51.28
C VAL I 42 4.24 7.98 50.95
N LEU I 43 3.40 7.03 50.53
CA LEU I 43 3.84 5.68 50.16
C LEU I 43 4.23 5.64 48.69
N ALA I 44 5.31 4.91 48.37
CA ALA I 44 5.78 4.83 46.99
C ALA I 44 5.93 3.42 46.43
N GLY I 45 5.73 3.31 45.13
CA GLY I 45 5.85 2.03 44.45
C GLY I 45 6.53 2.19 43.11
N PHE I 46 7.12 1.12 42.62
CA PHE I 46 7.81 1.17 41.34
C PHE I 46 7.83 -0.20 40.71
N ALA I 47 8.49 -0.25 39.56
CA ALA I 47 8.65 -1.47 38.80
C ALA I 47 10.01 -1.33 38.12
N GLY I 48 10.78 -2.41 38.09
CA GLY I 48 12.09 -2.35 37.49
C GLY I 48 13.18 -2.30 38.52
N GLY I 49 14.26 -1.58 38.22
CA GLY I 49 15.38 -1.49 39.13
C GLY I 49 15.14 -0.63 40.37
N THR I 50 15.34 -1.23 41.53
CA THR I 50 15.18 -0.50 42.78
C THR I 50 16.27 0.55 42.75
N ALA I 51 17.43 0.17 42.21
CA ALA I 51 18.56 1.07 42.07
C ALA I 51 18.31 1.97 40.89
N ASP I 52 17.04 2.08 40.51
CA ASP I 52 16.64 2.92 39.38
C ASP I 52 15.43 3.69 39.88
N ALA I 53 14.89 3.23 40.99
CA ALA I 53 13.74 3.90 41.61
C ALA I 53 14.32 4.65 42.81
N PHE I 54 15.49 4.20 43.25
CA PHE I 54 16.22 4.79 44.37
C PHE I 54 16.64 6.19 43.91
N THR I 55 16.94 6.31 42.62
CA THR I 55 17.35 7.57 42.01
C THR I 55 16.10 8.37 41.69
N LEU I 56 14.95 7.70 41.77
CA LEU I 56 13.67 8.34 41.49
C LEU I 56 13.04 8.80 42.81
N PHE I 57 12.94 7.89 43.77
CA PHE I 57 12.37 8.24 45.07
C PHE I 57 13.17 9.37 45.72
N GLU I 58 14.48 9.35 45.49
CA GLU I 58 15.36 10.38 46.05
C GLU I 58 15.17 11.67 45.23
N LEU I 59 15.45 11.60 43.93
CA LEU I 59 15.30 12.77 43.05
C LEU I 59 13.82 13.13 42.97
N PHE I 60 13.15 13.07 44.12
CA PHE I 60 11.74 13.38 44.23
C PHE I 60 11.45 13.77 45.68
N GLU I 61 12.37 13.40 46.57
CA GLU I 61 12.25 13.76 47.98
C GLU I 61 12.50 15.26 47.98
N ARG I 62 13.62 15.64 47.38
CA ARG I 62 14.04 17.02 47.28
C ARG I 62 12.99 17.86 46.55
N LYS I 63 11.96 17.20 46.05
CA LYS I 63 10.88 17.87 45.34
C LYS I 63 9.85 18.50 46.28
N LEU I 64 9.33 17.69 47.20
CA LEU I 64 8.34 18.15 48.16
C LEU I 64 8.87 19.24 49.09
N GLU I 65 10.08 19.06 49.62
CA GLU I 65 10.68 20.04 50.52
C GLU I 65 10.62 21.45 49.94
N MET I 66 10.71 21.54 48.60
CA MET I 66 10.63 22.83 47.93
C MET I 66 9.26 23.01 47.30
N HIS I 67 8.26 22.37 47.91
CA HIS I 67 6.88 22.45 47.43
C HIS I 67 5.91 22.28 48.59
N GLN I 68 6.44 22.43 49.80
CA GLN I 68 5.67 22.31 51.03
C GLN I 68 5.14 20.90 51.28
N GLY I 69 4.43 20.35 50.31
CA GLY I 69 3.88 19.01 50.46
C GLY I 69 2.81 18.66 49.45
N HIS I 70 2.73 19.45 48.37
CA HIS I 70 1.74 19.20 47.33
C HIS I 70 2.18 18.05 46.42
N LEU I 71 1.73 16.84 46.76
CA LEU I 71 2.05 15.64 46.01
C LEU I 71 1.84 15.84 44.52
N LEU I 72 0.68 16.37 44.16
CA LEU I 72 0.30 16.63 42.77
C LEU I 72 1.20 17.64 42.08
N LYS I 73 1.59 18.70 42.78
CA LYS I 73 2.47 19.71 42.21
C LYS I 73 3.85 19.10 42.13
N SER I 74 4.21 18.34 43.15
CA SER I 74 5.51 17.68 43.19
C SER I 74 5.52 16.51 42.23
N ALA I 75 4.35 16.20 41.68
CA ALA I 75 4.21 15.10 40.75
C ALA I 75 4.64 15.51 39.36
N VAL I 76 3.80 16.31 38.70
CA VAL I 76 4.08 16.77 37.35
C VAL I 76 5.53 17.19 37.20
N GLU I 77 6.10 17.72 38.27
CA GLU I 77 7.49 18.17 38.25
C GLU I 77 8.49 17.05 38.02
N LEU I 78 8.54 16.07 38.93
CA LEU I 78 9.47 14.96 38.77
C LEU I 78 9.34 14.42 37.36
N ALA I 79 8.11 14.34 36.87
CA ALA I 79 7.85 13.86 35.52
C ALA I 79 8.51 14.85 34.57
N LYS I 80 8.21 16.13 34.77
CA LYS I 80 8.80 17.17 33.96
C LYS I 80 10.30 16.90 33.94
N ASP I 81 10.90 16.91 35.13
CA ASP I 81 12.34 16.66 35.27
C ASP I 81 12.76 15.38 34.55
N TRP I 82 11.91 14.37 34.62
CA TRP I 82 12.21 13.09 33.98
C TRP I 82 12.59 13.29 32.52
N ARG I 83 11.62 13.12 31.63
CA ARG I 83 11.83 13.24 30.19
C ARG I 83 12.67 14.45 29.76
N THR I 84 12.77 15.46 30.61
CA THR I 84 13.54 16.64 30.28
C THR I 84 15.05 16.41 30.34
N ASP I 85 15.49 15.78 31.42
CA ASP I 85 16.91 15.48 31.64
C ASP I 85 17.37 14.24 30.88
N ARG I 86 18.57 14.29 30.31
CA ARG I 86 19.11 13.17 29.53
C ARG I 86 19.78 12.11 30.40
N ALA I 87 19.78 12.34 31.71
CA ALA I 87 20.37 11.39 32.66
C ALA I 87 19.25 10.66 33.37
N LEU I 88 18.05 10.79 32.83
CA LEU I 88 16.87 10.14 33.40
C LEU I 88 16.04 9.43 32.33
N ARG I 89 16.19 9.84 31.07
CA ARG I 89 15.44 9.21 30.00
C ARG I 89 16.00 7.82 29.68
N LYS I 90 17.20 7.55 30.16
CA LYS I 90 17.84 6.24 29.94
C LYS I 90 17.44 5.26 31.03
N LEU I 91 16.49 5.70 31.85
CA LEU I 91 15.96 4.89 32.94
C LEU I 91 14.46 4.83 32.71
N GLU I 92 13.92 3.62 32.53
CA GLU I 92 12.49 3.50 32.29
C GLU I 92 11.76 2.69 33.35
N ALA I 93 10.50 3.03 33.56
CA ALA I 93 9.63 2.38 34.53
C ALA I 93 8.29 3.11 34.70
N MET I 94 7.75 3.04 35.91
CA MET I 94 6.50 3.70 36.28
C MET I 94 6.51 3.80 37.80
N LEU I 95 5.92 4.85 38.34
CA LEU I 95 5.90 5.02 39.78
C LEU I 95 4.50 5.19 40.37
N ILE I 96 4.37 4.81 41.63
CA ILE I 96 3.12 4.96 42.36
C ILE I 96 3.38 5.62 43.71
N VAL I 97 3.00 6.89 43.82
CA VAL I 97 3.16 7.67 45.03
C VAL I 97 1.80 7.96 45.64
N ALA I 98 1.72 7.95 46.97
CA ALA I 98 0.44 8.19 47.63
C ALA I 98 0.51 8.77 49.05
N ASP I 99 -0.25 9.85 49.28
CA ASP I 99 -0.33 10.47 50.60
C ASP I 99 -1.78 10.41 51.07
N GLU I 100 -2.05 10.98 52.24
CA GLU I 100 -3.39 10.96 52.85
C GLU I 100 -4.48 11.69 52.07
N LYS I 101 -4.11 12.48 51.07
CA LYS I 101 -5.09 13.25 50.30
C LYS I 101 -5.31 12.73 48.86
N GLU I 102 -4.25 12.22 48.25
CA GLU I 102 -4.32 11.72 46.88
C GLU I 102 -3.22 10.71 46.53
N SER I 103 -3.20 10.29 45.27
CA SER I 103 -2.22 9.33 44.75
C SER I 103 -2.20 9.38 43.22
N LEU I 104 -1.13 9.90 42.64
CA LEU I 104 -1.03 10.00 41.19
C LEU I 104 0.09 9.11 40.67
N ILE I 105 -0.07 8.59 39.46
CA ILE I 105 0.94 7.72 38.85
C ILE I 105 1.95 8.54 38.05
N ILE I 106 3.22 8.41 38.40
CA ILE I 106 4.30 9.14 37.72
C ILE I 106 4.96 8.19 36.75
N THR I 107 5.43 8.70 35.61
CA THR I 107 6.10 7.85 34.63
C THR I 107 7.15 8.59 33.80
N GLY I 108 8.06 7.83 33.22
CA GLY I 108 9.11 8.41 32.40
C GLY I 108 8.63 8.65 30.98
N ILE I 109 7.59 7.94 30.59
CA ILE I 109 7.03 8.09 29.26
C ILE I 109 6.30 9.43 29.20
N GLY I 110 6.73 10.34 30.05
CA GLY I 110 6.16 11.68 30.10
C GLY I 110 4.67 11.82 30.36
N ASP I 111 4.27 11.70 31.62
CA ASP I 111 2.87 11.85 32.01
C ASP I 111 2.57 11.47 33.45
N VAL I 112 1.40 11.89 33.93
CA VAL I 112 0.95 11.62 35.29
C VAL I 112 -0.40 10.94 35.17
N VAL I 113 -0.93 10.45 36.28
CA VAL I 113 -2.21 9.78 36.21
C VAL I 113 -3.16 9.98 37.39
N GLN I 114 -4.15 10.85 37.21
CA GLN I 114 -5.14 11.11 38.24
C GLN I 114 -6.34 10.20 37.98
N PRO I 115 -6.58 9.24 38.89
CA PRO I 115 -7.69 8.27 38.82
C PRO I 115 -9.10 8.85 38.61
N GLU I 116 -10.11 8.06 38.96
CA GLU I 116 -11.50 8.48 38.84
C GLU I 116 -12.20 8.16 40.17
N GLU I 117 -13.51 8.45 40.26
CA GLU I 117 -14.28 8.20 41.49
C GLU I 117 -13.82 6.98 42.29
N ASP I 118 -13.32 5.99 41.57
CA ASP I 118 -12.86 4.74 42.18
C ASP I 118 -11.64 4.95 43.08
N GLN I 119 -10.77 5.87 42.70
CA GLN I 119 -9.54 6.12 43.44
C GLN I 119 -8.78 4.81 43.52
N ILE I 120 -8.32 4.36 42.35
CA ILE I 120 -7.56 3.11 42.20
C ILE I 120 -6.46 3.29 41.17
N LEU I 121 -5.35 2.58 41.35
CA LEU I 121 -4.22 2.65 40.44
C LEU I 121 -3.40 1.37 40.33
N ALA I 122 -2.69 1.22 39.21
CA ALA I 122 -1.87 0.03 38.99
C ALA I 122 -0.86 0.14 37.85
N ILE I 123 0.30 -0.48 38.04
CA ILE I 123 1.35 -0.47 37.04
C ILE I 123 2.02 -1.85 37.06
N GLY I 124 2.84 -2.12 36.07
CA GLY I 124 3.53 -3.40 36.00
C GLY I 124 2.87 -4.37 35.04
N SER I 125 3.67 -5.25 34.45
CA SER I 125 3.13 -6.22 33.50
C SER I 125 1.83 -6.80 34.02
N GLY I 126 1.68 -6.84 35.34
CA GLY I 126 0.46 -7.37 35.93
C GLY I 126 -0.61 -6.29 36.01
N GLY I 127 -0.21 -5.14 36.54
CA GLY I 127 -1.12 -4.01 36.68
C GLY I 127 -2.58 -4.26 36.35
N ASN I 128 -2.92 -4.04 35.08
CA ASN I 128 -4.29 -4.20 34.61
C ASN I 128 -5.09 -5.38 35.17
N TYR I 129 -4.44 -6.52 35.44
CA TYR I 129 -5.20 -7.64 36.00
C TYR I 129 -5.68 -7.21 37.40
N ALA I 130 -4.72 -6.77 38.22
CA ALA I 130 -5.00 -6.32 39.56
C ALA I 130 -6.00 -5.17 39.52
N LEU I 131 -5.80 -4.26 38.56
CA LEU I 131 -6.70 -3.14 38.39
C LEU I 131 -8.11 -3.63 38.17
N SER I 132 -8.27 -4.60 37.28
CA SER I 132 -9.57 -5.17 36.94
C SER I 132 -10.24 -5.74 38.18
N ALA I 133 -9.45 -6.41 39.00
CA ALA I 133 -9.92 -7.01 40.24
C ALA I 133 -10.43 -5.95 41.19
N ALA I 134 -9.56 -5.01 41.56
CA ALA I 134 -9.93 -3.94 42.47
C ALA I 134 -11.34 -3.43 42.16
N ARG I 135 -11.46 -2.64 41.09
CA ARG I 135 -12.74 -2.07 40.67
C ARG I 135 -13.86 -3.09 40.82
N ALA I 136 -13.55 -4.36 40.59
CA ALA I 136 -14.55 -5.40 40.72
C ALA I 136 -15.08 -5.38 42.15
N LEU I 137 -14.20 -5.53 43.12
CA LEU I 137 -14.64 -5.52 44.50
C LEU I 137 -15.32 -4.20 44.87
N VAL I 138 -14.57 -3.11 44.92
CA VAL I 138 -15.12 -1.80 45.28
C VAL I 138 -16.50 -1.55 44.69
N GLU I 139 -16.59 -1.57 43.36
CA GLU I 139 -17.85 -1.34 42.67
C GLU I 139 -18.98 -2.24 43.20
N ASN I 140 -18.62 -3.23 44.01
CA ASN I 140 -19.60 -4.14 44.59
C ASN I 140 -19.39 -4.37 46.08
N THR I 141 -18.48 -5.28 46.44
CA THR I 141 -18.20 -5.59 47.84
C THR I 141 -17.75 -4.40 48.69
N GLU I 142 -17.98 -4.49 50.00
CA GLU I 142 -17.62 -3.42 50.93
C GLU I 142 -16.22 -3.56 51.52
N LEU I 143 -15.56 -4.68 51.21
CA LEU I 143 -14.21 -4.95 51.72
C LEU I 143 -13.33 -3.71 51.90
N SER I 144 -12.44 -3.76 52.88
CA SER I 144 -11.54 -2.65 53.16
C SER I 144 -10.65 -2.33 51.97
N ALA I 145 -9.77 -1.36 52.14
CA ALA I 145 -8.85 -0.99 51.08
C ALA I 145 -7.77 -2.07 51.06
N HIS I 146 -7.21 -2.34 52.23
CA HIS I 146 -6.18 -3.36 52.35
C HIS I 146 -6.68 -4.69 51.82
N GLU I 147 -7.77 -5.19 52.40
CA GLU I 147 -8.34 -6.46 51.96
C GLU I 147 -8.34 -6.53 50.43
N ILE I 148 -8.77 -5.44 49.80
CA ILE I 148 -8.83 -5.37 48.35
C ILE I 148 -7.48 -5.45 47.65
N VAL I 149 -6.60 -4.50 47.94
CA VAL I 149 -5.29 -4.49 47.31
C VAL I 149 -4.53 -5.78 47.61
N GLU I 150 -5.13 -6.63 48.43
CA GLU I 150 -4.52 -7.91 48.76
C GLU I 150 -5.02 -8.90 47.71
N LYS I 151 -6.30 -9.24 47.81
CA LYS I 151 -6.94 -10.17 46.87
C LYS I 151 -6.63 -9.84 45.41
N SER I 152 -6.39 -8.55 45.13
CA SER I 152 -6.09 -8.13 43.76
C SER I 152 -4.73 -8.63 43.29
N LEU I 153 -3.71 -8.46 44.11
CA LEU I 153 -2.37 -8.92 43.77
C LEU I 153 -2.42 -10.43 43.49
N ARG I 154 -3.14 -11.16 44.34
CA ARG I 154 -3.28 -12.60 44.18
C ARG I 154 -3.74 -12.90 42.76
N ILE I 155 -4.90 -12.36 42.40
CA ILE I 155 -5.49 -12.55 41.08
C ILE I 155 -4.47 -12.29 39.98
N ALA I 156 -3.63 -11.29 40.21
CA ALA I 156 -2.58 -10.91 39.25
C ALA I 156 -1.57 -12.04 39.12
N GLY I 157 -0.71 -12.17 40.12
CA GLY I 157 0.30 -13.21 40.06
C GLY I 157 -0.14 -14.55 39.48
N ASP I 158 -1.43 -14.86 39.58
CA ASP I 158 -1.91 -16.12 39.05
C ASP I 158 -2.24 -16.06 37.56
N ILE I 159 -2.38 -14.85 37.05
CA ILE I 159 -2.66 -14.70 35.63
C ILE I 159 -1.35 -14.32 34.97
N CYS I 160 -0.47 -13.68 35.74
CA CYS I 160 0.84 -13.25 35.24
C CYS I 160 2.00 -14.20 35.58
N VAL I 161 2.98 -14.26 34.70
CA VAL I 161 4.14 -15.13 34.88
C VAL I 161 5.28 -14.34 35.50
N PHE I 162 5.13 -13.03 35.51
CA PHE I 162 6.13 -12.14 36.08
C PHE I 162 5.72 -11.64 37.45
N THR I 163 4.63 -12.20 37.97
CA THR I 163 4.09 -11.79 39.27
C THR I 163 3.82 -13.02 40.14
N ASN I 164 4.38 -13.01 41.36
CA ASN I 164 4.22 -14.12 42.30
C ASN I 164 3.23 -13.86 43.42
N THR I 165 3.23 -14.73 44.43
CA THR I 165 2.33 -14.60 45.57
C THR I 165 2.96 -13.86 46.74
N ASN I 166 4.28 -13.75 46.73
CA ASN I 166 4.98 -13.05 47.79
C ASN I 166 4.65 -11.56 47.64
N PHE I 167 3.97 -10.99 48.62
CA PHE I 167 3.57 -9.58 48.58
C PHE I 167 4.21 -8.70 49.65
N THR I 168 3.89 -7.41 49.60
CA THR I 168 4.38 -6.40 50.56
C THR I 168 3.35 -5.28 50.56
N ILE I 169 2.51 -5.25 51.60
CA ILE I 169 1.48 -4.23 51.66
C ILE I 169 1.77 -3.08 52.62
N GLU I 170 1.22 -1.90 52.30
CA GLU I 170 1.39 -0.70 53.11
C GLU I 170 0.11 0.15 53.16
N GLU I 171 -0.05 0.88 54.26
CA GLU I 171 -1.20 1.76 54.50
C GLU I 171 -0.66 3.12 54.95
N LEU I 172 -1.54 4.03 55.38
CA LEU I 172 -1.07 5.34 55.87
C LEU I 172 -1.46 5.68 57.30
N PRO I 173 -2.77 5.72 57.62
CA PRO I 173 -3.17 6.06 58.99
C PRO I 173 -2.60 5.09 60.04
N ASN I 174 -2.90 5.28 61.23
#